data_2LC6
#
_entry.id   2LC6
#
_entity_poly.entity_id   1
_entity_poly.type   'polypeptide(L)'
_entity_poly.pdbx_seq_one_letter_code
;GSKTKAPSISIPHDFRCVSAIIDVDIVPETHRRVRLCKHGSDKPLGFYIRDGTSVRVTASGLEKQPGIFISRLVPGGLAE
STGLLAVNDEVIEVNGIEVAGKTLDQVTDMMVANSSNLIITVKPANQR
;
_entity_poly.pdbx_strand_id   A
#
# COMPACT_ATOMS: atom_id res chain seq x y z
N GLY A 1 -2.08 -20.22 1.32
CA GLY A 1 -3.42 -19.69 1.58
C GLY A 1 -3.35 -18.23 1.88
N SER A 2 -4.36 -17.49 1.49
CA SER A 2 -4.35 -16.07 1.69
C SER A 2 -5.13 -15.70 2.94
N LYS A 3 -4.41 -15.34 3.99
CA LYS A 3 -5.04 -14.86 5.19
C LYS A 3 -4.63 -13.46 5.51
N THR A 4 -5.34 -12.56 4.89
CA THR A 4 -5.11 -11.17 5.02
C THR A 4 -6.07 -10.61 6.06
N LYS A 5 -5.63 -9.63 6.78
CA LYS A 5 -6.46 -9.01 7.75
C LYS A 5 -6.96 -7.72 7.16
N ALA A 6 -8.02 -7.82 6.41
CA ALA A 6 -8.54 -6.67 5.70
C ALA A 6 -9.87 -6.24 6.29
N PRO A 7 -9.90 -5.03 6.86
CA PRO A 7 -11.14 -4.48 7.41
C PRO A 7 -12.13 -4.15 6.29
N SER A 8 -13.37 -4.53 6.47
CA SER A 8 -14.36 -4.22 5.48
C SER A 8 -14.79 -2.76 5.58
N ILE A 9 -14.07 -1.92 4.89
CA ILE A 9 -14.28 -0.51 4.91
C ILE A 9 -15.36 -0.09 3.93
N SER A 10 -16.45 0.36 4.44
CA SER A 10 -17.51 0.88 3.64
C SER A 10 -17.29 2.37 3.55
N ILE A 11 -17.08 2.87 2.35
CA ILE A 11 -16.77 4.27 2.21
C ILE A 11 -18.04 5.08 1.91
N PRO A 12 -18.26 6.16 2.64
CA PRO A 12 -19.35 7.06 2.41
C PRO A 12 -18.90 8.18 1.47
N HIS A 13 -19.80 9.03 1.09
CA HIS A 13 -19.43 10.15 0.26
C HIS A 13 -18.93 11.27 1.13
N ASP A 14 -17.66 11.19 1.40
CA ASP A 14 -16.98 12.14 2.25
C ASP A 14 -15.99 12.89 1.38
N PHE A 15 -15.88 14.18 1.60
CA PHE A 15 -15.06 15.01 0.72
C PHE A 15 -13.77 15.49 1.37
N ARG A 16 -13.37 14.84 2.44
CA ARG A 16 -12.09 15.17 3.05
C ARG A 16 -11.28 13.90 3.18
N CYS A 17 -10.09 13.89 2.66
CA CYS A 17 -9.30 12.70 2.69
C CYS A 17 -7.94 12.95 3.27
N VAL A 18 -7.45 11.98 3.99
CA VAL A 18 -6.10 11.94 4.52
C VAL A 18 -5.62 10.51 4.45
N SER A 19 -4.42 10.30 3.99
CA SER A 19 -3.90 8.99 4.00
C SER A 19 -3.40 8.69 5.39
N ALA A 20 -4.01 7.74 5.99
CA ALA A 20 -3.80 7.40 7.37
C ALA A 20 -3.29 6.00 7.47
N ILE A 21 -2.64 5.72 8.57
CA ILE A 21 -2.10 4.42 8.79
C ILE A 21 -3.14 3.64 9.53
N ILE A 22 -3.75 2.74 8.84
CA ILE A 22 -4.81 1.96 9.40
C ILE A 22 -4.29 0.61 9.83
N ASP A 23 -4.99 0.01 10.78
CA ASP A 23 -4.65 -1.29 11.37
C ASP A 23 -3.40 -1.20 12.21
N VAL A 24 -2.93 0.03 12.43
CA VAL A 24 -1.67 0.31 13.16
C VAL A 24 -1.68 -0.28 14.59
N ASP A 25 -2.85 -0.40 15.16
CA ASP A 25 -2.99 -0.93 16.51
C ASP A 25 -2.92 -2.44 16.51
N ILE A 26 -3.05 -3.03 15.34
CA ILE A 26 -3.06 -4.47 15.20
C ILE A 26 -1.79 -4.96 14.49
N VAL A 27 -1.55 -4.43 13.30
CA VAL A 27 -0.46 -4.84 12.49
C VAL A 27 0.90 -4.46 13.15
N PRO A 28 1.92 -5.32 13.03
CA PRO A 28 3.24 -5.05 13.55
C PRO A 28 3.94 -3.98 12.73
N GLU A 29 4.91 -3.33 13.35
CA GLU A 29 5.74 -2.27 12.76
C GLU A 29 6.48 -2.72 11.49
N THR A 30 6.45 -4.02 11.26
CA THR A 30 7.05 -4.62 10.12
C THR A 30 6.24 -4.33 8.85
N HIS A 31 4.99 -3.92 9.03
CA HIS A 31 4.13 -3.54 7.91
C HIS A 31 3.60 -2.14 8.10
N ARG A 32 3.41 -1.45 7.01
CA ARG A 32 2.90 -0.11 7.03
C ARG A 32 1.69 -0.05 6.09
N ARG A 33 0.61 0.50 6.57
CA ARG A 33 -0.59 0.63 5.75
C ARG A 33 -1.04 2.06 5.61
N VAL A 34 -1.16 2.51 4.40
CA VAL A 34 -1.73 3.82 4.13
C VAL A 34 -2.96 3.62 3.30
N ARG A 35 -3.99 4.33 3.63
CA ARG A 35 -5.21 4.23 2.87
C ARG A 35 -5.31 5.40 1.91
N LEU A 36 -5.48 5.07 0.66
CA LEU A 36 -5.53 6.05 -0.40
C LEU A 36 -7.00 6.43 -0.62
N CYS A 37 -7.28 7.70 -0.75
CA CYS A 37 -8.63 8.20 -0.91
C CYS A 37 -8.69 9.03 -2.19
N LYS A 38 -9.83 9.04 -2.84
CA LYS A 38 -10.01 9.79 -4.06
C LYS A 38 -10.25 11.25 -3.81
N HIS A 39 -9.71 12.04 -4.67
CA HIS A 39 -9.90 13.46 -4.65
C HIS A 39 -10.46 13.88 -5.96
N GLY A 40 -11.74 14.17 -5.99
CA GLY A 40 -12.39 14.57 -7.21
C GLY A 40 -12.51 13.42 -8.20
N SER A 41 -11.54 13.30 -9.06
CA SER A 41 -11.53 12.28 -10.09
C SER A 41 -10.43 11.29 -9.79
N ASP A 42 -10.44 10.18 -10.49
CA ASP A 42 -9.47 9.15 -10.26
C ASP A 42 -8.17 9.42 -10.96
N LYS A 43 -7.35 10.16 -10.29
CA LYS A 43 -5.97 10.34 -10.72
C LYS A 43 -5.15 9.12 -10.31
N PRO A 44 -4.09 8.79 -11.09
CA PRO A 44 -3.21 7.65 -10.79
C PRO A 44 -2.63 7.71 -9.38
N LEU A 45 -2.26 6.57 -8.85
CA LEU A 45 -1.72 6.50 -7.51
C LEU A 45 -0.33 7.16 -7.52
N GLY A 46 0.06 7.78 -6.42
CA GLY A 46 1.30 8.53 -6.40
C GLY A 46 2.53 7.69 -6.13
N PHE A 47 2.49 6.45 -6.51
CA PHE A 47 3.62 5.55 -6.41
C PHE A 47 3.64 4.64 -7.61
N TYR A 48 4.82 4.26 -8.03
CA TYR A 48 4.98 3.35 -9.14
C TYR A 48 5.57 2.08 -8.60
N ILE A 49 5.37 0.97 -9.26
CA ILE A 49 5.92 -0.29 -8.77
C ILE A 49 6.76 -1.00 -9.80
N ARG A 50 7.67 -1.78 -9.31
CA ARG A 50 8.57 -2.58 -10.11
C ARG A 50 8.58 -3.97 -9.53
N ASP A 51 9.31 -4.86 -10.13
CA ASP A 51 9.36 -6.22 -9.67
C ASP A 51 10.78 -6.56 -9.28
N GLY A 52 10.93 -7.61 -8.52
CA GLY A 52 12.21 -8.05 -8.10
C GLY A 52 12.06 -9.19 -7.13
N THR A 53 13.02 -9.39 -6.31
CA THR A 53 12.97 -10.44 -5.36
C THR A 53 13.23 -9.86 -3.98
N SER A 54 12.34 -10.09 -3.06
CA SER A 54 12.49 -9.55 -1.73
C SER A 54 12.93 -10.66 -0.78
N VAL A 55 13.62 -10.29 0.28
CA VAL A 55 14.08 -11.24 1.27
C VAL A 55 13.07 -11.31 2.39
N ARG A 56 12.54 -12.48 2.61
CA ARG A 56 11.56 -12.74 3.60
C ARG A 56 12.28 -13.54 4.70
N VAL A 57 12.22 -13.05 5.91
CA VAL A 57 12.90 -13.73 7.01
C VAL A 57 11.92 -14.63 7.73
N THR A 58 12.32 -15.85 7.93
CA THR A 58 11.53 -16.82 8.66
C THR A 58 12.40 -17.49 9.69
N ALA A 59 11.83 -18.40 10.45
CA ALA A 59 12.59 -19.17 11.42
C ALA A 59 13.45 -20.20 10.70
N SER A 60 13.12 -20.43 9.45
CA SER A 60 13.85 -21.34 8.62
C SER A 60 15.10 -20.65 8.08
N GLY A 61 15.05 -19.33 8.00
CA GLY A 61 16.18 -18.58 7.57
C GLY A 61 15.80 -17.50 6.60
N LEU A 62 16.65 -17.26 5.63
CA LEU A 62 16.42 -16.24 4.64
C LEU A 62 15.90 -16.84 3.38
N GLU A 63 14.72 -16.48 3.03
CA GLU A 63 14.12 -17.01 1.89
C GLU A 63 13.72 -15.89 0.94
N LYS A 64 13.80 -16.18 -0.33
CA LYS A 64 13.56 -15.18 -1.34
C LYS A 64 12.16 -15.33 -1.91
N GLN A 65 11.53 -14.22 -2.24
CA GLN A 65 10.18 -14.24 -2.77
C GLN A 65 10.07 -13.30 -3.95
N PRO A 66 9.17 -13.56 -4.92
CA PRO A 66 8.90 -12.62 -6.00
C PRO A 66 8.24 -11.39 -5.38
N GLY A 67 8.92 -10.27 -5.42
CA GLY A 67 8.45 -9.14 -4.72
C GLY A 67 8.14 -7.99 -5.61
N ILE A 68 7.20 -7.21 -5.19
CA ILE A 68 6.81 -6.04 -5.93
C ILE A 68 7.29 -4.86 -5.11
N PHE A 69 8.16 -4.08 -5.68
CA PHE A 69 8.77 -2.97 -4.96
C PHE A 69 8.25 -1.68 -5.51
N ILE A 70 8.26 -0.66 -4.72
CA ILE A 70 7.92 0.62 -5.22
C ILE A 70 9.10 1.13 -6.05
N SER A 71 8.83 1.63 -7.20
CA SER A 71 9.89 2.09 -8.06
C SER A 71 10.23 3.54 -7.70
N ARG A 72 9.21 4.39 -7.62
CA ARG A 72 9.40 5.79 -7.35
C ARG A 72 8.06 6.40 -6.95
N LEU A 73 8.11 7.48 -6.19
CA LEU A 73 6.90 8.18 -5.78
C LEU A 73 6.77 9.45 -6.56
N VAL A 74 5.56 9.83 -6.87
CA VAL A 74 5.35 11.06 -7.58
C VAL A 74 5.61 12.24 -6.62
N PRO A 75 6.41 13.22 -7.03
CA PRO A 75 6.68 14.41 -6.23
C PRO A 75 5.38 15.15 -5.94
N GLY A 76 5.09 15.39 -4.68
CA GLY A 76 3.86 16.04 -4.31
C GLY A 76 2.72 15.04 -4.26
N GLY A 77 3.08 13.77 -4.27
CA GLY A 77 2.11 12.72 -4.21
C GLY A 77 1.77 12.34 -2.81
N LEU A 78 0.62 11.71 -2.65
CA LEU A 78 0.06 11.32 -1.38
C LEU A 78 1.08 10.59 -0.47
N ALA A 79 1.80 9.63 -1.02
CA ALA A 79 2.75 8.84 -0.25
C ALA A 79 4.02 9.64 0.06
N GLU A 80 4.37 10.51 -0.88
CA GLU A 80 5.57 11.32 -0.78
C GLU A 80 5.36 12.44 0.23
N SER A 81 4.16 13.02 0.20
CA SER A 81 3.81 14.11 1.09
C SER A 81 3.69 13.65 2.55
N THR A 82 3.10 12.48 2.76
CA THR A 82 2.91 11.98 4.11
C THR A 82 4.23 11.59 4.76
N GLY A 83 5.16 11.09 3.96
CA GLY A 83 6.42 10.63 4.49
C GLY A 83 6.20 9.37 5.31
N LEU A 84 5.13 8.68 4.99
CA LEU A 84 4.75 7.45 5.67
C LEU A 84 5.11 6.28 4.81
N LEU A 85 5.63 6.57 3.65
CA LEU A 85 5.94 5.56 2.69
C LEU A 85 7.21 6.02 1.95
N ALA A 86 8.07 5.10 1.61
CA ALA A 86 9.29 5.41 0.91
C ALA A 86 9.37 4.64 -0.40
N VAL A 87 10.27 5.07 -1.27
CA VAL A 87 10.44 4.44 -2.58
C VAL A 87 10.97 2.99 -2.50
N ASN A 88 11.77 2.69 -1.50
CA ASN A 88 12.39 1.37 -1.40
C ASN A 88 11.44 0.29 -0.95
N ASP A 89 10.39 0.69 -0.26
CA ASP A 89 9.47 -0.25 0.37
C ASP A 89 8.81 -1.14 -0.64
N GLU A 90 8.75 -2.41 -0.35
CA GLU A 90 8.04 -3.31 -1.17
C GLU A 90 6.64 -3.54 -0.66
N VAL A 91 5.70 -3.60 -1.57
CA VAL A 91 4.31 -3.77 -1.25
C VAL A 91 4.04 -5.23 -0.87
N ILE A 92 3.29 -5.40 0.18
CA ILE A 92 2.92 -6.74 0.63
C ILE A 92 1.47 -7.04 0.24
N GLU A 93 0.59 -6.07 0.50
CA GLU A 93 -0.84 -6.25 0.25
C GLU A 93 -1.44 -5.01 -0.31
N VAL A 94 -2.43 -5.19 -1.12
CA VAL A 94 -3.19 -4.10 -1.69
C VAL A 94 -4.69 -4.37 -1.51
N ASN A 95 -5.32 -3.64 -0.59
CA ASN A 95 -6.77 -3.76 -0.19
C ASN A 95 -7.03 -5.02 0.63
N GLY A 96 -6.23 -6.02 0.39
CA GLY A 96 -6.38 -7.30 1.01
C GLY A 96 -5.89 -8.35 0.05
N ILE A 97 -5.62 -7.92 -1.15
CA ILE A 97 -5.09 -8.77 -2.17
C ILE A 97 -3.61 -8.83 -1.92
N GLU A 98 -3.09 -10.00 -1.76
CA GLU A 98 -1.68 -10.14 -1.57
C GLU A 98 -1.01 -10.06 -2.89
N VAL A 99 0.11 -9.40 -2.94
CA VAL A 99 0.81 -9.21 -4.20
C VAL A 99 1.66 -10.45 -4.54
N ALA A 100 1.55 -11.48 -3.73
CA ALA A 100 2.29 -12.68 -3.99
C ALA A 100 1.60 -13.41 -5.12
N GLY A 101 2.33 -13.65 -6.19
CA GLY A 101 1.77 -14.34 -7.32
C GLY A 101 1.12 -13.41 -8.32
N LYS A 102 1.02 -12.15 -7.99
CA LYS A 102 0.38 -11.17 -8.86
C LYS A 102 1.44 -10.51 -9.73
N THR A 103 1.07 -10.11 -10.93
CA THR A 103 1.96 -9.34 -11.77
C THR A 103 1.75 -7.88 -11.50
N LEU A 104 2.63 -7.05 -12.03
CA LEU A 104 2.49 -5.60 -11.87
C LEU A 104 1.27 -5.12 -12.57
N ASP A 105 0.95 -5.78 -13.67
CA ASP A 105 -0.25 -5.52 -14.43
C ASP A 105 -1.45 -5.73 -13.55
N GLN A 106 -1.49 -6.89 -12.90
CA GLN A 106 -2.57 -7.24 -12.01
C GLN A 106 -2.62 -6.36 -10.78
N VAL A 107 -1.46 -6.09 -10.17
CA VAL A 107 -1.44 -5.29 -8.96
C VAL A 107 -1.84 -3.84 -9.23
N THR A 108 -1.25 -3.22 -10.26
CA THR A 108 -1.64 -1.84 -10.63
C THR A 108 -3.14 -1.77 -10.93
N ASP A 109 -3.60 -2.68 -11.77
CA ASP A 109 -5.02 -2.78 -12.16
C ASP A 109 -5.91 -2.94 -10.93
N MET A 110 -5.44 -3.72 -9.97
CA MET A 110 -6.19 -4.00 -8.77
C MET A 110 -6.27 -2.73 -7.92
N MET A 111 -5.15 -2.05 -7.79
CA MET A 111 -5.08 -0.83 -7.01
C MET A 111 -5.91 0.29 -7.60
N VAL A 112 -5.86 0.45 -8.91
CA VAL A 112 -6.64 1.47 -9.58
C VAL A 112 -8.16 1.11 -9.49
N ALA A 113 -8.44 -0.19 -9.34
CA ALA A 113 -9.82 -0.70 -9.22
C ALA A 113 -10.44 -0.26 -7.91
N ASN A 114 -9.67 -0.34 -6.85
CA ASN A 114 -10.13 0.02 -5.52
C ASN A 114 -9.64 1.40 -5.15
N SER A 115 -9.50 2.23 -6.15
CA SER A 115 -8.99 3.58 -6.01
C SER A 115 -9.78 4.44 -4.99
N SER A 116 -11.06 4.13 -4.80
CA SER A 116 -11.90 4.89 -3.88
C SER A 116 -11.49 4.62 -2.44
N ASN A 117 -11.22 3.38 -2.13
CA ASN A 117 -10.79 2.98 -0.81
C ASN A 117 -9.78 1.88 -0.93
N LEU A 118 -8.54 2.24 -0.90
CA LEU A 118 -7.50 1.31 -1.11
C LEU A 118 -6.54 1.31 0.04
N ILE A 119 -6.28 0.15 0.54
CA ILE A 119 -5.33 -0.05 1.60
C ILE A 119 -4.01 -0.47 0.96
N ILE A 120 -2.98 0.28 1.15
CA ILE A 120 -1.70 -0.10 0.62
C ILE A 120 -0.85 -0.56 1.77
N THR A 121 -0.45 -1.80 1.70
CA THR A 121 0.34 -2.39 2.73
C THR A 121 1.71 -2.65 2.19
N VAL A 122 2.67 -2.04 2.75
CA VAL A 122 4.04 -2.27 2.38
C VAL A 122 4.76 -2.70 3.60
N LYS A 123 5.93 -3.17 3.43
CA LYS A 123 6.75 -3.40 4.55
C LYS A 123 7.92 -2.49 4.42
N PRO A 124 8.25 -1.70 5.46
CA PRO A 124 9.36 -0.78 5.35
C PRO A 124 10.65 -1.50 5.13
N ALA A 125 11.38 -1.02 4.20
CA ALA A 125 12.65 -1.59 3.88
C ALA A 125 13.73 -0.88 4.65
N ASN A 126 13.34 0.23 5.31
CA ASN A 126 14.30 1.08 6.03
C ASN A 126 15.39 1.56 5.09
N GLN A 127 14.95 1.84 3.86
CA GLN A 127 15.78 2.31 2.78
C GLN A 127 16.75 1.21 2.34
N ARG A 128 16.17 0.14 1.75
CA ARG A 128 16.87 -1.05 1.25
C ARG A 128 17.40 -1.84 2.43
N GLY A 1 7.58 2.75 17.45
CA GLY A 1 7.12 2.88 16.07
C GLY A 1 6.32 4.13 15.90
N SER A 2 5.34 4.09 15.06
CA SER A 2 4.49 5.23 14.82
C SER A 2 3.05 4.80 14.71
N LYS A 3 2.27 5.07 15.74
CA LYS A 3 0.86 4.74 15.76
C LYS A 3 0.01 5.99 15.72
N THR A 4 -1.15 5.86 15.19
CA THR A 4 -2.14 6.91 15.13
C THR A 4 -3.49 6.20 15.00
N LYS A 5 -4.55 6.74 15.57
CA LYS A 5 -5.85 6.09 15.50
C LYS A 5 -6.38 6.09 14.09
N ALA A 6 -6.99 5.01 13.70
CA ALA A 6 -7.49 4.87 12.38
C ALA A 6 -8.97 5.20 12.33
N PRO A 7 -9.34 6.28 11.64
CA PRO A 7 -10.75 6.71 11.50
C PRO A 7 -11.54 5.83 10.52
N SER A 8 -11.28 4.53 10.55
CA SER A 8 -11.95 3.59 9.67
C SER A 8 -13.37 3.30 10.15
N ILE A 9 -13.72 3.84 11.29
CA ILE A 9 -15.02 3.64 11.87
C ILE A 9 -15.64 4.97 12.27
N SER A 10 -16.98 5.00 12.32
CA SER A 10 -17.76 6.17 12.75
C SER A 10 -17.76 7.31 11.70
N ILE A 11 -17.36 7.00 10.48
CA ILE A 11 -17.39 7.97 9.40
C ILE A 11 -18.43 7.58 8.35
N PRO A 12 -19.19 8.56 7.83
CA PRO A 12 -20.20 8.31 6.80
C PRO A 12 -19.56 8.32 5.41
N HIS A 13 -20.36 8.52 4.36
CA HIS A 13 -19.83 8.63 3.02
C HIS A 13 -19.14 9.99 2.88
N ASP A 14 -17.90 10.02 3.26
CA ASP A 14 -17.15 11.25 3.35
C ASP A 14 -16.38 11.52 2.07
N PHE A 15 -16.25 12.78 1.71
CA PHE A 15 -15.63 13.18 0.46
C PHE A 15 -14.24 13.80 0.69
N ARG A 16 -13.79 13.78 1.91
CA ARG A 16 -12.52 14.40 2.24
C ARG A 16 -11.40 13.38 2.06
N CYS A 17 -10.24 13.85 1.69
CA CYS A 17 -9.13 12.97 1.46
C CYS A 17 -8.12 13.17 2.56
N VAL A 18 -7.72 12.09 3.14
CA VAL A 18 -6.82 12.12 4.23
C VAL A 18 -5.93 10.89 4.19
N SER A 19 -4.64 11.10 4.15
CA SER A 19 -3.72 10.03 4.20
C SER A 19 -3.59 9.63 5.63
N ALA A 20 -3.92 8.44 5.92
CA ALA A 20 -3.88 7.98 7.25
C ALA A 20 -3.48 6.55 7.24
N ILE A 21 -2.93 6.12 8.32
CA ILE A 21 -2.58 4.77 8.46
C ILE A 21 -3.70 4.06 9.19
N ILE A 22 -3.81 2.78 8.98
CA ILE A 22 -4.94 2.03 9.51
C ILE A 22 -4.48 0.72 10.10
N ASP A 23 -5.24 0.24 11.13
CA ASP A 23 -4.97 -1.03 11.87
C ASP A 23 -3.55 -1.09 12.42
N VAL A 24 -2.90 0.06 12.52
CA VAL A 24 -1.47 0.15 12.89
C VAL A 24 -1.16 -0.44 14.27
N ASP A 25 -2.11 -0.40 15.17
CA ASP A 25 -1.89 -0.94 16.51
C ASP A 25 -1.95 -2.48 16.50
N ILE A 26 -2.84 -3.03 15.67
CA ILE A 26 -2.96 -4.49 15.54
C ILE A 26 -1.84 -5.01 14.64
N VAL A 27 -1.47 -4.21 13.67
CA VAL A 27 -0.39 -4.51 12.76
C VAL A 27 0.97 -4.41 13.48
N PRO A 28 1.86 -5.38 13.27
CA PRO A 28 3.22 -5.31 13.80
C PRO A 28 3.98 -4.20 13.09
N GLU A 29 4.99 -3.69 13.74
CA GLU A 29 5.75 -2.57 13.19
C GLU A 29 6.47 -2.93 11.87
N THR A 30 6.48 -4.21 11.57
CA THR A 30 7.05 -4.70 10.36
C THR A 30 6.16 -4.36 9.14
N HIS A 31 4.87 -4.06 9.37
CA HIS A 31 3.98 -3.65 8.29
C HIS A 31 3.48 -2.24 8.49
N ARG A 32 3.23 -1.57 7.40
CA ARG A 32 2.72 -0.22 7.38
C ARG A 32 1.54 -0.17 6.41
N ARG A 33 0.42 0.32 6.86
CA ARG A 33 -0.74 0.43 6.00
C ARG A 33 -1.13 1.87 5.83
N VAL A 34 -1.31 2.29 4.59
CA VAL A 34 -1.79 3.64 4.30
C VAL A 34 -3.10 3.56 3.56
N ARG A 35 -3.98 4.49 3.83
CA ARG A 35 -5.23 4.52 3.16
C ARG A 35 -5.15 5.64 2.11
N LEU A 36 -5.31 5.27 0.85
CA LEU A 36 -5.12 6.18 -0.27
C LEU A 36 -6.45 6.71 -0.82
N CYS A 37 -6.44 8.00 -1.17
CA CYS A 37 -7.56 8.70 -1.76
C CYS A 37 -7.10 9.72 -2.81
N LYS A 38 -7.86 9.84 -3.89
CA LYS A 38 -7.65 10.89 -4.88
C LYS A 38 -8.99 11.49 -5.26
N HIS A 39 -9.02 12.77 -5.49
CA HIS A 39 -10.27 13.41 -5.87
C HIS A 39 -10.37 13.52 -7.35
N GLY A 40 -11.55 13.24 -7.85
CA GLY A 40 -11.81 13.29 -9.26
C GLY A 40 -11.71 11.93 -9.89
N SER A 41 -10.89 11.08 -9.28
CA SER A 41 -10.61 9.71 -9.75
C SER A 41 -9.87 9.69 -11.12
N ASP A 42 -9.25 8.56 -11.43
CA ASP A 42 -8.48 8.35 -12.68
C ASP A 42 -7.13 9.05 -12.69
N LYS A 43 -6.75 9.57 -11.54
CA LYS A 43 -5.42 10.11 -11.37
C LYS A 43 -4.54 9.00 -10.85
N PRO A 44 -3.25 9.00 -11.21
CA PRO A 44 -2.30 7.97 -10.77
C PRO A 44 -2.18 7.92 -9.25
N LEU A 45 -1.72 6.79 -8.73
CA LEU A 45 -1.51 6.68 -7.32
C LEU A 45 -0.29 7.53 -6.94
N GLY A 46 -0.02 7.68 -5.67
CA GLY A 46 1.10 8.51 -5.27
C GLY A 46 2.42 7.77 -5.27
N PHE A 47 2.50 6.67 -5.99
CA PHE A 47 3.70 5.87 -6.09
C PHE A 47 3.63 4.99 -7.31
N TYR A 48 4.77 4.50 -7.73
CA TYR A 48 4.88 3.57 -8.84
C TYR A 48 5.43 2.28 -8.28
N ILE A 49 5.14 1.15 -8.89
CA ILE A 49 5.71 -0.11 -8.43
C ILE A 49 6.55 -0.79 -9.48
N ARG A 50 7.54 -1.50 -9.02
CA ARG A 50 8.46 -2.22 -9.86
C ARG A 50 8.58 -3.62 -9.31
N ASP A 51 9.39 -4.44 -9.91
CA ASP A 51 9.48 -5.82 -9.46
C ASP A 51 10.91 -6.15 -9.15
N GLY A 52 11.09 -7.17 -8.38
CA GLY A 52 12.40 -7.62 -8.01
C GLY A 52 12.29 -8.81 -7.10
N THR A 53 13.33 -9.14 -6.42
CA THR A 53 13.28 -10.22 -5.50
C THR A 53 13.31 -9.74 -4.06
N SER A 54 12.45 -10.29 -3.28
CA SER A 54 12.36 -9.97 -1.89
C SER A 54 13.01 -11.08 -1.13
N VAL A 55 13.69 -10.75 -0.08
CA VAL A 55 14.39 -11.72 0.69
C VAL A 55 13.74 -11.92 2.05
N ARG A 56 13.38 -13.12 2.33
CA ARG A 56 12.81 -13.47 3.60
C ARG A 56 13.82 -14.31 4.35
N VAL A 57 14.31 -13.79 5.44
CA VAL A 57 15.31 -14.48 6.22
C VAL A 57 14.61 -15.33 7.29
N THR A 58 14.88 -16.60 7.26
CA THR A 58 14.30 -17.54 8.19
C THR A 58 15.41 -18.34 8.86
N ALA A 59 15.04 -19.20 9.80
CA ALA A 59 16.01 -20.06 10.50
C ALA A 59 16.55 -21.12 9.54
N SER A 60 15.87 -21.30 8.43
CA SER A 60 16.29 -22.24 7.42
C SER A 60 17.22 -21.56 6.40
N GLY A 61 17.28 -20.26 6.47
CA GLY A 61 18.10 -19.51 5.55
C GLY A 61 17.30 -18.43 4.88
N LEU A 62 17.75 -17.98 3.75
CA LEU A 62 17.04 -16.93 3.06
C LEU A 62 16.19 -17.47 1.92
N GLU A 63 15.06 -16.87 1.73
CA GLU A 63 14.20 -17.20 0.63
C GLU A 63 14.10 -16.03 -0.28
N LYS A 64 14.23 -16.27 -1.55
CA LYS A 64 14.07 -15.22 -2.53
C LYS A 64 12.72 -15.41 -3.20
N GLN A 65 11.92 -14.39 -3.18
CA GLN A 65 10.58 -14.46 -3.73
C GLN A 65 10.35 -13.28 -4.65
N PRO A 66 9.45 -13.40 -5.64
CA PRO A 66 9.08 -12.28 -6.50
C PRO A 66 8.39 -11.20 -5.67
N GLY A 67 9.06 -10.10 -5.50
CA GLY A 67 8.53 -9.05 -4.67
C GLY A 67 8.16 -7.85 -5.45
N ILE A 68 7.10 -7.20 -5.05
CA ILE A 68 6.65 -6.02 -5.71
C ILE A 68 7.13 -4.85 -4.87
N PHE A 69 7.95 -4.01 -5.44
CA PHE A 69 8.56 -2.93 -4.69
C PHE A 69 8.08 -1.60 -5.20
N ILE A 70 8.15 -0.60 -4.37
CA ILE A 70 7.85 0.73 -4.79
C ILE A 70 9.01 1.21 -5.68
N SER A 71 8.70 1.77 -6.80
CA SER A 71 9.74 2.23 -7.69
C SER A 71 10.15 3.65 -7.33
N ARG A 72 9.17 4.51 -7.14
CA ARG A 72 9.38 5.89 -6.79
C ARG A 72 8.05 6.45 -6.31
N LEU A 73 8.11 7.49 -5.50
CA LEU A 73 6.91 8.17 -5.06
C LEU A 73 6.60 9.27 -6.05
N VAL A 74 5.37 9.46 -6.33
CA VAL A 74 4.95 10.50 -7.25
C VAL A 74 5.01 11.83 -6.54
N PRO A 75 5.81 12.79 -7.04
CA PRO A 75 5.91 14.12 -6.42
C PRO A 75 4.53 14.77 -6.37
N GLY A 76 4.11 15.16 -5.19
CA GLY A 76 2.79 15.74 -5.04
C GLY A 76 1.73 14.66 -4.82
N GLY A 77 2.16 13.40 -4.87
CA GLY A 77 1.27 12.31 -4.62
C GLY A 77 1.03 12.17 -3.16
N LEU A 78 -0.11 11.59 -2.80
CA LEU A 78 -0.53 11.50 -1.41
C LEU A 78 0.54 10.88 -0.51
N ALA A 79 1.10 9.73 -0.91
CA ALA A 79 2.05 9.00 -0.08
C ALA A 79 3.38 9.75 0.03
N GLU A 80 3.72 10.47 -1.01
CA GLU A 80 4.96 11.23 -1.09
C GLU A 80 4.82 12.45 -0.19
N SER A 81 3.74 13.18 -0.38
CA SER A 81 3.50 14.41 0.31
C SER A 81 3.27 14.18 1.81
N THR A 82 2.74 13.02 2.17
CA THR A 82 2.47 12.74 3.56
C THR A 82 3.73 12.13 4.24
N GLY A 83 4.58 11.47 3.43
CA GLY A 83 5.78 10.87 3.95
C GLY A 83 5.50 9.72 4.89
N LEU A 84 4.60 8.84 4.52
CA LEU A 84 4.26 7.70 5.36
C LEU A 84 4.93 6.41 4.89
N LEU A 85 5.60 6.47 3.73
CA LEU A 85 6.26 5.28 3.16
C LEU A 85 7.59 5.67 2.54
N ALA A 86 8.46 4.70 2.33
CA ALA A 86 9.73 4.92 1.69
C ALA A 86 9.73 4.32 0.29
N VAL A 87 10.63 4.77 -0.57
CA VAL A 87 10.72 4.31 -1.96
C VAL A 87 11.07 2.82 -2.04
N ASN A 88 11.91 2.39 -1.17
CA ASN A 88 12.41 1.03 -1.18
C ASN A 88 11.42 0.00 -0.73
N ASP A 89 10.43 0.42 0.03
CA ASP A 89 9.50 -0.49 0.67
C ASP A 89 8.72 -1.32 -0.33
N GLU A 90 8.46 -2.54 0.05
CA GLU A 90 7.76 -3.46 -0.79
C GLU A 90 6.32 -3.57 -0.34
N VAL A 91 5.44 -3.74 -1.29
CA VAL A 91 4.03 -3.83 -1.01
C VAL A 91 3.68 -5.28 -0.67
N ILE A 92 2.85 -5.47 0.33
CA ILE A 92 2.47 -6.81 0.76
C ILE A 92 1.04 -7.13 0.32
N GLU A 93 0.12 -6.26 0.66
CA GLU A 93 -1.29 -6.45 0.36
C GLU A 93 -1.94 -5.19 -0.08
N VAL A 94 -2.88 -5.34 -0.95
CA VAL A 94 -3.70 -4.27 -1.40
C VAL A 94 -5.18 -4.65 -1.20
N ASN A 95 -5.82 -4.06 -0.19
CA ASN A 95 -7.24 -4.37 0.18
C ASN A 95 -7.44 -5.84 0.57
N GLY A 96 -6.40 -6.46 1.08
CA GLY A 96 -6.50 -7.86 1.47
C GLY A 96 -5.99 -8.79 0.40
N ILE A 97 -5.70 -8.24 -0.74
CA ILE A 97 -5.16 -9.00 -1.83
C ILE A 97 -3.66 -9.02 -1.70
N GLU A 98 -3.12 -10.17 -1.35
CA GLU A 98 -1.67 -10.32 -1.26
C GLU A 98 -1.12 -10.23 -2.63
N VAL A 99 -0.06 -9.50 -2.78
CA VAL A 99 0.59 -9.31 -4.06
C VAL A 99 1.41 -10.54 -4.46
N ALA A 100 1.39 -11.56 -3.62
CA ALA A 100 2.10 -12.77 -3.94
C ALA A 100 1.33 -13.52 -4.99
N GLY A 101 1.99 -13.79 -6.09
CA GLY A 101 1.36 -14.46 -7.19
C GLY A 101 0.69 -13.49 -8.14
N LYS A 102 0.73 -12.21 -7.79
CA LYS A 102 0.13 -11.19 -8.61
C LYS A 102 1.23 -10.52 -9.42
N THR A 103 0.92 -10.09 -10.60
CA THR A 103 1.86 -9.35 -11.39
C THR A 103 1.64 -7.88 -11.17
N LEU A 104 2.57 -7.07 -11.59
CA LEU A 104 2.42 -5.63 -11.51
C LEU A 104 1.19 -5.19 -12.27
N ASP A 105 0.94 -5.86 -13.38
CA ASP A 105 -0.23 -5.60 -14.20
C ASP A 105 -1.50 -5.81 -13.38
N GLN A 106 -1.53 -6.89 -12.65
CA GLN A 106 -2.68 -7.23 -11.85
C GLN A 106 -2.76 -6.38 -10.59
N VAL A 107 -1.63 -6.12 -9.95
CA VAL A 107 -1.63 -5.33 -8.72
C VAL A 107 -1.99 -3.88 -9.00
N THR A 108 -1.39 -3.30 -10.06
CA THR A 108 -1.74 -1.92 -10.42
C THR A 108 -3.21 -1.81 -10.74
N ASP A 109 -3.70 -2.76 -11.55
CA ASP A 109 -5.12 -2.81 -11.92
C ASP A 109 -5.99 -2.86 -10.68
N MET A 110 -5.61 -3.70 -9.73
CA MET A 110 -6.38 -3.89 -8.50
C MET A 110 -6.38 -2.58 -7.70
N MET A 111 -5.22 -1.98 -7.57
CA MET A 111 -5.08 -0.74 -6.83
C MET A 111 -5.80 0.42 -7.48
N VAL A 112 -5.72 0.52 -8.78
CA VAL A 112 -6.42 1.58 -9.50
C VAL A 112 -7.95 1.34 -9.42
N ALA A 113 -8.33 0.06 -9.36
CA ALA A 113 -9.74 -0.34 -9.26
C ALA A 113 -10.39 0.23 -8.00
N ASN A 114 -9.66 0.14 -6.91
CA ASN A 114 -10.15 0.59 -5.60
C ASN A 114 -9.50 1.91 -5.20
N SER A 115 -9.00 2.64 -6.18
CA SER A 115 -8.21 3.85 -5.96
C SER A 115 -8.90 4.93 -5.11
N SER A 116 -10.23 4.97 -5.11
CA SER A 116 -10.97 5.97 -4.35
C SER A 116 -10.72 5.80 -2.84
N ASN A 117 -10.73 4.58 -2.39
CA ASN A 117 -10.39 4.26 -1.04
C ASN A 117 -9.68 2.93 -1.01
N LEU A 118 -8.40 3.01 -1.01
CA LEU A 118 -7.55 1.86 -1.14
C LEU A 118 -6.75 1.68 0.12
N ILE A 119 -6.68 0.46 0.58
CA ILE A 119 -5.92 0.13 1.77
C ILE A 119 -4.65 -0.56 1.31
N ILE A 120 -3.54 0.07 1.54
CA ILE A 120 -2.28 -0.43 1.05
C ILE A 120 -1.42 -0.89 2.21
N THR A 121 -1.09 -2.15 2.22
CA THR A 121 -0.25 -2.72 3.23
C THR A 121 1.12 -2.99 2.66
N VAL A 122 2.11 -2.33 3.19
CA VAL A 122 3.45 -2.52 2.73
C VAL A 122 4.33 -2.86 3.90
N LYS A 123 5.54 -3.23 3.66
CA LYS A 123 6.47 -3.44 4.74
C LYS A 123 7.75 -2.70 4.43
N PRO A 124 8.35 -2.02 5.41
CA PRO A 124 9.59 -1.30 5.21
C PRO A 124 10.70 -2.22 4.74
N ALA A 125 11.41 -1.78 3.76
CA ALA A 125 12.52 -2.52 3.24
C ALA A 125 13.74 -2.23 4.06
N ASN A 126 13.66 -1.14 4.85
CA ASN A 126 14.75 -0.66 5.68
C ASN A 126 15.96 -0.30 4.86
N GLN A 127 16.02 0.94 4.42
CA GLN A 127 17.15 1.43 3.68
C GLN A 127 18.26 1.73 4.67
N ARG A 128 19.09 0.76 4.85
CA ARG A 128 20.17 0.81 5.82
C ARG A 128 21.47 1.24 5.16
N GLY A 1 -18.58 -5.41 -18.12
CA GLY A 1 -19.62 -4.70 -17.38
C GLY A 1 -19.58 -3.23 -17.67
N SER A 2 -19.93 -2.43 -16.67
CA SER A 2 -19.90 -0.96 -16.73
C SER A 2 -21.00 -0.37 -17.65
N LYS A 3 -21.92 -1.20 -18.11
CA LYS A 3 -23.00 -0.73 -18.98
C LYS A 3 -24.19 -0.31 -18.17
N THR A 4 -24.73 -1.23 -17.42
CA THR A 4 -25.89 -0.98 -16.64
C THR A 4 -25.50 -0.28 -15.33
N LYS A 5 -25.55 1.03 -15.35
CA LYS A 5 -25.24 1.85 -14.21
C LYS A 5 -26.18 3.03 -14.18
N ALA A 6 -26.41 3.56 -13.03
CA ALA A 6 -27.18 4.75 -12.88
C ALA A 6 -26.21 5.90 -12.65
N PRO A 7 -26.09 6.85 -13.62
CA PRO A 7 -25.16 7.99 -13.53
C PRO A 7 -25.29 8.73 -12.21
N SER A 8 -24.28 8.57 -11.40
CA SER A 8 -24.25 9.17 -10.09
C SER A 8 -22.83 9.45 -9.66
N ILE A 9 -21.97 8.47 -9.87
CA ILE A 9 -20.56 8.51 -9.49
C ILE A 9 -20.44 8.51 -7.97
N SER A 10 -20.19 7.34 -7.42
CA SER A 10 -20.15 7.17 -5.99
C SER A 10 -18.86 7.69 -5.37
N ILE A 11 -18.81 8.98 -5.19
CA ILE A 11 -17.71 9.62 -4.53
C ILE A 11 -18.18 10.25 -3.22
N PRO A 12 -17.47 10.03 -2.14
CA PRO A 12 -17.80 10.59 -0.86
C PRO A 12 -17.08 11.91 -0.66
N HIS A 13 -17.09 12.40 0.55
CA HIS A 13 -16.38 13.60 0.89
C HIS A 13 -14.94 13.19 1.21
N ASP A 14 -14.18 12.93 0.16
CA ASP A 14 -12.82 12.43 0.28
C ASP A 14 -11.97 13.03 -0.82
N PHE A 15 -11.48 14.25 -0.57
CA PHE A 15 -10.64 14.95 -1.55
C PHE A 15 -9.41 15.62 -0.92
N ARG A 16 -9.50 15.94 0.36
CA ARG A 16 -8.31 16.39 1.08
C ARG A 16 -7.63 15.16 1.59
N CYS A 17 -6.49 14.89 1.08
CA CYS A 17 -5.88 13.62 1.30
C CYS A 17 -4.67 13.63 2.18
N VAL A 18 -4.66 12.69 3.08
CA VAL A 18 -3.55 12.38 3.93
C VAL A 18 -3.60 10.88 4.11
N SER A 19 -2.48 10.20 4.10
CA SER A 19 -2.56 8.79 4.25
C SER A 19 -2.66 8.43 5.70
N ALA A 20 -3.73 7.81 6.02
CA ALA A 20 -4.01 7.43 7.36
C ALA A 20 -3.55 6.03 7.57
N ILE A 21 -3.05 5.76 8.74
CA ILE A 21 -2.58 4.44 9.06
C ILE A 21 -3.70 3.74 9.78
N ILE A 22 -4.31 2.83 9.09
CA ILE A 22 -5.45 2.14 9.63
C ILE A 22 -5.08 0.78 10.17
N ASP A 23 -5.89 0.31 11.11
CA ASP A 23 -5.75 -1.02 11.76
C ASP A 23 -4.49 -1.06 12.60
N VAL A 24 -4.08 0.10 13.12
CA VAL A 24 -2.85 0.27 13.90
C VAL A 24 -2.73 -0.70 15.09
N ASP A 25 -3.85 -1.08 15.65
CA ASP A 25 -3.84 -2.00 16.78
C ASP A 25 -3.38 -3.39 16.35
N ILE A 26 -3.76 -3.77 15.16
CA ILE A 26 -3.43 -5.09 14.62
C ILE A 26 -2.06 -5.04 13.95
N VAL A 27 -1.73 -3.88 13.44
CA VAL A 27 -0.48 -3.67 12.72
C VAL A 27 0.73 -3.54 13.64
N PRO A 28 1.71 -4.40 13.42
CA PRO A 28 3.00 -4.30 14.07
C PRO A 28 3.84 -3.29 13.30
N GLU A 29 4.80 -2.70 13.95
CA GLU A 29 5.64 -1.67 13.33
C GLU A 29 6.43 -2.19 12.11
N THR A 30 6.43 -3.50 11.92
CA THR A 30 7.06 -4.12 10.79
C THR A 30 6.19 -4.00 9.52
N HIS A 31 4.93 -3.59 9.67
CA HIS A 31 4.07 -3.31 8.54
C HIS A 31 3.55 -1.90 8.61
N ARG A 32 3.09 -1.40 7.50
CA ARG A 32 2.52 -0.09 7.44
C ARG A 32 1.31 -0.15 6.53
N ARG A 33 0.19 0.24 7.05
CA ARG A 33 -1.04 0.27 6.28
C ARG A 33 -1.50 1.68 6.08
N VAL A 34 -1.60 2.08 4.84
CA VAL A 34 -2.05 3.41 4.51
C VAL A 34 -3.32 3.30 3.72
N ARG A 35 -4.22 4.19 3.98
CA ARG A 35 -5.49 4.19 3.31
C ARG A 35 -5.39 5.25 2.22
N LEU A 36 -5.84 4.92 1.03
CA LEU A 36 -5.66 5.78 -0.13
C LEU A 36 -6.84 6.74 -0.30
N CYS A 37 -6.53 7.96 -0.64
CA CYS A 37 -7.48 9.03 -0.87
C CYS A 37 -7.31 9.56 -2.30
N LYS A 38 -8.26 10.35 -2.78
CA LYS A 38 -8.27 10.79 -4.17
C LYS A 38 -8.40 12.32 -4.27
N HIS A 39 -7.73 12.89 -5.25
CA HIS A 39 -7.73 14.34 -5.45
C HIS A 39 -8.54 14.72 -6.68
N GLY A 40 -9.78 15.16 -6.47
CA GLY A 40 -10.66 15.57 -7.57
C GLY A 40 -11.24 14.38 -8.32
N SER A 41 -10.37 13.55 -8.78
CA SER A 41 -10.69 12.35 -9.47
C SER A 41 -9.80 11.27 -8.91
N ASP A 42 -9.90 10.09 -9.44
CA ASP A 42 -9.12 9.00 -8.92
C ASP A 42 -7.65 9.17 -9.29
N LYS A 43 -7.39 9.19 -10.60
CA LYS A 43 -6.01 9.20 -11.15
C LYS A 43 -5.20 7.94 -10.73
N PRO A 44 -4.02 7.68 -11.37
CA PRO A 44 -3.12 6.64 -10.90
C PRO A 44 -2.63 6.99 -9.49
N LEU A 45 -2.23 5.99 -8.74
CA LEU A 45 -1.84 6.22 -7.36
C LEU A 45 -0.55 7.06 -7.27
N GLY A 46 -0.30 7.62 -6.10
CA GLY A 46 0.84 8.50 -5.91
C GLY A 46 2.17 7.77 -5.76
N PHE A 47 2.29 6.61 -6.35
CA PHE A 47 3.50 5.85 -6.33
C PHE A 47 3.52 4.85 -7.46
N TYR A 48 4.68 4.53 -7.93
CA TYR A 48 4.86 3.55 -8.96
C TYR A 48 5.42 2.31 -8.28
N ILE A 49 5.20 1.14 -8.83
CA ILE A 49 5.77 -0.07 -8.23
C ILE A 49 6.75 -0.74 -9.16
N ARG A 50 7.62 -1.51 -8.60
CA ARG A 50 8.64 -2.22 -9.32
C ARG A 50 8.67 -3.65 -8.89
N ASP A 51 9.36 -4.44 -9.64
CA ASP A 51 9.46 -5.84 -9.36
C ASP A 51 10.89 -6.18 -9.10
N GLY A 52 11.11 -7.29 -8.53
CA GLY A 52 12.41 -7.74 -8.24
C GLY A 52 12.33 -8.86 -7.29
N THR A 53 13.43 -9.26 -6.75
CA THR A 53 13.40 -10.30 -5.79
C THR A 53 13.67 -9.76 -4.42
N SER A 54 12.83 -10.10 -3.51
CA SER A 54 12.98 -9.70 -2.17
C SER A 54 13.49 -10.88 -1.40
N VAL A 55 14.33 -10.61 -0.45
CA VAL A 55 14.84 -11.64 0.39
C VAL A 55 13.95 -11.70 1.60
N ARG A 56 13.28 -12.79 1.76
CA ARG A 56 12.33 -12.91 2.79
C ARG A 56 12.91 -13.82 3.85
N VAL A 57 12.82 -13.39 5.06
CA VAL A 57 13.28 -14.16 6.16
C VAL A 57 12.12 -14.92 6.76
N THR A 58 12.16 -16.20 6.65
CA THR A 58 11.13 -17.03 7.19
C THR A 58 11.74 -17.99 8.20
N ALA A 59 10.93 -18.86 8.77
CA ALA A 59 11.40 -19.88 9.68
C ALA A 59 12.10 -20.97 8.88
N SER A 60 11.86 -20.96 7.58
CA SER A 60 12.50 -21.87 6.66
C SER A 60 13.87 -21.31 6.24
N GLY A 61 14.13 -20.07 6.64
CA GLY A 61 15.40 -19.45 6.37
C GLY A 61 15.29 -18.30 5.41
N LEU A 62 16.25 -18.19 4.53
CA LEU A 62 16.29 -17.11 3.56
C LEU A 62 15.80 -17.58 2.25
N GLU A 63 14.83 -16.90 1.76
CA GLU A 63 14.23 -17.25 0.52
C GLU A 63 13.97 -16.01 -0.30
N LYS A 64 14.27 -16.08 -1.57
CA LYS A 64 14.02 -14.96 -2.44
C LYS A 64 12.82 -15.21 -3.30
N GLN A 65 11.91 -14.27 -3.27
CA GLN A 65 10.67 -14.34 -4.00
C GLN A 65 10.45 -13.02 -4.69
N PRO A 66 9.67 -12.99 -5.78
CA PRO A 66 9.34 -11.74 -6.45
C PRO A 66 8.62 -10.79 -5.50
N GLY A 67 9.27 -9.72 -5.19
CA GLY A 67 8.73 -8.76 -4.29
C GLY A 67 8.36 -7.53 -5.03
N ILE A 68 7.23 -7.01 -4.73
CA ILE A 68 6.79 -5.83 -5.38
C ILE A 68 7.17 -4.66 -4.49
N PHE A 69 8.03 -3.81 -4.97
CA PHE A 69 8.51 -2.70 -4.19
C PHE A 69 7.97 -1.44 -4.73
N ILE A 70 8.02 -0.40 -3.97
CA ILE A 70 7.67 0.88 -4.48
C ILE A 70 8.82 1.31 -5.40
N SER A 71 8.53 1.75 -6.58
CA SER A 71 9.58 2.10 -7.48
C SER A 71 9.99 3.53 -7.27
N ARG A 72 9.01 4.40 -7.21
CA ARG A 72 9.24 5.80 -7.11
C ARG A 72 7.94 6.45 -6.66
N LEU A 73 8.04 7.54 -5.97
CA LEU A 73 6.88 8.29 -5.54
C LEU A 73 6.56 9.35 -6.56
N VAL A 74 5.29 9.59 -6.77
CA VAL A 74 4.84 10.60 -7.69
C VAL A 74 4.76 11.91 -6.93
N PRO A 75 5.48 12.96 -7.35
CA PRO A 75 5.38 14.26 -6.71
C PRO A 75 3.94 14.75 -6.76
N GLY A 76 3.41 15.08 -5.61
CA GLY A 76 2.02 15.48 -5.53
C GLY A 76 1.11 14.28 -5.39
N GLY A 77 1.72 13.13 -5.28
CA GLY A 77 1.00 11.92 -5.05
C GLY A 77 0.78 11.78 -3.58
N LEU A 78 -0.22 11.03 -3.18
CA LEU A 78 -0.57 10.93 -1.80
C LEU A 78 0.55 10.42 -0.91
N ALA A 79 1.15 9.28 -1.28
CA ALA A 79 2.18 8.65 -0.43
C ALA A 79 3.41 9.53 -0.33
N GLU A 80 3.64 10.30 -1.37
CA GLU A 80 4.77 11.19 -1.47
C GLU A 80 4.51 12.41 -0.57
N SER A 81 3.37 13.02 -0.77
CA SER A 81 3.00 14.23 -0.07
C SER A 81 2.76 13.98 1.42
N THR A 82 2.30 12.78 1.77
CA THR A 82 1.98 12.50 3.14
C THR A 82 3.24 12.01 3.88
N GLY A 83 4.21 11.49 3.13
CA GLY A 83 5.49 11.07 3.71
C GLY A 83 5.40 9.85 4.61
N LEU A 84 4.57 8.89 4.24
CA LEU A 84 4.48 7.67 5.05
C LEU A 84 5.33 6.53 4.52
N LEU A 85 5.50 6.44 3.22
CA LEU A 85 6.18 5.30 2.65
C LEU A 85 7.36 5.74 1.80
N ALA A 86 8.37 4.89 1.72
CA ALA A 86 9.55 5.17 0.94
C ALA A 86 9.70 4.14 -0.18
N VAL A 87 10.51 4.47 -1.17
CA VAL A 87 10.76 3.61 -2.35
C VAL A 87 11.31 2.24 -1.98
N ASN A 88 12.03 2.17 -0.91
CA ASN A 88 12.63 0.93 -0.50
C ASN A 88 11.61 -0.03 0.08
N ASP A 89 10.51 0.50 0.58
CA ASP A 89 9.48 -0.30 1.20
C ASP A 89 8.73 -1.09 0.14
N GLU A 90 8.33 -2.30 0.47
CA GLU A 90 7.64 -3.13 -0.49
C GLU A 90 6.21 -3.33 -0.09
N VAL A 91 5.37 -3.56 -1.07
CA VAL A 91 3.98 -3.77 -0.83
C VAL A 91 3.74 -5.25 -0.46
N ILE A 92 3.11 -5.44 0.68
CA ILE A 92 2.80 -6.77 1.16
C ILE A 92 1.41 -7.18 0.72
N GLU A 93 0.45 -6.30 0.94
CA GLU A 93 -0.93 -6.55 0.56
C GLU A 93 -1.60 -5.31 0.07
N VAL A 94 -2.45 -5.48 -0.89
CA VAL A 94 -3.27 -4.40 -1.41
C VAL A 94 -4.74 -4.79 -1.29
N ASN A 95 -5.47 -4.11 -0.39
CA ASN A 95 -6.90 -4.39 -0.04
C ASN A 95 -7.00 -5.68 0.78
N GLY A 96 -6.46 -6.73 0.23
CA GLY A 96 -6.41 -8.03 0.84
C GLY A 96 -5.72 -9.02 -0.07
N ILE A 97 -5.06 -8.47 -1.10
CA ILE A 97 -4.39 -9.28 -2.10
C ILE A 97 -2.92 -9.40 -1.68
N GLU A 98 -2.37 -10.61 -1.73
CA GLU A 98 -0.98 -10.88 -1.24
C GLU A 98 0.08 -10.33 -2.17
N VAL A 99 -0.34 -9.87 -3.35
CA VAL A 99 0.52 -9.34 -4.45
C VAL A 99 1.50 -10.38 -5.04
N ALA A 100 1.78 -11.43 -4.30
CA ALA A 100 2.62 -12.49 -4.78
C ALA A 100 1.80 -13.33 -5.71
N GLY A 101 2.27 -13.48 -6.92
CA GLY A 101 1.52 -14.21 -7.92
C GLY A 101 0.83 -13.25 -8.87
N LYS A 102 0.79 -12.00 -8.48
CA LYS A 102 0.15 -10.97 -9.27
C LYS A 102 1.25 -10.23 -10.01
N THR A 103 1.01 -9.85 -11.22
CA THR A 103 1.96 -9.05 -11.96
C THR A 103 1.79 -7.60 -11.62
N LEU A 104 2.76 -6.77 -11.94
CA LEU A 104 2.65 -5.34 -11.69
C LEU A 104 1.46 -4.74 -12.34
N ASP A 105 1.19 -5.19 -13.55
CA ASP A 105 0.02 -4.77 -14.31
C ASP A 105 -1.25 -5.12 -13.55
N GLN A 106 -1.27 -6.29 -12.95
CA GLN A 106 -2.39 -6.73 -12.15
C GLN A 106 -2.47 -5.99 -10.84
N VAL A 107 -1.33 -5.77 -10.20
CA VAL A 107 -1.33 -5.09 -8.91
C VAL A 107 -1.73 -3.62 -9.07
N THR A 108 -1.17 -2.95 -10.07
CA THR A 108 -1.56 -1.56 -10.34
C THR A 108 -3.03 -1.47 -10.67
N ASP A 109 -3.48 -2.36 -11.55
CA ASP A 109 -4.89 -2.45 -11.94
C ASP A 109 -5.77 -2.69 -10.73
N MET A 110 -5.31 -3.56 -9.84
CA MET A 110 -6.06 -3.93 -8.64
C MET A 110 -6.16 -2.70 -7.73
N MET A 111 -5.06 -1.99 -7.59
CA MET A 111 -5.02 -0.80 -6.77
C MET A 111 -5.86 0.33 -7.35
N VAL A 112 -5.76 0.54 -8.66
CA VAL A 112 -6.55 1.57 -9.32
C VAL A 112 -8.05 1.16 -9.26
N ALA A 113 -8.30 -0.15 -9.25
CA ALA A 113 -9.66 -0.70 -9.15
C ALA A 113 -10.32 -0.26 -7.87
N ASN A 114 -9.53 -0.24 -6.81
CA ASN A 114 -10.01 0.12 -5.48
C ASN A 114 -9.60 1.51 -5.11
N SER A 115 -9.54 2.39 -6.09
CA SER A 115 -9.14 3.77 -5.89
C SER A 115 -10.08 4.49 -4.90
N SER A 116 -11.31 3.99 -4.77
CA SER A 116 -12.26 4.58 -3.86
C SER A 116 -11.80 4.37 -2.41
N ASN A 117 -11.59 3.14 -2.03
CA ASN A 117 -11.08 2.84 -0.73
C ASN A 117 -10.04 1.74 -0.84
N LEU A 118 -8.81 2.16 -0.87
CA LEU A 118 -7.74 1.23 -0.98
C LEU A 118 -6.93 1.19 0.26
N ILE A 119 -6.63 0.01 0.67
CA ILE A 119 -5.87 -0.24 1.84
C ILE A 119 -4.55 -0.82 1.41
N ILE A 120 -3.51 -0.11 1.64
CA ILE A 120 -2.22 -0.51 1.18
C ILE A 120 -1.38 -0.96 2.35
N THR A 121 -0.95 -2.19 2.33
CA THR A 121 -0.14 -2.73 3.37
C THR A 121 1.26 -2.95 2.82
N VAL A 122 2.20 -2.28 3.38
CA VAL A 122 3.57 -2.43 2.98
C VAL A 122 4.40 -2.78 4.19
N LYS A 123 5.63 -3.09 3.98
CA LYS A 123 6.53 -3.27 5.09
C LYS A 123 7.72 -2.39 4.89
N PRO A 124 8.17 -1.68 5.94
CA PRO A 124 9.35 -0.86 5.85
C PRO A 124 10.54 -1.73 5.55
N ALA A 125 11.35 -1.28 4.63
CA ALA A 125 12.53 -2.00 4.24
C ALA A 125 13.43 -2.24 5.42
N ASN A 126 13.47 -1.26 6.35
CA ASN A 126 14.39 -1.26 7.52
C ASN A 126 15.83 -1.16 7.05
N GLN A 127 15.98 -0.85 5.79
CA GLN A 127 17.25 -0.66 5.14
C GLN A 127 17.12 0.61 4.33
N ARG A 128 17.38 1.68 4.99
CA ARG A 128 17.26 3.01 4.44
C ARG A 128 18.41 3.84 4.97
N GLY A 1 -4.05 -8.39 20.04
CA GLY A 1 -4.74 -8.49 21.32
C GLY A 1 -6.17 -8.88 21.12
N SER A 2 -6.76 -9.53 22.10
CA SER A 2 -8.12 -9.97 21.98
C SER A 2 -9.08 -8.81 22.26
N LYS A 3 -9.51 -8.16 21.20
CA LYS A 3 -10.44 -7.07 21.30
C LYS A 3 -11.68 -7.39 20.50
N THR A 4 -11.49 -7.61 19.19
CA THR A 4 -12.56 -7.89 18.26
C THR A 4 -13.68 -6.81 18.37
N LYS A 5 -13.38 -5.64 17.90
CA LYS A 5 -14.27 -4.50 18.01
C LYS A 5 -14.96 -4.24 16.70
N ALA A 6 -16.24 -3.96 16.76
CA ALA A 6 -16.97 -3.57 15.59
C ALA A 6 -17.12 -2.06 15.62
N PRO A 7 -16.40 -1.35 14.74
CA PRO A 7 -16.45 0.10 14.72
C PRO A 7 -17.65 0.61 13.95
N SER A 8 -17.89 1.88 14.03
CA SER A 8 -18.95 2.49 13.28
C SER A 8 -18.50 2.63 11.83
N ILE A 9 -17.16 2.64 11.66
CA ILE A 9 -16.49 2.68 10.37
C ILE A 9 -16.60 4.05 9.73
N SER A 10 -15.49 4.71 9.59
CA SER A 10 -15.46 5.99 8.99
C SER A 10 -15.47 5.82 7.47
N ILE A 11 -16.65 5.95 6.89
CA ILE A 11 -16.83 5.80 5.46
C ILE A 11 -16.38 7.08 4.76
N PRO A 12 -15.76 6.94 3.56
CA PRO A 12 -15.27 8.07 2.76
C PRO A 12 -16.29 9.22 2.63
N HIS A 13 -15.95 10.35 3.20
CA HIS A 13 -16.78 11.55 3.16
C HIS A 13 -15.89 12.77 3.12
N ASP A 14 -14.68 12.55 2.66
CA ASP A 14 -13.66 13.58 2.64
C ASP A 14 -13.77 14.47 1.41
N PHE A 15 -13.70 15.76 1.63
CA PHE A 15 -13.67 16.74 0.54
C PHE A 15 -12.20 17.01 0.20
N ARG A 16 -11.37 16.68 1.15
CA ARG A 16 -9.93 16.75 1.04
C ARG A 16 -9.45 15.34 1.27
N CYS A 17 -8.47 14.90 0.59
CA CYS A 17 -8.07 13.52 0.70
C CYS A 17 -6.79 13.45 1.49
N VAL A 18 -6.79 12.60 2.49
CA VAL A 18 -5.68 12.46 3.38
C VAL A 18 -5.38 10.99 3.60
N SER A 19 -4.13 10.70 3.63
CA SER A 19 -3.64 9.38 3.90
C SER A 19 -3.62 9.14 5.39
N ALA A 20 -4.01 7.96 5.78
CA ALA A 20 -4.07 7.62 7.18
C ALA A 20 -3.59 6.21 7.39
N ILE A 21 -3.08 5.93 8.57
CA ILE A 21 -2.61 4.60 8.89
C ILE A 21 -3.73 3.86 9.60
N ILE A 22 -4.30 2.90 8.91
CA ILE A 22 -5.38 2.12 9.48
C ILE A 22 -4.82 0.82 9.99
N ASP A 23 -5.50 0.22 10.96
CA ASP A 23 -5.06 -1.03 11.60
C ASP A 23 -3.77 -0.82 12.37
N VAL A 24 -3.44 0.45 12.63
CA VAL A 24 -2.19 0.85 13.28
C VAL A 24 -2.00 0.19 14.67
N ASP A 25 -3.11 -0.08 15.36
CA ASP A 25 -3.05 -0.70 16.68
C ASP A 25 -2.79 -2.19 16.57
N ILE A 26 -3.16 -2.75 15.44
CA ILE A 26 -3.02 -4.16 15.18
C ILE A 26 -1.69 -4.43 14.48
N VAL A 27 -1.45 -3.67 13.44
CA VAL A 27 -0.27 -3.78 12.64
C VAL A 27 0.97 -3.27 13.36
N PRO A 28 2.01 -4.12 13.44
CA PRO A 28 3.29 -3.75 14.03
C PRO A 28 3.97 -2.73 13.14
N GLU A 29 4.88 -1.95 13.70
CA GLU A 29 5.61 -0.91 12.97
C GLU A 29 6.37 -1.48 11.77
N THR A 30 6.62 -2.76 11.80
CA THR A 30 7.28 -3.44 10.75
C THR A 30 6.40 -3.57 9.48
N HIS A 31 5.10 -3.25 9.58
CA HIS A 31 4.22 -3.12 8.43
C HIS A 31 3.55 -1.74 8.50
N ARG A 32 3.14 -1.24 7.37
CA ARG A 32 2.53 0.06 7.28
C ARG A 32 1.26 -0.06 6.46
N ARG A 33 0.15 0.34 7.00
CA ARG A 33 -1.08 0.38 6.24
C ARG A 33 -1.56 1.78 6.01
N VAL A 34 -1.71 2.17 4.77
CA VAL A 34 -2.23 3.47 4.42
C VAL A 34 -3.53 3.30 3.66
N ARG A 35 -4.50 4.11 3.99
CA ARG A 35 -5.77 4.05 3.32
C ARG A 35 -5.76 5.18 2.30
N LEU A 36 -5.90 4.83 1.06
CA LEU A 36 -5.79 5.75 -0.03
C LEU A 36 -7.21 6.17 -0.48
N CYS A 37 -7.40 7.48 -0.66
CA CYS A 37 -8.68 8.03 -1.10
C CYS A 37 -8.57 8.73 -2.45
N LYS A 38 -9.69 8.91 -3.11
CA LYS A 38 -9.77 9.61 -4.38
C LYS A 38 -10.34 10.97 -4.18
N HIS A 39 -9.87 11.89 -4.93
CA HIS A 39 -10.31 13.27 -4.78
C HIS A 39 -10.97 13.73 -6.04
N GLY A 40 -12.30 13.76 -6.06
CA GLY A 40 -13.07 14.27 -7.19
C GLY A 40 -13.02 13.38 -8.43
N SER A 41 -11.85 12.91 -8.73
CA SER A 41 -11.61 12.08 -9.86
C SER A 41 -10.60 11.07 -9.48
N ASP A 42 -10.54 10.00 -10.24
CA ASP A 42 -9.60 8.94 -10.00
C ASP A 42 -8.18 9.45 -9.91
N LYS A 43 -7.62 9.81 -11.03
CA LYS A 43 -6.20 10.21 -11.14
C LYS A 43 -5.23 9.08 -10.67
N PRO A 44 -3.94 9.14 -11.05
CA PRO A 44 -2.96 8.10 -10.68
C PRO A 44 -2.71 8.04 -9.17
N LEU A 45 -2.27 6.89 -8.70
CA LEU A 45 -1.90 6.76 -7.31
C LEU A 45 -0.59 7.49 -7.08
N GLY A 46 -0.35 7.94 -5.87
CA GLY A 46 0.81 8.77 -5.59
C GLY A 46 2.14 8.02 -5.47
N PHE A 47 2.28 6.91 -6.17
CA PHE A 47 3.52 6.14 -6.17
C PHE A 47 3.57 5.19 -7.37
N TYR A 48 4.72 4.62 -7.60
CA TYR A 48 4.95 3.63 -8.62
C TYR A 48 5.52 2.40 -7.95
N ILE A 49 5.36 1.25 -8.55
CA ILE A 49 5.94 0.03 -8.01
C ILE A 49 6.85 -0.62 -9.01
N ARG A 50 7.74 -1.45 -8.53
CA ARG A 50 8.64 -2.16 -9.38
C ARG A 50 8.70 -3.59 -8.95
N ASP A 51 9.37 -4.36 -9.73
CA ASP A 51 9.58 -5.75 -9.44
C ASP A 51 11.00 -5.91 -8.98
N GLY A 52 11.23 -6.91 -8.21
CA GLY A 52 12.54 -7.19 -7.72
C GLY A 52 12.53 -8.48 -6.98
N THR A 53 13.51 -8.74 -6.19
CA THR A 53 13.54 -9.93 -5.42
C THR A 53 13.54 -9.66 -3.94
N SER A 54 12.60 -10.24 -3.28
CA SER A 54 12.49 -10.15 -1.86
C SER A 54 12.89 -11.49 -1.32
N VAL A 55 13.45 -11.52 -0.16
CA VAL A 55 13.85 -12.79 0.39
C VAL A 55 12.81 -13.33 1.37
N ARG A 56 12.42 -14.56 1.13
CA ARG A 56 11.46 -15.29 1.91
C ARG A 56 12.19 -16.39 2.65
N VAL A 57 11.91 -16.59 3.90
CA VAL A 57 12.54 -17.66 4.64
C VAL A 57 11.54 -18.78 4.88
N THR A 58 11.79 -19.92 4.28
CA THR A 58 10.95 -21.07 4.42
C THR A 58 11.66 -22.16 5.20
N ALA A 59 11.05 -23.34 5.32
CA ALA A 59 11.60 -24.45 6.07
C ALA A 59 12.92 -24.94 5.48
N SER A 60 13.05 -24.80 4.18
CA SER A 60 14.25 -25.19 3.50
C SER A 60 15.33 -24.13 3.65
N GLY A 61 14.92 -22.91 3.91
CA GLY A 61 15.87 -21.86 4.10
C GLY A 61 15.44 -20.60 3.41
N LEU A 62 16.38 -19.77 3.07
CA LEU A 62 16.07 -18.52 2.41
C LEU A 62 15.89 -18.73 0.92
N GLU A 63 14.88 -18.15 0.38
CA GLU A 63 14.58 -18.21 -1.01
C GLU A 63 14.18 -16.83 -1.49
N LYS A 64 14.52 -16.49 -2.69
CA LYS A 64 14.17 -15.18 -3.20
C LYS A 64 12.96 -15.24 -4.10
N GLN A 65 11.98 -14.44 -3.78
CA GLN A 65 10.70 -14.41 -4.46
C GLN A 65 10.60 -13.11 -5.24
N PRO A 66 9.64 -12.99 -6.18
CA PRO A 66 9.38 -11.73 -6.84
C PRO A 66 8.76 -10.77 -5.83
N GLY A 67 9.51 -9.78 -5.46
CA GLY A 67 9.04 -8.86 -4.49
C GLY A 67 8.59 -7.61 -5.16
N ILE A 68 7.50 -7.08 -4.73
CA ILE A 68 7.00 -5.88 -5.32
C ILE A 68 7.40 -4.73 -4.40
N PHE A 69 8.19 -3.85 -4.91
CA PHE A 69 8.70 -2.75 -4.11
C PHE A 69 8.19 -1.47 -4.67
N ILE A 70 8.21 -0.43 -3.87
CA ILE A 70 7.86 0.86 -4.36
C ILE A 70 9.01 1.34 -5.26
N SER A 71 8.69 1.81 -6.41
CA SER A 71 9.72 2.19 -7.34
C SER A 71 10.08 3.66 -7.17
N ARG A 72 9.08 4.50 -7.10
CA ARG A 72 9.29 5.92 -7.07
C ARG A 72 8.00 6.57 -6.60
N LEU A 73 8.11 7.72 -6.02
CA LEU A 73 6.96 8.49 -5.59
C LEU A 73 6.56 9.47 -6.67
N VAL A 74 5.28 9.69 -6.80
CA VAL A 74 4.79 10.69 -7.72
C VAL A 74 4.89 12.03 -7.02
N PRO A 75 5.55 13.04 -7.64
CA PRO A 75 5.71 14.35 -7.02
C PRO A 75 4.35 14.99 -6.73
N GLY A 76 4.15 15.36 -5.50
CA GLY A 76 2.89 15.94 -5.08
C GLY A 76 1.83 14.88 -4.87
N GLY A 77 2.24 13.63 -4.95
CA GLY A 77 1.34 12.53 -4.77
C GLY A 77 1.06 12.28 -3.32
N LEU A 78 -0.04 11.60 -3.05
CA LEU A 78 -0.51 11.34 -1.70
C LEU A 78 0.58 10.73 -0.80
N ALA A 79 1.24 9.69 -1.31
CA ALA A 79 2.23 8.97 -0.51
C ALA A 79 3.46 9.82 -0.25
N GLU A 80 3.85 10.62 -1.25
CA GLU A 80 5.01 11.49 -1.12
C GLU A 80 4.70 12.61 -0.16
N SER A 81 3.55 13.24 -0.36
CA SER A 81 3.11 14.36 0.43
C SER A 81 3.03 14.01 1.90
N THR A 82 2.62 12.80 2.20
CA THR A 82 2.47 12.43 3.56
C THR A 82 3.78 11.84 4.13
N GLY A 83 4.57 11.16 3.29
CA GLY A 83 5.85 10.60 3.72
C GLY A 83 5.69 9.34 4.55
N LEU A 84 4.56 8.69 4.39
CA LEU A 84 4.25 7.45 5.14
C LEU A 84 4.76 6.23 4.41
N LEU A 85 5.24 6.42 3.21
CA LEU A 85 5.76 5.35 2.41
C LEU A 85 7.03 5.86 1.74
N ALA A 86 8.00 5.00 1.59
CA ALA A 86 9.24 5.35 0.95
C ALA A 86 9.55 4.35 -0.15
N VAL A 87 10.47 4.70 -1.04
CA VAL A 87 10.83 3.84 -2.18
C VAL A 87 11.35 2.46 -1.77
N ASN A 88 12.00 2.37 -0.65
CA ASN A 88 12.51 1.09 -0.23
C ASN A 88 11.48 0.17 0.35
N ASP A 89 10.38 0.72 0.84
CA ASP A 89 9.34 -0.10 1.43
C ASP A 89 8.77 -1.05 0.39
N GLU A 90 8.57 -2.26 0.80
CA GLU A 90 8.07 -3.29 -0.06
C GLU A 90 6.59 -3.42 0.18
N VAL A 91 5.82 -3.61 -0.85
CA VAL A 91 4.39 -3.73 -0.66
C VAL A 91 4.05 -5.17 -0.26
N ILE A 92 3.12 -5.32 0.66
CA ILE A 92 2.72 -6.64 1.14
C ILE A 92 1.29 -6.96 0.68
N GLU A 93 0.39 -6.01 0.89
CA GLU A 93 -1.00 -6.22 0.56
C GLU A 93 -1.56 -5.03 -0.13
N VAL A 94 -2.45 -5.30 -1.01
CA VAL A 94 -3.20 -4.29 -1.69
C VAL A 94 -4.70 -4.60 -1.54
N ASN A 95 -5.36 -3.83 -0.68
CA ASN A 95 -6.82 -3.94 -0.34
C ASN A 95 -7.08 -5.11 0.61
N GLY A 96 -6.23 -6.09 0.52
CA GLY A 96 -6.36 -7.31 1.26
C GLY A 96 -5.78 -8.43 0.44
N ILE A 97 -5.47 -8.12 -0.81
CA ILE A 97 -4.87 -9.05 -1.73
C ILE A 97 -3.38 -9.07 -1.47
N GLU A 98 -2.82 -10.21 -1.18
CA GLU A 98 -1.37 -10.30 -1.02
C GLU A 98 -0.75 -10.13 -2.36
N VAL A 99 0.29 -9.36 -2.41
CA VAL A 99 0.97 -9.10 -3.66
C VAL A 99 1.91 -10.24 -4.03
N ALA A 100 2.00 -11.24 -3.16
CA ALA A 100 2.86 -12.36 -3.44
C ALA A 100 2.23 -13.19 -4.54
N GLY A 101 2.96 -13.35 -5.62
CA GLY A 101 2.45 -14.11 -6.74
C GLY A 101 1.68 -13.25 -7.73
N LYS A 102 1.51 -11.97 -7.40
CA LYS A 102 0.79 -11.06 -8.27
C LYS A 102 1.81 -10.35 -9.15
N THR A 103 1.46 -10.05 -10.36
CA THR A 103 2.36 -9.31 -11.22
C THR A 103 2.12 -7.84 -11.04
N LEU A 104 3.02 -7.02 -11.53
CA LEU A 104 2.87 -5.59 -11.49
C LEU A 104 1.63 -5.18 -12.26
N ASP A 105 1.36 -5.90 -13.33
CA ASP A 105 0.16 -5.70 -14.13
C ASP A 105 -1.05 -5.85 -13.26
N GLN A 106 -1.09 -6.97 -12.53
CA GLN A 106 -2.18 -7.28 -11.65
C GLN A 106 -2.24 -6.35 -10.45
N VAL A 107 -1.10 -6.11 -9.80
CA VAL A 107 -1.07 -5.27 -8.62
C VAL A 107 -1.48 -3.83 -8.93
N THR A 108 -0.94 -3.26 -10.02
CA THR A 108 -1.32 -1.90 -10.41
C THR A 108 -2.81 -1.82 -10.70
N ASP A 109 -3.30 -2.78 -11.49
CA ASP A 109 -4.73 -2.84 -11.82
C ASP A 109 -5.56 -2.97 -10.58
N MET A 110 -5.15 -3.86 -9.68
CA MET A 110 -5.88 -4.13 -8.46
C MET A 110 -5.98 -2.85 -7.61
N MET A 111 -4.88 -2.13 -7.53
CA MET A 111 -4.85 -0.89 -6.79
C MET A 111 -5.69 0.20 -7.41
N VAL A 112 -5.61 0.35 -8.72
CA VAL A 112 -6.43 1.35 -9.41
C VAL A 112 -7.92 0.95 -9.32
N ALA A 113 -8.17 -0.35 -9.32
CA ALA A 113 -9.52 -0.91 -9.20
C ALA A 113 -10.18 -0.46 -7.91
N ASN A 114 -9.43 -0.49 -6.84
CA ASN A 114 -9.95 -0.11 -5.52
C ASN A 114 -9.46 1.25 -5.12
N SER A 115 -9.14 2.07 -6.10
CA SER A 115 -8.56 3.40 -5.88
C SER A 115 -9.41 4.30 -4.96
N SER A 116 -10.73 4.10 -4.96
CA SER A 116 -11.65 4.88 -4.16
C SER A 116 -11.40 4.68 -2.67
N ASN A 117 -11.16 3.46 -2.30
CA ASN A 117 -10.85 3.13 -0.95
C ASN A 117 -9.94 1.94 -0.95
N LEU A 118 -8.67 2.22 -0.88
CA LEU A 118 -7.65 1.22 -1.01
C LEU A 118 -6.84 1.13 0.26
N ILE A 119 -6.60 -0.06 0.68
CA ILE A 119 -5.86 -0.34 1.88
C ILE A 119 -4.52 -0.89 1.45
N ILE A 120 -3.46 -0.19 1.72
CA ILE A 120 -2.16 -0.61 1.26
C ILE A 120 -1.28 -1.01 2.43
N THR A 121 -0.85 -2.25 2.44
CA THR A 121 0.04 -2.74 3.47
C THR A 121 1.42 -2.86 2.87
N VAL A 122 2.36 -2.14 3.40
CA VAL A 122 3.74 -2.26 2.97
C VAL A 122 4.59 -2.61 4.15
N LYS A 123 5.83 -2.95 3.91
CA LYS A 123 6.76 -3.15 5.00
C LYS A 123 8.11 -2.58 4.67
N PRO A 124 8.75 -1.90 5.64
CA PRO A 124 10.09 -1.38 5.47
C PRO A 124 11.05 -2.51 5.17
N ALA A 125 11.88 -2.30 4.21
CA ALA A 125 12.85 -3.29 3.80
C ALA A 125 14.13 -3.11 4.60
N ASN A 126 14.10 -2.10 5.47
CA ASN A 126 15.23 -1.69 6.29
C ASN A 126 16.34 -1.24 5.37
N GLN A 127 16.07 -0.12 4.68
CA GLN A 127 16.98 0.53 3.74
C GLN A 127 17.22 -0.26 2.44
N ARG A 128 17.30 -1.55 2.54
CA ARG A 128 17.56 -2.42 1.40
C ARG A 128 17.35 -3.90 1.75
N GLY A 1 -8.43 -1.67 23.36
CA GLY A 1 -9.03 -1.63 22.03
C GLY A 1 -8.94 -0.26 21.44
N SER A 2 -9.57 -0.06 20.31
CA SER A 2 -9.57 1.23 19.69
C SER A 2 -10.94 1.86 19.77
N LYS A 3 -11.98 1.00 19.88
CA LYS A 3 -13.39 1.40 19.97
C LYS A 3 -13.75 2.50 18.98
N THR A 4 -14.00 2.12 17.75
CA THR A 4 -14.32 3.10 16.76
C THR A 4 -15.32 2.56 15.72
N LYS A 5 -16.44 3.22 15.64
CA LYS A 5 -17.41 3.00 14.61
C LYS A 5 -17.98 4.33 14.28
N ALA A 6 -17.98 4.69 13.03
CA ALA A 6 -18.45 5.96 12.64
C ALA A 6 -19.76 5.86 11.88
N PRO A 7 -20.87 6.29 12.50
CA PRO A 7 -22.14 6.38 11.81
C PRO A 7 -22.13 7.61 10.90
N SER A 8 -21.34 8.59 11.29
CA SER A 8 -21.21 9.80 10.57
C SER A 8 -20.13 9.65 9.51
N ILE A 9 -20.54 9.12 8.38
CA ILE A 9 -19.64 8.99 7.23
C ILE A 9 -19.78 10.26 6.38
N SER A 10 -20.85 10.99 6.67
CA SER A 10 -21.24 12.21 6.01
C SER A 10 -20.05 13.16 5.82
N ILE A 11 -19.65 13.34 4.59
CA ILE A 11 -18.56 14.22 4.25
C ILE A 11 -19.07 15.61 3.93
N PRO A 12 -18.31 16.65 4.30
CA PRO A 12 -18.65 18.01 3.92
C PRO A 12 -18.37 18.20 2.42
N HIS A 13 -18.64 19.37 1.89
CA HIS A 13 -18.38 19.60 0.46
C HIS A 13 -16.88 19.74 0.25
N ASP A 14 -16.20 20.11 1.30
CA ASP A 14 -14.76 20.17 1.30
C ASP A 14 -14.25 18.78 1.53
N PHE A 15 -13.87 18.12 0.47
CA PHE A 15 -13.41 16.78 0.58
C PHE A 15 -11.91 16.78 0.58
N ARG A 16 -11.37 16.70 1.76
CA ARG A 16 -9.96 16.67 1.93
C ARG A 16 -9.63 15.47 2.76
N CYS A 17 -9.05 14.49 2.15
CA CYS A 17 -8.75 13.28 2.82
C CYS A 17 -7.25 13.14 2.99
N VAL A 18 -6.83 12.60 4.09
CA VAL A 18 -5.43 12.46 4.40
C VAL A 18 -5.04 11.01 4.61
N SER A 19 -3.87 10.65 4.13
CA SER A 19 -3.36 9.31 4.30
C SER A 19 -2.96 9.07 5.75
N ALA A 20 -3.29 7.91 6.24
CA ALA A 20 -3.13 7.56 7.62
C ALA A 20 -2.73 6.11 7.73
N ILE A 21 -2.13 5.75 8.83
CA ILE A 21 -1.72 4.38 9.07
C ILE A 21 -2.85 3.70 9.79
N ILE A 22 -3.54 2.85 9.09
CA ILE A 22 -4.71 2.20 9.62
C ILE A 22 -4.37 0.81 10.10
N ASP A 23 -5.17 0.32 11.07
CA ASP A 23 -4.96 -1.00 11.70
C ASP A 23 -3.64 -1.03 12.43
N VAL A 24 -3.15 0.16 12.79
CA VAL A 24 -1.86 0.35 13.46
C VAL A 24 -1.77 -0.42 14.79
N ASP A 25 -2.90 -0.62 15.42
CA ASP A 25 -2.96 -1.33 16.69
C ASP A 25 -2.88 -2.84 16.48
N ILE A 26 -3.17 -3.27 15.28
CA ILE A 26 -3.20 -4.68 14.96
C ILE A 26 -1.90 -5.10 14.29
N VAL A 27 -1.57 -4.43 13.21
CA VAL A 27 -0.46 -4.76 12.38
C VAL A 27 0.90 -4.49 13.11
N PRO A 28 1.90 -5.37 12.91
CA PRO A 28 3.24 -5.18 13.46
C PRO A 28 3.96 -4.06 12.73
N GLU A 29 4.93 -3.45 13.41
CA GLU A 29 5.67 -2.29 12.86
C GLU A 29 6.54 -2.68 11.66
N THR A 30 6.69 -3.97 11.44
CA THR A 30 7.41 -4.51 10.32
C THR A 30 6.56 -4.46 9.04
N HIS A 31 5.33 -3.98 9.19
CA HIS A 31 4.42 -3.69 8.11
C HIS A 31 3.92 -2.27 8.25
N ARG A 32 3.61 -1.66 7.16
CA ARG A 32 3.12 -0.33 7.16
C ARG A 32 1.92 -0.24 6.24
N ARG A 33 0.79 0.11 6.83
CA ARG A 33 -0.44 0.24 6.10
C ARG A 33 -0.84 1.68 5.97
N VAL A 34 -1.01 2.12 4.77
CA VAL A 34 -1.50 3.45 4.51
C VAL A 34 -2.81 3.36 3.79
N ARG A 35 -3.66 4.25 4.07
CA ARG A 35 -4.96 4.23 3.48
C ARG A 35 -5.00 5.18 2.31
N LEU A 36 -5.41 4.69 1.17
CA LEU A 36 -5.57 5.54 0.02
C LEU A 36 -6.98 6.03 -0.01
N CYS A 37 -7.11 7.27 -0.27
CA CYS A 37 -8.38 7.87 -0.41
C CYS A 37 -8.47 8.41 -1.83
N LYS A 38 -9.63 8.79 -2.25
CA LYS A 38 -9.84 9.14 -3.62
C LYS A 38 -9.32 10.56 -3.93
N HIS A 39 -8.41 10.62 -4.91
CA HIS A 39 -7.84 11.87 -5.42
C HIS A 39 -7.79 11.77 -6.92
N GLY A 40 -7.92 12.90 -7.60
CA GLY A 40 -7.80 12.96 -9.04
C GLY A 40 -8.90 12.22 -9.79
N SER A 41 -9.95 11.87 -9.07
CA SER A 41 -11.11 11.15 -9.59
C SER A 41 -10.78 9.72 -10.04
N ASP A 42 -10.01 9.55 -11.11
CA ASP A 42 -9.65 8.20 -11.56
C ASP A 42 -8.18 8.09 -11.87
N LYS A 43 -7.44 9.14 -11.58
CA LYS A 43 -6.00 9.15 -11.83
C LYS A 43 -5.29 8.07 -11.00
N PRO A 44 -4.25 7.44 -11.60
CA PRO A 44 -3.42 6.42 -10.93
C PRO A 44 -2.83 6.92 -9.61
N LEU A 45 -2.51 5.97 -8.74
CA LEU A 45 -2.00 6.25 -7.41
C LEU A 45 -0.66 7.03 -7.48
N GLY A 46 -0.23 7.59 -6.36
CA GLY A 46 0.97 8.38 -6.37
C GLY A 46 2.24 7.61 -6.10
N PHE A 47 2.24 6.34 -6.38
CA PHE A 47 3.43 5.55 -6.27
C PHE A 47 3.50 4.57 -7.43
N TYR A 48 4.69 4.28 -7.87
CA TYR A 48 4.91 3.32 -8.94
C TYR A 48 5.48 2.08 -8.32
N ILE A 49 5.38 0.97 -8.99
CA ILE A 49 5.96 -0.26 -8.49
C ILE A 49 6.96 -0.86 -9.46
N ARG A 50 7.86 -1.63 -8.91
CA ARG A 50 8.90 -2.34 -9.64
C ARG A 50 8.95 -3.75 -9.11
N ASP A 51 9.71 -4.60 -9.75
CA ASP A 51 9.74 -5.99 -9.34
C ASP A 51 11.15 -6.41 -9.08
N GLY A 52 11.33 -7.20 -8.08
CA GLY A 52 12.64 -7.68 -7.74
C GLY A 52 12.54 -8.82 -6.79
N THR A 53 13.56 -9.06 -6.04
CA THR A 53 13.51 -10.12 -5.09
C THR A 53 13.31 -9.60 -3.68
N SER A 54 12.46 -10.26 -2.98
CA SER A 54 12.07 -9.92 -1.66
C SER A 54 12.77 -10.85 -0.69
N VAL A 55 12.95 -10.38 0.53
CA VAL A 55 13.52 -11.18 1.58
C VAL A 55 12.43 -11.46 2.59
N ARG A 56 12.08 -12.70 2.70
CA ARG A 56 11.09 -13.14 3.63
C ARG A 56 11.79 -13.90 4.73
N VAL A 57 11.56 -13.51 5.96
CA VAL A 57 12.18 -14.19 7.06
C VAL A 57 11.20 -15.17 7.66
N THR A 58 11.51 -16.44 7.55
CA THR A 58 10.70 -17.49 8.09
C THR A 58 11.46 -18.23 9.19
N ALA A 59 10.83 -19.25 9.75
CA ALA A 59 11.42 -20.03 10.82
C ALA A 59 12.63 -20.82 10.33
N SER A 60 12.65 -21.12 9.07
CA SER A 60 13.75 -21.85 8.48
C SER A 60 14.91 -20.91 8.13
N GLY A 61 14.62 -19.62 8.07
CA GLY A 61 15.63 -18.64 7.76
C GLY A 61 15.12 -17.62 6.78
N LEU A 62 16.01 -17.01 6.02
CA LEU A 62 15.59 -16.05 5.03
C LEU A 62 15.30 -16.78 3.74
N GLU A 63 14.32 -16.35 3.03
CA GLU A 63 14.00 -16.92 1.77
C GLU A 63 13.76 -15.82 0.76
N LYS A 64 14.15 -16.06 -0.47
CA LYS A 64 14.07 -15.04 -1.50
C LYS A 64 12.93 -15.38 -2.45
N GLN A 65 12.05 -14.43 -2.64
CA GLN A 65 10.87 -14.62 -3.48
C GLN A 65 10.72 -13.40 -4.40
N PRO A 66 9.94 -13.49 -5.48
CA PRO A 66 9.69 -12.34 -6.34
C PRO A 66 8.75 -11.35 -5.64
N GLY A 67 9.24 -10.19 -5.35
CA GLY A 67 8.45 -9.22 -4.62
C GLY A 67 8.20 -7.97 -5.43
N ILE A 68 7.22 -7.23 -5.02
CA ILE A 68 6.83 -6.03 -5.71
C ILE A 68 7.23 -4.83 -4.85
N PHE A 69 8.11 -4.00 -5.36
CA PHE A 69 8.63 -2.87 -4.58
C PHE A 69 8.11 -1.59 -5.11
N ILE A 70 8.17 -0.55 -4.31
CA ILE A 70 7.84 0.78 -4.76
C ILE A 70 8.99 1.26 -5.65
N SER A 71 8.68 1.79 -6.78
CA SER A 71 9.72 2.21 -7.69
C SER A 71 10.03 3.71 -7.49
N ARG A 72 9.00 4.50 -7.43
CA ARG A 72 9.14 5.95 -7.31
C ARG A 72 7.81 6.51 -6.87
N LEU A 73 7.83 7.66 -6.24
CA LEU A 73 6.63 8.33 -5.85
C LEU A 73 6.41 9.52 -6.74
N VAL A 74 5.18 9.82 -7.04
CA VAL A 74 4.87 10.96 -7.85
C VAL A 74 5.02 12.23 -7.00
N PRO A 75 5.64 13.29 -7.54
CA PRO A 75 5.80 14.55 -6.82
C PRO A 75 4.45 15.16 -6.49
N GLY A 76 4.22 15.43 -5.22
CA GLY A 76 2.96 15.97 -4.79
C GLY A 76 1.93 14.88 -4.54
N GLY A 77 2.35 13.63 -4.73
CA GLY A 77 1.48 12.50 -4.54
C GLY A 77 1.27 12.22 -3.10
N LEU A 78 0.21 11.49 -2.80
CA LEU A 78 -0.22 11.22 -1.45
C LEU A 78 0.91 10.66 -0.56
N ALA A 79 1.60 9.64 -1.06
CA ALA A 79 2.66 8.99 -0.32
C ALA A 79 3.84 9.92 -0.07
N GLU A 80 4.16 10.72 -1.06
CA GLU A 80 5.27 11.66 -1.00
C GLU A 80 4.90 12.85 -0.11
N SER A 81 3.68 13.31 -0.27
CA SER A 81 3.15 14.42 0.47
C SER A 81 3.09 14.13 1.97
N THR A 82 2.65 12.94 2.35
CA THR A 82 2.56 12.63 3.74
C THR A 82 3.93 12.16 4.29
N GLY A 83 4.77 11.60 3.40
CA GLY A 83 6.10 11.14 3.78
C GLY A 83 6.08 9.88 4.61
N LEU A 84 5.10 9.04 4.38
CA LEU A 84 4.95 7.81 5.15
C LEU A 84 5.65 6.62 4.54
N LEU A 85 5.83 6.61 3.24
CA LEU A 85 6.42 5.43 2.61
C LEU A 85 7.73 5.82 1.93
N ALA A 86 8.57 4.84 1.72
CA ALA A 86 9.81 5.05 1.02
C ALA A 86 9.86 4.12 -0.19
N VAL A 87 10.63 4.50 -1.19
CA VAL A 87 10.76 3.70 -2.42
C VAL A 87 11.32 2.30 -2.16
N ASN A 88 12.12 2.18 -1.14
CA ASN A 88 12.73 0.89 -0.81
C ASN A 88 11.71 -0.11 -0.30
N ASP A 89 10.61 0.39 0.25
CA ASP A 89 9.59 -0.47 0.84
C ASP A 89 8.88 -1.25 -0.26
N GLU A 90 8.50 -2.47 0.03
CA GLU A 90 7.80 -3.27 -0.94
C GLU A 90 6.37 -3.46 -0.52
N VAL A 91 5.49 -3.61 -1.49
CA VAL A 91 4.10 -3.79 -1.21
C VAL A 91 3.80 -5.25 -0.87
N ILE A 92 3.16 -5.44 0.26
CA ILE A 92 2.80 -6.74 0.75
C ILE A 92 1.37 -7.05 0.38
N GLU A 93 0.51 -6.08 0.58
CA GLU A 93 -0.90 -6.23 0.32
C GLU A 93 -1.48 -4.98 -0.23
N VAL A 94 -2.41 -5.16 -1.10
CA VAL A 94 -3.17 -4.07 -1.64
C VAL A 94 -4.65 -4.40 -1.47
N ASN A 95 -5.27 -3.74 -0.49
CA ASN A 95 -6.69 -3.91 -0.10
C ASN A 95 -6.93 -5.26 0.58
N GLY A 96 -5.87 -6.02 0.73
CA GLY A 96 -5.96 -7.35 1.29
C GLY A 96 -5.43 -8.38 0.32
N ILE A 97 -5.17 -7.94 -0.90
CA ILE A 97 -4.61 -8.79 -1.93
C ILE A 97 -3.11 -8.94 -1.65
N GLU A 98 -2.62 -10.17 -1.59
CA GLU A 98 -1.21 -10.46 -1.21
C GLU A 98 -0.23 -10.09 -2.30
N VAL A 99 -0.74 -9.53 -3.40
CA VAL A 99 0.03 -9.13 -4.61
C VAL A 99 0.75 -10.29 -5.34
N ALA A 100 0.96 -11.39 -4.62
CA ALA A 100 1.60 -12.57 -5.16
C ALA A 100 0.69 -13.22 -6.19
N GLY A 101 1.22 -13.46 -7.35
CA GLY A 101 0.44 -14.03 -8.41
C GLY A 101 0.12 -12.99 -9.46
N LYS A 102 0.17 -11.74 -9.06
CA LYS A 102 -0.07 -10.64 -9.97
C LYS A 102 1.22 -10.10 -10.51
N THR A 103 1.12 -9.56 -11.67
CA THR A 103 2.17 -8.85 -12.30
C THR A 103 2.04 -7.40 -11.89
N LEU A 104 3.01 -6.58 -12.22
CA LEU A 104 2.95 -5.17 -11.92
C LEU A 104 1.78 -4.52 -12.59
N ASP A 105 1.50 -4.95 -13.79
CA ASP A 105 0.36 -4.47 -14.53
C ASP A 105 -0.94 -4.81 -13.81
N GLN A 106 -1.02 -6.01 -13.29
CA GLN A 106 -2.21 -6.43 -12.56
C GLN A 106 -2.29 -5.82 -11.17
N VAL A 107 -1.16 -5.68 -10.48
CA VAL A 107 -1.17 -5.08 -9.14
C VAL A 107 -1.59 -3.62 -9.23
N THR A 108 -0.99 -2.88 -10.16
CA THR A 108 -1.38 -1.48 -10.36
C THR A 108 -2.86 -1.39 -10.72
N ASP A 109 -3.28 -2.26 -11.64
CA ASP A 109 -4.68 -2.34 -12.06
C ASP A 109 -5.60 -2.62 -10.89
N MET A 110 -5.18 -3.53 -10.00
CA MET A 110 -5.99 -3.94 -8.87
C MET A 110 -6.17 -2.72 -7.95
N MET A 111 -5.06 -2.01 -7.74
CA MET A 111 -5.07 -0.84 -6.90
C MET A 111 -5.93 0.27 -7.45
N VAL A 112 -5.84 0.50 -8.74
CA VAL A 112 -6.67 1.53 -9.37
C VAL A 112 -8.15 1.08 -9.32
N ALA A 113 -8.37 -0.25 -9.40
CA ALA A 113 -9.71 -0.85 -9.40
C ALA A 113 -10.48 -0.49 -8.14
N ASN A 114 -9.82 -0.57 -7.00
CA ASN A 114 -10.46 -0.17 -5.75
C ASN A 114 -10.14 1.28 -5.53
N SER A 115 -10.90 2.09 -6.21
CA SER A 115 -10.65 3.49 -6.34
C SER A 115 -11.05 4.31 -5.10
N SER A 116 -12.06 3.87 -4.40
CA SER A 116 -12.60 4.66 -3.33
C SER A 116 -11.76 4.50 -2.05
N ASN A 117 -11.55 3.27 -1.63
CA ASN A 117 -10.82 2.98 -0.41
C ASN A 117 -9.92 1.82 -0.63
N LEU A 118 -8.67 2.08 -0.63
CA LEU A 118 -7.70 1.07 -0.90
C LEU A 118 -6.72 1.00 0.28
N ILE A 119 -6.41 -0.20 0.72
CA ILE A 119 -5.46 -0.38 1.80
C ILE A 119 -4.11 -0.66 1.20
N ILE A 120 -3.15 0.14 1.47
CA ILE A 120 -1.82 -0.18 0.96
C ILE A 120 -0.96 -0.66 2.10
N THR A 121 -0.50 -1.87 2.00
CA THR A 121 0.32 -2.46 3.02
C THR A 121 1.68 -2.75 2.45
N VAL A 122 2.67 -2.14 2.99
CA VAL A 122 4.02 -2.38 2.55
C VAL A 122 4.82 -2.91 3.74
N LYS A 123 5.99 -3.39 3.48
CA LYS A 123 6.89 -3.74 4.54
C LYS A 123 8.06 -2.81 4.45
N PRO A 124 8.33 -2.05 5.50
CA PRO A 124 9.43 -1.12 5.48
C PRO A 124 10.75 -1.82 5.30
N ALA A 125 11.57 -1.27 4.43
CA ALA A 125 12.91 -1.77 4.19
C ALA A 125 13.79 -1.36 5.36
N ASN A 126 13.23 -0.50 6.19
CA ASN A 126 13.79 -0.03 7.42
C ASN A 126 14.96 0.89 7.18
N GLN A 127 14.65 2.09 6.79
CA GLN A 127 15.65 3.08 6.62
C GLN A 127 15.81 3.81 7.93
N ARG A 128 16.91 3.56 8.58
CA ARG A 128 17.17 4.12 9.86
C ARG A 128 18.66 4.38 9.93
N GLY A 1 -21.86 -6.36 18.88
CA GLY A 1 -21.93 -6.38 17.41
C GLY A 1 -20.62 -5.97 16.78
N SER A 2 -19.63 -6.83 16.87
CA SER A 2 -18.36 -6.56 16.25
C SER A 2 -18.49 -6.76 14.75
N LYS A 3 -18.19 -5.69 14.01
CA LYS A 3 -18.37 -5.65 12.56
C LYS A 3 -19.85 -5.69 12.17
N THR A 4 -20.39 -4.54 11.96
CA THR A 4 -21.75 -4.36 11.53
C THR A 4 -21.77 -3.44 10.33
N LYS A 5 -22.81 -3.50 9.54
CA LYS A 5 -22.90 -2.65 8.37
C LYS A 5 -23.35 -1.26 8.78
N ALA A 6 -22.62 -0.28 8.33
CA ALA A 6 -22.96 1.10 8.57
C ALA A 6 -23.50 1.69 7.27
N PRO A 7 -24.82 2.01 7.21
CA PRO A 7 -25.45 2.59 6.02
C PRO A 7 -24.77 3.88 5.59
N SER A 8 -24.54 4.76 6.56
CA SER A 8 -23.88 6.04 6.37
C SER A 8 -24.58 6.90 5.32
N ILE A 9 -25.56 7.65 5.73
CA ILE A 9 -26.25 8.52 4.82
C ILE A 9 -25.57 9.86 4.84
N SER A 10 -24.66 10.04 3.92
CA SER A 10 -23.85 11.22 3.84
C SER A 10 -23.44 11.48 2.40
N ILE A 11 -23.12 12.71 2.10
CA ILE A 11 -22.68 13.07 0.76
C ILE A 11 -21.15 13.06 0.70
N PRO A 12 -20.57 12.61 -0.43
CA PRO A 12 -19.13 12.56 -0.58
C PRO A 12 -18.51 13.96 -0.67
N HIS A 13 -17.92 14.38 0.42
CA HIS A 13 -17.33 15.70 0.52
C HIS A 13 -15.92 15.66 -0.01
N ASP A 14 -15.48 16.75 -0.55
CA ASP A 14 -14.13 16.87 -1.01
C ASP A 14 -13.55 18.20 -0.63
N PHE A 15 -12.89 18.20 0.48
CA PHE A 15 -12.20 19.36 0.97
C PHE A 15 -10.78 18.94 1.28
N ARG A 16 -10.64 18.17 2.34
CA ARG A 16 -9.37 17.61 2.74
C ARG A 16 -9.58 16.23 3.32
N CYS A 17 -8.86 15.28 2.81
CA CYS A 17 -8.90 13.95 3.35
C CYS A 17 -7.53 13.63 3.92
N VAL A 18 -7.50 12.87 4.97
CA VAL A 18 -6.24 12.60 5.62
C VAL A 18 -5.66 11.24 5.23
N SER A 19 -4.38 11.23 4.95
CA SER A 19 -3.67 10.02 4.74
C SER A 19 -3.18 9.53 6.09
N ALA A 20 -3.62 8.37 6.47
CA ALA A 20 -3.38 7.87 7.79
C ALA A 20 -3.01 6.41 7.75
N ILE A 21 -2.34 5.98 8.79
CA ILE A 21 -1.94 4.61 8.93
C ILE A 21 -3.02 3.95 9.77
N ILE A 22 -3.76 3.07 9.16
CA ILE A 22 -4.91 2.48 9.83
C ILE A 22 -4.63 1.07 10.29
N ASP A 23 -5.55 0.52 11.09
CA ASP A 23 -5.43 -0.84 11.63
C ASP A 23 -4.21 -0.94 12.48
N VAL A 24 -3.96 0.09 13.26
CA VAL A 24 -2.76 0.22 14.08
C VAL A 24 -2.53 -0.99 15.04
N ASP A 25 -3.62 -1.56 15.55
CA ASP A 25 -3.52 -2.69 16.50
C ASP A 25 -3.31 -4.00 15.75
N ILE A 26 -3.62 -3.98 14.48
CA ILE A 26 -3.53 -5.14 13.62
C ILE A 26 -2.17 -5.17 12.96
N VAL A 27 -1.74 -4.02 12.50
CA VAL A 27 -0.49 -3.87 11.82
C VAL A 27 0.69 -3.89 12.78
N PRO A 28 1.60 -4.83 12.58
CA PRO A 28 2.82 -4.93 13.35
C PRO A 28 3.76 -3.82 12.92
N GLU A 29 4.69 -3.45 13.79
CA GLU A 29 5.63 -2.37 13.52
C GLU A 29 6.46 -2.64 12.24
N THR A 30 6.45 -3.87 11.79
CA THR A 30 7.16 -4.30 10.63
C THR A 30 6.37 -4.03 9.33
N HIS A 31 5.13 -3.56 9.43
CA HIS A 31 4.35 -3.21 8.25
C HIS A 31 3.89 -1.77 8.34
N ARG A 32 3.58 -1.19 7.22
CA ARG A 32 3.06 0.15 7.14
C ARG A 32 1.78 0.07 6.32
N ARG A 33 0.73 0.67 6.80
CA ARG A 33 -0.53 0.62 6.07
C ARG A 33 -1.09 2.00 5.84
N VAL A 34 -1.33 2.33 4.61
CA VAL A 34 -1.91 3.61 4.28
C VAL A 34 -3.24 3.43 3.63
N ARG A 35 -4.14 4.30 3.94
CA ARG A 35 -5.45 4.27 3.40
C ARG A 35 -5.51 5.43 2.39
N LEU A 36 -5.91 5.16 1.18
CA LEU A 36 -5.98 6.21 0.17
C LEU A 36 -7.33 6.83 0.22
N CYS A 37 -7.37 8.10 0.09
CA CYS A 37 -8.59 8.83 0.04
C CYS A 37 -8.67 9.49 -1.31
N LYS A 38 -9.86 9.66 -1.82
CA LYS A 38 -10.02 10.28 -3.09
C LYS A 38 -10.15 11.78 -2.85
N HIS A 39 -9.34 12.57 -3.54
CA HIS A 39 -9.29 14.01 -3.29
C HIS A 39 -9.14 14.77 -4.56
N GLY A 40 -9.97 15.77 -4.72
CA GLY A 40 -9.94 16.60 -5.90
C GLY A 40 -10.66 15.95 -7.02
N SER A 41 -10.36 14.68 -7.21
CA SER A 41 -10.90 13.87 -8.28
C SER A 41 -10.19 12.53 -8.24
N ASP A 42 -10.46 11.68 -9.19
CA ASP A 42 -9.81 10.42 -9.24
C ASP A 42 -8.46 10.55 -9.87
N LYS A 43 -7.52 10.92 -9.07
CA LYS A 43 -6.15 10.99 -9.49
C LYS A 43 -5.50 9.62 -9.30
N PRO A 44 -4.43 9.35 -10.06
CA PRO A 44 -3.66 8.10 -9.94
C PRO A 44 -2.98 7.98 -8.58
N LEU A 45 -2.68 6.76 -8.19
CA LEU A 45 -2.03 6.49 -6.93
C LEU A 45 -0.66 7.16 -6.92
N GLY A 46 -0.25 7.67 -5.78
CA GLY A 46 0.96 8.45 -5.71
C GLY A 46 2.26 7.66 -5.67
N PHE A 47 2.31 6.49 -6.30
CA PHE A 47 3.52 5.69 -6.35
C PHE A 47 3.50 4.70 -7.51
N TYR A 48 4.66 4.16 -7.81
CA TYR A 48 4.84 3.15 -8.85
C TYR A 48 5.40 1.91 -8.19
N ILE A 49 5.33 0.78 -8.85
CA ILE A 49 5.90 -0.46 -8.31
C ILE A 49 6.90 -1.09 -9.28
N ARG A 50 7.77 -1.89 -8.74
CA ARG A 50 8.80 -2.58 -9.50
C ARG A 50 8.96 -4.00 -9.02
N ASP A 51 9.56 -4.80 -9.84
CA ASP A 51 9.76 -6.20 -9.55
C ASP A 51 11.17 -6.44 -9.09
N GLY A 52 11.40 -7.57 -8.49
CA GLY A 52 12.70 -7.94 -8.02
C GLY A 52 12.59 -9.04 -7.01
N THR A 53 13.68 -9.58 -6.59
CA THR A 53 13.60 -10.61 -5.59
C THR A 53 13.85 -9.97 -4.22
N SER A 54 13.06 -10.36 -3.26
CA SER A 54 13.23 -9.87 -1.94
C SER A 54 13.72 -11.01 -1.07
N VAL A 55 14.49 -10.66 -0.06
CA VAL A 55 14.94 -11.60 0.90
C VAL A 55 13.98 -11.53 2.06
N ARG A 56 13.24 -12.58 2.27
CA ARG A 56 12.25 -12.60 3.28
C ARG A 56 12.68 -13.48 4.42
N VAL A 57 12.51 -12.97 5.62
CA VAL A 57 12.83 -13.69 6.80
C VAL A 57 11.55 -14.22 7.43
N THR A 58 11.46 -15.51 7.54
CA THR A 58 10.33 -16.16 8.12
C THR A 58 10.79 -16.95 9.32
N ALA A 59 9.88 -17.69 9.92
CA ALA A 59 10.21 -18.56 11.03
C ALA A 59 11.04 -19.75 10.53
N SER A 60 11.02 -19.96 9.22
CA SER A 60 11.76 -21.01 8.60
C SER A 60 13.16 -20.55 8.19
N GLY A 61 13.34 -19.24 8.11
CA GLY A 61 14.64 -18.71 7.77
C GLY A 61 14.57 -17.68 6.68
N LEU A 62 15.66 -17.53 5.96
CA LEU A 62 15.73 -16.58 4.87
C LEU A 62 15.40 -17.23 3.58
N GLU A 63 14.59 -16.57 2.83
CA GLU A 63 14.15 -17.09 1.58
C GLU A 63 14.16 -15.99 0.52
N LYS A 64 14.44 -16.37 -0.71
CA LYS A 64 14.40 -15.41 -1.79
C LYS A 64 13.06 -15.60 -2.51
N GLN A 65 12.31 -14.54 -2.65
CA GLN A 65 11.01 -14.61 -3.34
C GLN A 65 10.77 -13.35 -4.14
N PRO A 66 10.02 -13.43 -5.25
CA PRO A 66 9.63 -12.26 -6.04
C PRO A 66 8.85 -11.29 -5.17
N GLY A 67 9.34 -10.10 -5.06
CA GLY A 67 8.71 -9.12 -4.23
C GLY A 67 8.36 -7.93 -5.02
N ILE A 68 7.22 -7.38 -4.78
CA ILE A 68 6.80 -6.21 -5.47
C ILE A 68 7.22 -5.01 -4.63
N PHE A 69 8.07 -4.20 -5.17
CA PHE A 69 8.60 -3.07 -4.43
C PHE A 69 8.04 -1.80 -4.99
N ILE A 70 8.13 -0.75 -4.24
CA ILE A 70 7.78 0.55 -4.73
C ILE A 70 8.90 0.98 -5.69
N SER A 71 8.56 1.46 -6.84
CA SER A 71 9.57 1.84 -7.81
C SER A 71 9.96 3.30 -7.63
N ARG A 72 8.97 4.15 -7.47
CA ARG A 72 9.18 5.57 -7.35
C ARG A 72 7.90 6.21 -6.82
N LEU A 73 8.02 7.33 -6.17
CA LEU A 73 6.87 8.09 -5.73
C LEU A 73 6.50 9.08 -6.81
N VAL A 74 5.23 9.31 -6.98
CA VAL A 74 4.76 10.26 -7.95
C VAL A 74 4.80 11.64 -7.31
N PRO A 75 5.60 12.58 -7.84
CA PRO A 75 5.67 13.93 -7.27
C PRO A 75 4.31 14.61 -7.32
N GLY A 76 3.83 15.04 -6.19
CA GLY A 76 2.52 15.63 -6.11
C GLY A 76 1.45 14.57 -5.84
N GLY A 77 1.90 13.34 -5.68
CA GLY A 77 1.02 12.25 -5.38
C GLY A 77 0.87 12.07 -3.90
N LEU A 78 -0.22 11.45 -3.47
CA LEU A 78 -0.53 11.32 -2.05
C LEU A 78 0.59 10.64 -1.24
N ALA A 79 1.15 9.55 -1.76
CA ALA A 79 2.15 8.81 -1.01
C ALA A 79 3.43 9.62 -0.86
N GLU A 80 3.69 10.43 -1.86
CA GLU A 80 4.84 11.31 -1.88
C GLU A 80 4.57 12.49 -0.94
N SER A 81 3.40 13.08 -1.10
CA SER A 81 2.97 14.22 -0.34
C SER A 81 2.97 13.93 1.17
N THR A 82 2.50 12.75 1.57
CA THR A 82 2.45 12.44 2.98
C THR A 82 3.75 11.78 3.47
N GLY A 83 4.54 11.26 2.54
CA GLY A 83 5.83 10.65 2.88
C GLY A 83 5.73 9.51 3.87
N LEU A 84 4.70 8.69 3.73
CA LEU A 84 4.50 7.58 4.65
C LEU A 84 5.05 6.28 4.09
N LEU A 85 5.50 6.33 2.86
CA LEU A 85 6.07 5.17 2.21
C LEU A 85 7.40 5.55 1.62
N ALA A 86 8.35 4.67 1.68
CA ALA A 86 9.65 4.91 1.11
C ALA A 86 9.73 4.21 -0.24
N VAL A 87 10.67 4.61 -1.06
CA VAL A 87 10.82 4.05 -2.40
C VAL A 87 11.25 2.60 -2.33
N ASN A 88 11.99 2.29 -1.33
CA ASN A 88 12.52 0.96 -1.19
C ASN A 88 11.51 -0.05 -0.70
N ASP A 89 10.47 0.43 0.00
CA ASP A 89 9.50 -0.46 0.68
C ASP A 89 8.76 -1.35 -0.30
N GLU A 90 8.46 -2.56 0.14
CA GLU A 90 7.78 -3.53 -0.68
C GLU A 90 6.33 -3.70 -0.25
N VAL A 91 5.45 -3.90 -1.22
CA VAL A 91 4.04 -4.04 -0.96
C VAL A 91 3.69 -5.48 -0.55
N ILE A 92 3.03 -5.61 0.59
CA ILE A 92 2.67 -6.90 1.12
C ILE A 92 1.25 -7.29 0.70
N GLU A 93 0.32 -6.37 0.89
CA GLU A 93 -1.08 -6.60 0.58
C GLU A 93 -1.76 -5.32 0.16
N VAL A 94 -2.68 -5.44 -0.75
CA VAL A 94 -3.49 -4.34 -1.19
C VAL A 94 -4.99 -4.71 -1.05
N ASN A 95 -5.60 -4.24 0.05
CA ASN A 95 -7.02 -4.59 0.42
C ASN A 95 -7.24 -6.06 0.69
N GLY A 96 -6.18 -6.81 0.81
CA GLY A 96 -6.30 -8.22 1.06
C GLY A 96 -5.69 -9.06 -0.03
N ILE A 97 -5.24 -8.42 -1.09
CA ILE A 97 -4.57 -9.14 -2.16
C ILE A 97 -3.11 -9.28 -1.75
N GLU A 98 -2.61 -10.52 -1.68
CA GLU A 98 -1.24 -10.80 -1.18
C GLU A 98 -0.18 -10.33 -2.17
N VAL A 99 -0.63 -9.96 -3.37
CA VAL A 99 0.17 -9.48 -4.54
C VAL A 99 1.14 -10.51 -5.11
N ALA A 100 1.39 -11.56 -4.38
CA ALA A 100 2.21 -12.65 -4.83
C ALA A 100 1.45 -13.42 -5.88
N GLY A 101 2.09 -13.60 -7.02
CA GLY A 101 1.47 -14.32 -8.10
C GLY A 101 0.77 -13.40 -9.06
N LYS A 102 0.77 -12.12 -8.76
CA LYS A 102 0.15 -11.13 -9.61
C LYS A 102 1.29 -10.42 -10.31
N THR A 103 1.13 -10.04 -11.55
CA THR A 103 2.16 -9.29 -12.22
C THR A 103 2.04 -7.84 -11.83
N LEU A 104 3.06 -7.05 -12.12
CA LEU A 104 3.00 -5.61 -11.87
C LEU A 104 1.86 -4.99 -12.60
N ASP A 105 1.60 -5.49 -13.80
CA ASP A 105 0.48 -5.05 -14.62
C ASP A 105 -0.81 -5.29 -13.90
N GLN A 106 -0.92 -6.45 -13.29
CA GLN A 106 -2.10 -6.80 -12.56
C GLN A 106 -2.17 -6.06 -11.23
N VAL A 107 -1.05 -5.97 -10.51
CA VAL A 107 -1.05 -5.30 -9.21
C VAL A 107 -1.39 -3.82 -9.35
N THR A 108 -0.78 -3.15 -10.32
CA THR A 108 -1.13 -1.75 -10.57
C THR A 108 -2.60 -1.63 -10.94
N ASP A 109 -3.05 -2.53 -11.82
CA ASP A 109 -4.45 -2.59 -12.26
C ASP A 109 -5.38 -2.73 -11.07
N MET A 110 -5.05 -3.68 -10.18
CA MET A 110 -5.86 -3.98 -9.01
C MET A 110 -5.93 -2.75 -8.12
N MET A 111 -4.80 -2.10 -7.92
CA MET A 111 -4.74 -0.91 -7.10
C MET A 111 -5.48 0.27 -7.70
N VAL A 112 -5.41 0.44 -9.01
CA VAL A 112 -6.16 1.50 -9.67
C VAL A 112 -7.67 1.16 -9.63
N ALA A 113 -7.97 -0.14 -9.64
CA ALA A 113 -9.34 -0.62 -9.52
C ALA A 113 -9.93 -0.21 -8.18
N ASN A 114 -9.10 -0.27 -7.16
CA ASN A 114 -9.49 0.09 -5.80
C ASN A 114 -9.02 1.49 -5.45
N SER A 115 -8.84 2.33 -6.46
CA SER A 115 -8.27 3.67 -6.27
C SER A 115 -9.18 4.60 -5.39
N SER A 116 -10.45 4.26 -5.23
CA SER A 116 -11.33 5.08 -4.41
C SER A 116 -11.22 4.65 -2.96
N ASN A 117 -11.08 3.36 -2.74
CA ASN A 117 -10.93 2.83 -1.40
C ASN A 117 -9.85 1.79 -1.40
N LEU A 118 -8.65 2.19 -1.05
CA LEU A 118 -7.54 1.28 -1.05
C LEU A 118 -6.80 1.34 0.25
N ILE A 119 -6.52 0.19 0.76
CA ILE A 119 -5.78 0.01 1.97
C ILE A 119 -4.51 -0.73 1.59
N ILE A 120 -3.39 -0.08 1.78
CA ILE A 120 -2.13 -0.58 1.28
C ILE A 120 -1.23 -0.97 2.42
N THR A 121 -0.86 -2.21 2.45
CA THR A 121 0.02 -2.70 3.46
C THR A 121 1.38 -3.02 2.84
N VAL A 122 2.39 -2.32 3.29
CA VAL A 122 3.74 -2.54 2.80
C VAL A 122 4.62 -2.89 3.98
N LYS A 123 5.84 -3.27 3.73
CA LYS A 123 6.79 -3.47 4.80
C LYS A 123 8.05 -2.69 4.46
N PRO A 124 8.67 -2.01 5.44
CA PRO A 124 9.86 -1.22 5.19
C PRO A 124 11.02 -2.08 4.69
N ALA A 125 11.66 -1.62 3.66
CA ALA A 125 12.80 -2.35 3.12
C ALA A 125 14.09 -1.76 3.64
N ASN A 126 13.94 -0.86 4.59
CA ASN A 126 15.09 -0.27 5.25
C ASN A 126 15.58 -1.26 6.27
N GLN A 127 16.44 -2.15 5.82
CA GLN A 127 16.94 -3.23 6.64
C GLN A 127 17.93 -2.74 7.67
N ARG A 128 17.57 -2.90 8.92
CA ARG A 128 18.39 -2.49 10.03
C ARG A 128 18.79 -3.71 10.87
N GLY A 1 -9.57 13.32 15.98
CA GLY A 1 -11.03 13.20 15.92
C GLY A 1 -11.42 11.86 15.40
N SER A 2 -11.53 10.90 16.28
CA SER A 2 -11.91 9.57 15.89
C SER A 2 -13.39 9.52 15.63
N LYS A 3 -13.75 9.46 14.37
CA LYS A 3 -15.11 9.32 13.96
C LYS A 3 -15.22 8.18 12.98
N THR A 4 -14.55 7.11 13.36
CA THR A 4 -14.50 5.88 12.60
C THR A 4 -15.92 5.28 12.49
N LYS A 5 -16.77 5.65 13.45
CA LYS A 5 -18.15 5.26 13.48
C LYS A 5 -18.90 5.96 12.35
N ALA A 6 -19.53 5.20 11.51
CA ALA A 6 -20.27 5.77 10.42
C ALA A 6 -21.75 5.63 10.68
N PRO A 7 -22.45 6.74 10.99
CA PRO A 7 -23.88 6.74 11.19
C PRO A 7 -24.63 6.87 9.87
N SER A 8 -23.86 7.02 8.78
CA SER A 8 -24.37 7.17 7.42
C SER A 8 -25.12 8.49 7.23
N ILE A 9 -24.87 9.43 8.13
CA ILE A 9 -25.47 10.74 8.04
C ILE A 9 -24.77 11.57 6.99
N SER A 10 -23.60 11.13 6.59
CA SER A 10 -22.88 11.77 5.55
C SER A 10 -22.96 10.88 4.32
N ILE A 11 -23.06 11.49 3.17
CA ILE A 11 -23.12 10.76 1.93
C ILE A 11 -21.68 10.46 1.49
N PRO A 12 -21.38 9.21 1.07
CA PRO A 12 -20.06 8.85 0.57
C PRO A 12 -19.76 9.53 -0.76
N HIS A 13 -19.45 10.79 -0.67
CA HIS A 13 -19.11 11.65 -1.78
C HIS A 13 -18.40 12.83 -1.17
N ASP A 14 -17.85 12.56 0.00
CA ASP A 14 -17.17 13.55 0.81
C ASP A 14 -15.86 13.95 0.15
N PHE A 15 -15.52 15.20 0.24
CA PHE A 15 -14.39 15.72 -0.49
C PHE A 15 -13.07 15.76 0.30
N ARG A 16 -13.07 15.33 1.55
CA ARG A 16 -11.82 15.36 2.28
C ARG A 16 -11.08 14.04 2.14
N CYS A 17 -9.93 14.11 1.55
CA CYS A 17 -9.10 12.95 1.33
C CYS A 17 -7.91 13.05 2.22
N VAL A 18 -7.64 12.02 2.97
CA VAL A 18 -6.57 12.06 3.92
C VAL A 18 -5.87 10.71 4.01
N SER A 19 -4.56 10.75 4.03
CA SER A 19 -3.76 9.58 4.20
C SER A 19 -3.67 9.25 5.68
N ALA A 20 -3.78 8.00 6.01
CA ALA A 20 -3.78 7.59 7.38
C ALA A 20 -3.26 6.18 7.50
N ILE A 21 -2.73 5.85 8.66
CA ILE A 21 -2.21 4.53 8.92
C ILE A 21 -3.32 3.76 9.62
N ILE A 22 -3.85 2.78 8.95
CA ILE A 22 -4.96 2.04 9.49
C ILE A 22 -4.52 0.70 10.03
N ASP A 23 -5.38 0.10 10.85
CA ASP A 23 -5.15 -1.20 11.54
C ASP A 23 -3.97 -1.07 12.49
N VAL A 24 -3.59 0.16 12.81
CA VAL A 24 -2.39 0.48 13.60
C VAL A 24 -2.36 -0.24 14.97
N ASP A 25 -3.54 -0.50 15.53
CA ASP A 25 -3.62 -1.17 16.82
C ASP A 25 -3.16 -2.61 16.70
N ILE A 26 -3.56 -3.25 15.62
CA ILE A 26 -3.28 -4.66 15.39
C ILE A 26 -1.96 -4.83 14.64
N VAL A 27 -1.73 -3.96 13.69
CA VAL A 27 -0.55 -4.00 12.84
C VAL A 27 0.73 -3.65 13.59
N PRO A 28 1.69 -4.57 13.56
CA PRO A 28 3.01 -4.36 14.12
C PRO A 28 3.81 -3.44 13.22
N GLU A 29 4.79 -2.79 13.78
CA GLU A 29 5.65 -1.86 13.07
C GLU A 29 6.35 -2.51 11.87
N THR A 30 6.35 -3.84 11.84
CA THR A 30 6.90 -4.58 10.73
C THR A 30 6.04 -4.44 9.46
N HIS A 31 4.79 -3.97 9.60
CA HIS A 31 3.94 -3.66 8.45
C HIS A 31 3.41 -2.25 8.58
N ARG A 32 3.04 -1.66 7.47
CA ARG A 32 2.47 -0.33 7.45
C ARG A 32 1.36 -0.23 6.43
N ARG A 33 0.18 0.12 6.89
CA ARG A 33 -0.98 0.27 6.03
C ARG A 33 -1.40 1.70 5.91
N VAL A 34 -1.57 2.16 4.69
CA VAL A 34 -2.03 3.50 4.42
C VAL A 34 -3.35 3.47 3.66
N ARG A 35 -4.14 4.49 3.85
CA ARG A 35 -5.39 4.66 3.11
C ARG A 35 -5.15 5.62 1.96
N LEU A 36 -5.54 5.22 0.78
CA LEU A 36 -5.38 6.07 -0.40
C LEU A 36 -6.76 6.40 -0.97
N CYS A 37 -6.94 7.65 -1.32
CA CYS A 37 -8.16 8.18 -1.91
C CYS A 37 -7.80 9.23 -2.96
N LYS A 38 -8.75 9.60 -3.82
CA LYS A 38 -8.48 10.66 -4.78
C LYS A 38 -9.25 11.90 -4.40
N HIS A 39 -8.62 13.04 -4.60
CA HIS A 39 -9.17 14.31 -4.19
C HIS A 39 -9.86 14.99 -5.35
N GLY A 40 -11.16 14.86 -5.42
CA GLY A 40 -11.94 15.54 -6.44
C GLY A 40 -11.89 14.85 -7.79
N SER A 41 -10.76 14.35 -8.16
CA SER A 41 -10.64 13.67 -9.45
C SER A 41 -9.73 12.48 -9.35
N ASP A 42 -9.98 11.50 -10.19
CA ASP A 42 -9.24 10.28 -10.16
C ASP A 42 -7.82 10.46 -10.69
N LYS A 43 -6.95 10.77 -9.80
CA LYS A 43 -5.54 10.78 -10.11
C LYS A 43 -5.00 9.36 -10.05
N PRO A 44 -3.89 9.10 -10.75
CA PRO A 44 -3.17 7.85 -10.65
C PRO A 44 -2.50 7.78 -9.29
N LEU A 45 -2.23 6.60 -8.81
CA LEU A 45 -1.61 6.46 -7.52
C LEU A 45 -0.25 7.12 -7.54
N GLY A 46 0.06 7.88 -6.52
CA GLY A 46 1.29 8.64 -6.52
C GLY A 46 2.53 7.85 -6.15
N PHE A 47 2.61 6.64 -6.64
CA PHE A 47 3.76 5.81 -6.48
C PHE A 47 3.75 4.74 -7.56
N TYR A 48 4.90 4.36 -7.98
CA TYR A 48 5.07 3.33 -8.97
C TYR A 48 5.54 2.09 -8.27
N ILE A 49 5.31 0.94 -8.83
CA ILE A 49 5.83 -0.29 -8.26
C ILE A 49 6.74 -1.00 -9.23
N ARG A 50 7.64 -1.76 -8.68
CA ARG A 50 8.62 -2.50 -9.44
C ARG A 50 8.69 -3.91 -8.95
N ASP A 51 9.34 -4.73 -9.72
CA ASP A 51 9.48 -6.12 -9.40
C ASP A 51 10.94 -6.40 -9.14
N GLY A 52 11.22 -7.48 -8.51
CA GLY A 52 12.56 -7.84 -8.25
C GLY A 52 12.62 -8.94 -7.26
N THR A 53 13.79 -9.29 -6.87
CA THR A 53 13.94 -10.31 -5.90
C THR A 53 14.00 -9.75 -4.50
N SER A 54 13.13 -10.22 -3.69
CA SER A 54 13.04 -9.82 -2.33
C SER A 54 13.64 -10.93 -1.50
N VAL A 55 14.35 -10.56 -0.47
CA VAL A 55 14.97 -11.55 0.35
C VAL A 55 14.03 -11.83 1.48
N ARG A 56 13.57 -13.02 1.49
CA ARG A 56 12.55 -13.44 2.39
C ARG A 56 13.15 -14.35 3.42
N VAL A 57 13.07 -13.94 4.65
CA VAL A 57 13.52 -14.76 5.73
C VAL A 57 12.37 -15.65 6.11
N THR A 58 12.53 -16.90 5.88
CA THR A 58 11.50 -17.85 6.16
C THR A 58 11.92 -18.68 7.34
N ALA A 59 11.01 -19.50 7.83
CA ALA A 59 11.31 -20.42 8.92
C ALA A 59 12.29 -21.50 8.44
N SER A 60 12.42 -21.61 7.13
CA SER A 60 13.27 -22.59 6.51
C SER A 60 14.63 -21.96 6.11
N GLY A 61 14.79 -20.67 6.36
CA GLY A 61 16.03 -20.01 6.04
C GLY A 61 15.83 -18.88 5.07
N LEU A 62 16.76 -18.68 4.18
CA LEU A 62 16.67 -17.61 3.23
C LEU A 62 16.05 -18.05 1.94
N GLU A 63 15.08 -17.31 1.54
CA GLU A 63 14.37 -17.53 0.33
C GLU A 63 14.41 -16.28 -0.49
N LYS A 64 14.44 -16.43 -1.75
CA LYS A 64 14.37 -15.31 -2.63
C LYS A 64 13.07 -15.43 -3.38
N GLN A 65 12.26 -14.42 -3.35
CA GLN A 65 11.00 -14.46 -4.07
C GLN A 65 10.75 -13.16 -4.78
N PRO A 66 10.03 -13.19 -5.91
CA PRO A 66 9.63 -11.98 -6.62
C PRO A 66 8.76 -11.11 -5.71
N GLY A 67 9.31 -10.00 -5.34
CA GLY A 67 8.63 -9.11 -4.46
C GLY A 67 8.30 -7.84 -5.17
N ILE A 68 7.24 -7.21 -4.77
CA ILE A 68 6.81 -6.00 -5.41
C ILE A 68 7.25 -4.84 -4.52
N PHE A 69 8.10 -4.01 -5.04
CA PHE A 69 8.64 -2.89 -4.27
C PHE A 69 8.11 -1.61 -4.82
N ILE A 70 8.17 -0.58 -4.04
CA ILE A 70 7.83 0.72 -4.52
C ILE A 70 8.98 1.17 -5.44
N SER A 71 8.65 1.65 -6.59
CA SER A 71 9.65 2.03 -7.55
C SER A 71 10.05 3.49 -7.38
N ARG A 72 9.06 4.36 -7.31
CA ARG A 72 9.30 5.78 -7.24
C ARG A 72 8.03 6.50 -6.81
N LEU A 73 8.18 7.60 -6.12
CA LEU A 73 7.06 8.44 -5.74
C LEU A 73 6.86 9.54 -6.76
N VAL A 74 5.62 9.91 -7.02
CA VAL A 74 5.35 10.99 -7.95
C VAL A 74 5.42 12.32 -7.18
N PRO A 75 5.99 13.38 -7.76
CA PRO A 75 6.09 14.68 -7.08
C PRO A 75 4.71 15.22 -6.76
N GLY A 76 4.48 15.51 -5.49
CA GLY A 76 3.19 16.03 -5.07
C GLY A 76 2.15 14.94 -4.97
N GLY A 77 2.59 13.69 -5.05
CA GLY A 77 1.68 12.58 -4.98
C GLY A 77 1.32 12.28 -3.56
N LEU A 78 0.19 11.64 -3.37
CA LEU A 78 -0.34 11.34 -2.06
C LEU A 78 0.67 10.66 -1.13
N ALA A 79 1.31 9.59 -1.61
CA ALA A 79 2.24 8.84 -0.77
C ALA A 79 3.54 9.61 -0.56
N GLU A 80 3.87 10.44 -1.51
CA GLU A 80 5.07 11.25 -1.49
C GLU A 80 4.86 12.37 -0.49
N SER A 81 3.79 13.09 -0.71
CA SER A 81 3.44 14.26 0.05
C SER A 81 3.17 13.93 1.52
N THR A 82 2.63 12.76 1.78
CA THR A 82 2.35 12.41 3.15
C THR A 82 3.64 11.90 3.87
N GLY A 83 4.55 11.27 3.10
CA GLY A 83 5.81 10.78 3.68
C GLY A 83 5.63 9.60 4.63
N LEU A 84 4.66 8.77 4.35
CA LEU A 84 4.38 7.62 5.20
C LEU A 84 5.10 6.36 4.75
N LEU A 85 5.38 6.24 3.46
CA LEU A 85 6.04 5.05 2.93
C LEU A 85 7.27 5.50 2.13
N ALA A 86 8.24 4.62 1.96
CA ALA A 86 9.46 4.94 1.24
C ALA A 86 9.63 4.01 0.01
N VAL A 87 10.50 4.43 -0.92
CA VAL A 87 10.79 3.67 -2.17
C VAL A 87 11.30 2.25 -1.89
N ASN A 88 11.99 2.10 -0.81
CA ASN A 88 12.59 0.83 -0.47
C ASN A 88 11.57 -0.16 0.07
N ASP A 89 10.48 0.37 0.59
CA ASP A 89 9.42 -0.45 1.17
C ASP A 89 8.73 -1.25 0.09
N GLU A 90 8.32 -2.43 0.44
CA GLU A 90 7.68 -3.30 -0.53
C GLU A 90 6.25 -3.56 -0.11
N VAL A 91 5.37 -3.69 -1.08
CA VAL A 91 3.97 -3.88 -0.83
C VAL A 91 3.70 -5.35 -0.44
N ILE A 92 3.11 -5.52 0.71
CA ILE A 92 2.78 -6.83 1.21
C ILE A 92 1.37 -7.21 0.81
N GLU A 93 0.47 -6.24 0.89
CA GLU A 93 -0.94 -6.44 0.56
C GLU A 93 -1.55 -5.20 0.00
N VAL A 94 -2.42 -5.38 -0.92
CA VAL A 94 -3.22 -4.31 -1.43
C VAL A 94 -4.69 -4.68 -1.19
N ASN A 95 -5.34 -3.95 -0.31
CA ASN A 95 -6.70 -4.25 0.21
C ASN A 95 -6.60 -5.45 1.14
N GLY A 96 -6.38 -6.60 0.54
CA GLY A 96 -6.24 -7.83 1.25
C GLY A 96 -5.61 -8.85 0.33
N ILE A 97 -5.04 -8.36 -0.76
CA ILE A 97 -4.40 -9.17 -1.76
C ILE A 97 -2.93 -9.23 -1.41
N GLU A 98 -2.42 -10.42 -1.16
CA GLU A 98 -1.02 -10.61 -0.70
C GLU A 98 0.02 -10.41 -1.76
N VAL A 99 -0.42 -10.00 -2.94
CA VAL A 99 0.43 -9.71 -4.12
C VAL A 99 1.35 -10.87 -4.56
N ALA A 100 1.28 -12.00 -3.86
CA ALA A 100 2.07 -13.15 -4.20
C ALA A 100 1.50 -13.79 -5.45
N GLY A 101 2.32 -13.92 -6.47
CA GLY A 101 1.88 -14.51 -7.72
C GLY A 101 1.20 -13.49 -8.62
N LYS A 102 0.88 -12.33 -8.06
CA LYS A 102 0.22 -11.29 -8.79
C LYS A 102 1.30 -10.52 -9.54
N THR A 103 1.01 -10.13 -10.74
CA THR A 103 1.94 -9.36 -11.52
C THR A 103 1.77 -7.91 -11.24
N LEU A 104 2.70 -7.10 -11.70
CA LEU A 104 2.59 -5.66 -11.54
C LEU A 104 1.38 -5.15 -12.27
N ASP A 105 1.05 -5.82 -13.37
CA ASP A 105 -0.13 -5.52 -14.16
C ASP A 105 -1.36 -5.69 -13.30
N GLN A 106 -1.41 -6.82 -12.62
CA GLN A 106 -2.52 -7.15 -11.75
C GLN A 106 -2.54 -6.28 -10.51
N VAL A 107 -1.38 -6.09 -9.88
CA VAL A 107 -1.33 -5.32 -8.65
C VAL A 107 -1.68 -3.85 -8.90
N THR A 108 -1.10 -3.24 -9.95
CA THR A 108 -1.43 -1.85 -10.26
C THR A 108 -2.90 -1.70 -10.53
N ASP A 109 -3.44 -2.57 -11.39
CA ASP A 109 -4.85 -2.56 -11.72
C ASP A 109 -5.73 -2.76 -10.49
N MET A 110 -5.28 -3.63 -9.58
CA MET A 110 -6.06 -3.93 -8.38
C MET A 110 -6.13 -2.66 -7.53
N MET A 111 -5.01 -1.98 -7.42
CA MET A 111 -4.94 -0.74 -6.67
C MET A 111 -5.72 0.39 -7.32
N VAL A 112 -5.69 0.46 -8.64
CA VAL A 112 -6.47 1.48 -9.34
C VAL A 112 -7.97 1.15 -9.19
N ALA A 113 -8.27 -0.15 -9.12
CA ALA A 113 -9.64 -0.66 -8.97
C ALA A 113 -10.31 -0.10 -7.73
N ASN A 114 -9.57 -0.05 -6.63
CA ASN A 114 -10.09 0.53 -5.41
C ASN A 114 -9.67 1.97 -5.36
N SER A 115 -10.42 2.80 -6.03
CA SER A 115 -10.03 4.18 -6.19
C SER A 115 -10.32 5.05 -4.95
N SER A 116 -11.53 5.02 -4.49
CA SER A 116 -11.95 5.97 -3.46
C SER A 116 -11.48 5.55 -2.08
N ASN A 117 -11.22 4.28 -1.92
CA ASN A 117 -10.69 3.75 -0.68
C ASN A 117 -9.82 2.55 -0.96
N LEU A 118 -8.54 2.78 -0.93
CA LEU A 118 -7.59 1.74 -1.12
C LEU A 118 -6.79 1.55 0.14
N ILE A 119 -6.62 0.33 0.54
CA ILE A 119 -5.85 0.02 1.71
C ILE A 119 -4.52 -0.56 1.26
N ILE A 120 -3.45 0.12 1.52
CA ILE A 120 -2.15 -0.32 1.04
C ILE A 120 -1.29 -0.81 2.20
N THR A 121 -0.85 -2.03 2.12
CA THR A 121 -0.03 -2.62 3.14
C THR A 121 1.37 -2.81 2.61
N VAL A 122 2.32 -2.17 3.20
CA VAL A 122 3.69 -2.35 2.84
C VAL A 122 4.43 -2.77 4.08
N LYS A 123 5.65 -3.15 3.94
CA LYS A 123 6.47 -3.38 5.10
C LYS A 123 7.69 -2.54 4.96
N PRO A 124 8.19 -1.94 6.07
CA PRO A 124 9.39 -1.12 6.02
C PRO A 124 10.55 -1.95 5.55
N ALA A 125 11.29 -1.40 4.65
CA ALA A 125 12.42 -2.06 4.06
C ALA A 125 13.40 -2.52 5.11
N ASN A 126 13.58 -1.71 6.16
CA ASN A 126 14.63 -1.93 7.16
C ASN A 126 15.96 -2.16 6.46
N GLN A 127 16.57 -1.07 6.07
CA GLN A 127 17.79 -1.11 5.27
C GLN A 127 18.90 -1.86 5.98
N ARG A 128 19.23 -1.42 7.16
CA ARG A 128 20.23 -2.06 8.01
C ARG A 128 19.88 -1.80 9.46
N GLY A 1 0.69 -4.76 24.98
CA GLY A 1 0.26 -5.56 23.84
C GLY A 1 -0.80 -4.84 23.07
N SER A 2 -1.47 -5.54 22.19
CA SER A 2 -2.47 -4.95 21.37
C SER A 2 -3.87 -5.07 21.98
N LYS A 3 -4.65 -4.02 21.82
CA LYS A 3 -6.01 -3.93 22.29
C LYS A 3 -6.79 -3.10 21.28
N THR A 4 -7.53 -3.76 20.44
CA THR A 4 -8.25 -3.11 19.41
C THR A 4 -9.57 -2.53 19.94
N LYS A 5 -9.63 -1.23 20.08
CA LYS A 5 -10.84 -0.55 20.48
C LYS A 5 -11.14 0.57 19.52
N ALA A 6 -12.34 0.60 19.02
CA ALA A 6 -12.73 1.67 18.15
C ALA A 6 -13.77 2.53 18.84
N PRO A 7 -13.38 3.76 19.22
CA PRO A 7 -14.30 4.74 19.81
C PRO A 7 -15.49 4.97 18.89
N SER A 8 -16.65 4.59 19.35
CA SER A 8 -17.85 4.74 18.57
C SER A 8 -18.39 6.16 18.72
N ILE A 9 -17.86 7.04 17.92
CA ILE A 9 -18.25 8.43 17.93
C ILE A 9 -18.36 8.88 16.49
N SER A 10 -19.38 9.64 16.17
CA SER A 10 -19.51 10.15 14.83
C SER A 10 -18.52 11.28 14.59
N ILE A 11 -17.41 10.94 13.96
CA ILE A 11 -16.38 11.89 13.64
C ILE A 11 -16.78 12.71 12.42
N PRO A 12 -16.42 14.00 12.37
CA PRO A 12 -16.76 14.88 11.25
C PRO A 12 -16.20 14.35 9.93
N HIS A 13 -16.92 14.56 8.86
CA HIS A 13 -16.49 14.10 7.56
C HIS A 13 -15.77 15.18 6.84
N ASP A 14 -14.48 15.10 6.81
CA ASP A 14 -13.70 16.05 6.09
C ASP A 14 -13.63 15.63 4.66
N PHE A 15 -13.85 16.55 3.77
CA PHE A 15 -13.79 16.26 2.35
C PHE A 15 -12.36 16.43 1.85
N ARG A 16 -11.47 16.71 2.78
CA ARG A 16 -10.05 16.81 2.51
C ARG A 16 -9.53 15.40 2.36
N CYS A 17 -8.53 15.21 1.56
CA CYS A 17 -8.01 13.90 1.41
C CYS A 17 -6.66 13.85 2.08
N VAL A 18 -6.55 12.88 2.94
CA VAL A 18 -5.39 12.63 3.76
C VAL A 18 -5.26 11.16 3.93
N SER A 19 -4.09 10.65 3.90
CA SER A 19 -3.94 9.25 4.07
C SER A 19 -3.91 8.97 5.56
N ALA A 20 -4.61 7.95 5.94
CA ALA A 20 -4.71 7.59 7.31
C ALA A 20 -4.07 6.26 7.48
N ILE A 21 -3.49 6.04 8.62
CA ILE A 21 -2.87 4.79 8.89
C ILE A 21 -3.88 3.97 9.64
N ILE A 22 -4.43 3.01 8.98
CA ILE A 22 -5.46 2.19 9.56
C ILE A 22 -4.89 0.88 10.05
N ASP A 23 -5.62 0.21 10.96
CA ASP A 23 -5.23 -1.07 11.56
C ASP A 23 -3.99 -0.93 12.44
N VAL A 24 -3.74 0.29 12.94
CA VAL A 24 -2.53 0.60 13.75
C VAL A 24 -2.32 -0.30 14.97
N ASP A 25 -3.39 -0.82 15.54
CA ASP A 25 -3.27 -1.67 16.71
C ASP A 25 -2.86 -3.08 16.32
N ILE A 26 -3.35 -3.50 15.18
CA ILE A 26 -3.13 -4.84 14.68
C ILE A 26 -1.78 -4.91 13.97
N VAL A 27 -1.54 -3.91 13.15
CA VAL A 27 -0.34 -3.81 12.36
C VAL A 27 0.90 -3.51 13.21
N PRO A 28 1.94 -4.30 13.05
CA PRO A 28 3.22 -4.04 13.67
C PRO A 28 3.95 -2.94 12.91
N GLU A 29 4.87 -2.26 13.57
CA GLU A 29 5.66 -1.16 12.97
C GLU A 29 6.42 -1.63 11.70
N THR A 30 6.57 -2.93 11.59
CA THR A 30 7.22 -3.52 10.46
C THR A 30 6.28 -3.63 9.23
N HIS A 31 5.04 -3.20 9.38
CA HIS A 31 4.10 -3.06 8.30
C HIS A 31 3.53 -1.67 8.36
N ARG A 32 3.10 -1.15 7.25
CA ARG A 32 2.52 0.17 7.22
C ARG A 32 1.34 0.18 6.29
N ARG A 33 0.22 0.65 6.79
CA ARG A 33 -0.98 0.76 5.97
C ARG A 33 -1.39 2.20 5.80
N VAL A 34 -1.51 2.63 4.58
CA VAL A 34 -2.02 3.96 4.28
C VAL A 34 -3.28 3.80 3.47
N ARG A 35 -4.19 4.69 3.69
CA ARG A 35 -5.48 4.60 3.06
C ARG A 35 -5.60 5.76 2.05
N LEU A 36 -5.86 5.42 0.79
CA LEU A 36 -5.99 6.40 -0.29
C LEU A 36 -7.41 6.86 -0.48
N CYS A 37 -7.56 8.15 -0.73
CA CYS A 37 -8.85 8.74 -1.02
C CYS A 37 -8.84 9.52 -2.35
N LYS A 38 -9.87 9.30 -3.15
CA LYS A 38 -10.05 10.04 -4.41
C LYS A 38 -11.47 10.48 -4.54
N HIS A 39 -11.69 11.64 -5.09
CA HIS A 39 -13.04 12.17 -5.22
C HIS A 39 -13.55 12.11 -6.66
N GLY A 40 -14.27 11.05 -6.97
CA GLY A 40 -14.93 10.90 -8.27
C GLY A 40 -14.02 10.44 -9.41
N SER A 41 -12.75 10.74 -9.32
CA SER A 41 -11.84 10.43 -10.37
C SER A 41 -10.97 9.23 -10.02
N ASP A 42 -10.84 8.33 -10.96
CA ASP A 42 -10.01 7.16 -10.81
C ASP A 42 -8.67 7.41 -11.43
N LYS A 43 -7.84 8.08 -10.70
CA LYS A 43 -6.50 8.37 -11.14
C LYS A 43 -5.50 7.43 -10.49
N PRO A 44 -4.26 7.34 -11.06
CA PRO A 44 -3.18 6.56 -10.47
C PRO A 44 -2.88 6.95 -9.01
N LEU A 45 -2.30 6.04 -8.30
CA LEU A 45 -1.96 6.21 -6.92
C LEU A 45 -0.73 7.10 -6.83
N GLY A 46 -0.44 7.62 -5.66
CA GLY A 46 0.70 8.53 -5.47
C GLY A 46 2.05 7.83 -5.41
N PHE A 47 2.19 6.71 -6.10
CA PHE A 47 3.43 5.97 -6.14
C PHE A 47 3.47 5.04 -7.33
N TYR A 48 4.65 4.69 -7.75
CA TYR A 48 4.87 3.77 -8.83
C TYR A 48 5.44 2.51 -8.20
N ILE A 49 5.19 1.36 -8.77
CA ILE A 49 5.76 0.13 -8.25
C ILE A 49 6.66 -0.55 -9.27
N ARG A 50 7.58 -1.33 -8.77
CA ARG A 50 8.49 -2.08 -9.59
C ARG A 50 8.46 -3.51 -9.15
N ASP A 51 9.18 -4.33 -9.85
CA ASP A 51 9.26 -5.74 -9.54
C ASP A 51 10.60 -6.04 -8.95
N GLY A 52 10.69 -7.15 -8.31
CA GLY A 52 11.90 -7.60 -7.73
C GLY A 52 11.66 -8.85 -6.94
N THR A 53 12.57 -9.20 -6.12
CA THR A 53 12.43 -10.35 -5.30
C THR A 53 12.68 -10.00 -3.84
N SER A 54 11.88 -10.54 -2.98
CA SER A 54 11.97 -10.23 -1.59
C SER A 54 12.71 -11.35 -0.90
N VAL A 55 13.46 -11.00 0.11
CA VAL A 55 14.28 -11.95 0.83
C VAL A 55 13.53 -12.44 2.04
N ARG A 56 13.22 -13.69 2.04
CA ARG A 56 12.55 -14.30 3.15
C ARG A 56 13.53 -15.24 3.82
N VAL A 57 13.93 -14.91 5.02
CA VAL A 57 14.89 -15.70 5.75
C VAL A 57 14.16 -16.80 6.51
N THR A 58 14.40 -18.01 6.12
CA THR A 58 13.77 -19.14 6.71
C THR A 58 14.79 -20.16 7.22
N ALA A 59 14.28 -21.29 7.68
CA ALA A 59 15.09 -22.36 8.22
C ALA A 59 16.01 -22.97 7.17
N SER A 60 15.58 -22.93 5.93
CA SER A 60 16.37 -23.48 4.85
C SER A 60 17.46 -22.51 4.43
N GLY A 61 17.21 -21.25 4.69
CA GLY A 61 18.14 -20.20 4.32
C GLY A 61 17.38 -19.02 3.84
N LEU A 62 17.89 -18.31 2.88
CA LEU A 62 17.15 -17.20 2.35
C LEU A 62 16.33 -17.68 1.17
N GLU A 63 15.15 -17.19 1.07
CA GLU A 63 14.32 -17.51 -0.03
C GLU A 63 13.97 -16.26 -0.79
N LYS A 64 13.97 -16.36 -2.08
CA LYS A 64 13.61 -15.28 -2.95
C LYS A 64 12.19 -15.50 -3.41
N GLN A 65 11.35 -14.52 -3.19
CA GLN A 65 9.97 -14.61 -3.62
C GLN A 65 9.63 -13.36 -4.40
N PRO A 66 8.67 -13.43 -5.34
CA PRO A 66 8.23 -12.25 -6.12
C PRO A 66 7.82 -11.12 -5.18
N GLY A 67 8.54 -10.04 -5.27
CA GLY A 67 8.29 -8.93 -4.41
C GLY A 67 8.01 -7.71 -5.20
N ILE A 68 7.03 -6.99 -4.79
CA ILE A 68 6.68 -5.79 -5.48
C ILE A 68 7.15 -4.62 -4.63
N PHE A 69 8.04 -3.84 -5.17
CA PHE A 69 8.63 -2.77 -4.42
C PHE A 69 8.15 -1.47 -4.96
N ILE A 70 8.22 -0.45 -4.18
CA ILE A 70 7.87 0.85 -4.66
C ILE A 70 8.98 1.32 -5.61
N SER A 71 8.63 1.80 -6.73
CA SER A 71 9.62 2.26 -7.65
C SER A 71 10.03 3.67 -7.28
N ARG A 72 9.04 4.53 -7.13
CA ARG A 72 9.26 5.92 -6.82
C ARG A 72 7.94 6.50 -6.36
N LEU A 73 7.96 7.55 -5.58
CA LEU A 73 6.75 8.21 -5.17
C LEU A 73 6.43 9.31 -6.16
N VAL A 74 5.17 9.52 -6.42
CA VAL A 74 4.76 10.56 -7.33
C VAL A 74 4.87 11.90 -6.64
N PRO A 75 5.56 12.88 -7.24
CA PRO A 75 5.64 14.21 -6.68
C PRO A 75 4.23 14.81 -6.60
N GLY A 76 3.85 15.23 -5.42
CA GLY A 76 2.50 15.72 -5.21
C GLY A 76 1.56 14.59 -4.86
N GLY A 77 2.11 13.38 -4.81
CA GLY A 77 1.35 12.22 -4.48
C GLY A 77 1.19 12.07 -3.00
N LEU A 78 0.08 11.50 -2.60
CA LEU A 78 -0.28 11.35 -1.21
C LEU A 78 0.74 10.50 -0.43
N ALA A 79 1.34 9.52 -1.07
CA ALA A 79 2.29 8.66 -0.41
C ALA A 79 3.63 9.39 -0.19
N GLU A 80 3.92 10.34 -1.07
CA GLU A 80 5.13 11.14 -0.97
C GLU A 80 4.96 12.15 0.16
N SER A 81 3.79 12.79 0.18
CA SER A 81 3.45 13.79 1.17
C SER A 81 3.34 13.21 2.59
N THR A 82 2.96 11.95 2.69
CA THR A 82 2.81 11.35 4.01
C THR A 82 4.14 10.81 4.53
N GLY A 83 4.95 10.29 3.63
CA GLY A 83 6.25 9.77 4.01
C GLY A 83 6.19 8.50 4.83
N LEU A 84 5.05 7.82 4.85
CA LEU A 84 4.96 6.56 5.58
C LEU A 84 5.45 5.40 4.76
N LEU A 85 5.63 5.63 3.50
CA LEU A 85 6.09 4.61 2.60
C LEU A 85 7.32 5.16 1.88
N ALA A 86 8.39 4.41 1.83
CA ALA A 86 9.59 4.84 1.12
C ALA A 86 9.78 4.01 -0.12
N VAL A 87 10.61 4.50 -1.04
CA VAL A 87 10.87 3.82 -2.30
C VAL A 87 11.46 2.41 -2.14
N ASN A 88 12.21 2.19 -1.09
CA ASN A 88 12.82 0.88 -0.88
C ASN A 88 11.85 -0.13 -0.32
N ASP A 89 10.81 0.38 0.34
CA ASP A 89 9.79 -0.46 0.98
C ASP A 89 9.03 -1.25 -0.07
N GLU A 90 8.65 -2.45 0.29
CA GLU A 90 7.92 -3.29 -0.62
C GLU A 90 6.48 -3.39 -0.17
N VAL A 91 5.59 -3.51 -1.11
CA VAL A 91 4.20 -3.64 -0.81
C VAL A 91 3.91 -5.10 -0.47
N ILE A 92 3.18 -5.31 0.57
CA ILE A 92 2.81 -6.65 1.00
C ILE A 92 1.40 -6.98 0.50
N GLU A 93 0.46 -6.11 0.82
CA GLU A 93 -0.94 -6.31 0.49
C GLU A 93 -1.59 -5.02 0.07
N VAL A 94 -2.49 -5.14 -0.86
CA VAL A 94 -3.26 -4.02 -1.32
C VAL A 94 -4.75 -4.36 -1.15
N ASN A 95 -5.38 -3.74 -0.15
CA ASN A 95 -6.80 -4.01 0.24
C ASN A 95 -7.00 -5.41 0.80
N GLY A 96 -5.89 -6.08 1.08
CA GLY A 96 -5.95 -7.42 1.59
C GLY A 96 -5.49 -8.41 0.56
N ILE A 97 -5.28 -7.93 -0.64
CA ILE A 97 -4.80 -8.75 -1.73
C ILE A 97 -3.29 -8.81 -1.64
N GLU A 98 -2.76 -10.00 -1.31
CA GLU A 98 -1.31 -10.15 -1.30
C GLU A 98 -0.78 -10.02 -2.68
N VAL A 99 0.26 -9.27 -2.81
CA VAL A 99 0.87 -9.03 -4.09
C VAL A 99 1.79 -10.18 -4.48
N ALA A 100 1.95 -11.15 -3.58
CA ALA A 100 2.85 -12.23 -3.81
C ALA A 100 2.33 -13.13 -4.91
N GLY A 101 3.12 -13.30 -5.95
CA GLY A 101 2.74 -14.13 -7.06
C GLY A 101 2.03 -13.37 -8.16
N LYS A 102 1.66 -12.14 -7.88
CA LYS A 102 0.94 -11.34 -8.83
C LYS A 102 1.87 -10.46 -9.61
N THR A 103 1.43 -9.97 -10.74
CA THR A 103 2.28 -9.15 -11.56
C THR A 103 2.02 -7.70 -11.28
N LEU A 104 2.88 -6.85 -11.77
CA LEU A 104 2.68 -5.43 -11.64
C LEU A 104 1.47 -5.03 -12.40
N ASP A 105 1.23 -5.72 -13.50
CA ASP A 105 0.04 -5.51 -14.31
C ASP A 105 -1.18 -5.69 -13.47
N GLN A 106 -1.23 -6.80 -12.79
CA GLN A 106 -2.36 -7.12 -11.97
C GLN A 106 -2.46 -6.27 -10.73
N VAL A 107 -1.33 -6.02 -10.06
CA VAL A 107 -1.35 -5.24 -8.84
C VAL A 107 -1.68 -3.77 -9.13
N THR A 108 -1.10 -3.19 -10.18
CA THR A 108 -1.42 -1.80 -10.54
C THR A 108 -2.90 -1.69 -10.88
N ASP A 109 -3.36 -2.60 -11.71
CA ASP A 109 -4.76 -2.67 -12.13
C ASP A 109 -5.68 -2.75 -10.93
N MET A 110 -5.31 -3.59 -9.96
CA MET A 110 -6.12 -3.82 -8.76
C MET A 110 -6.19 -2.50 -7.98
N MET A 111 -5.05 -1.88 -7.82
CA MET A 111 -4.95 -0.64 -7.07
C MET A 111 -5.63 0.52 -7.73
N VAL A 112 -5.58 0.58 -9.04
CA VAL A 112 -6.27 1.62 -9.75
C VAL A 112 -7.78 1.33 -9.75
N ALA A 113 -8.13 0.04 -9.72
CA ALA A 113 -9.52 -0.43 -9.67
C ALA A 113 -10.22 0.10 -8.43
N ASN A 114 -9.53 0.01 -7.33
CA ASN A 114 -10.04 0.44 -6.06
C ASN A 114 -9.41 1.74 -5.61
N SER A 115 -8.93 2.54 -6.57
CA SER A 115 -8.19 3.78 -6.29
C SER A 115 -8.95 4.77 -5.38
N SER A 116 -10.27 4.73 -5.43
CA SER A 116 -11.10 5.59 -4.61
C SER A 116 -10.95 5.29 -3.10
N ASN A 117 -10.62 4.06 -2.80
CA ASN A 117 -10.39 3.61 -1.45
C ASN A 117 -9.43 2.45 -1.51
N LEU A 118 -8.20 2.74 -1.32
CA LEU A 118 -7.19 1.74 -1.48
C LEU A 118 -6.35 1.72 -0.20
N ILE A 119 -6.11 0.54 0.28
CA ILE A 119 -5.35 0.32 1.48
C ILE A 119 -4.03 -0.30 1.09
N ILE A 120 -2.97 0.40 1.33
CA ILE A 120 -1.67 -0.08 0.93
C ILE A 120 -0.92 -0.54 2.13
N THR A 121 -0.56 -1.79 2.15
CA THR A 121 0.23 -2.33 3.20
C THR A 121 1.62 -2.58 2.68
N VAL A 122 2.59 -1.91 3.22
CA VAL A 122 3.96 -2.13 2.85
C VAL A 122 4.71 -2.60 4.05
N LYS A 123 5.90 -3.04 3.85
CA LYS A 123 6.77 -3.29 4.94
C LYS A 123 8.04 -2.53 4.68
N PRO A 124 8.49 -1.71 5.64
CA PRO A 124 9.69 -0.95 5.51
C PRO A 124 10.88 -1.82 5.20
N ALA A 125 11.65 -1.38 4.26
CA ALA A 125 12.84 -2.07 3.87
C ALA A 125 13.84 -1.99 4.99
N ASN A 126 13.71 -0.92 5.80
CA ASN A 126 14.60 -0.64 6.92
C ASN A 126 16.04 -0.51 6.44
N GLN A 127 16.47 0.71 6.21
CA GLN A 127 17.80 0.93 5.71
C GLN A 127 18.82 0.77 6.82
N ARG A 128 19.45 -0.37 6.83
CA ARG A 128 20.42 -0.74 7.81
C ARG A 128 21.37 -1.71 7.13
N GLY A 1 -22.06 2.64 32.06
CA GLY A 1 -20.91 1.84 31.64
C GLY A 1 -20.03 2.61 30.70
N SER A 2 -18.88 2.07 30.40
CA SER A 2 -17.93 2.71 29.53
C SER A 2 -18.24 2.34 28.08
N LYS A 3 -18.42 3.35 27.25
CA LYS A 3 -18.71 3.13 25.86
C LYS A 3 -17.80 3.98 25.00
N THR A 4 -17.37 3.44 23.92
CA THR A 4 -16.55 4.18 23.01
C THR A 4 -17.45 4.86 21.98
N LYS A 5 -17.41 6.17 21.95
CA LYS A 5 -18.22 6.91 21.02
C LYS A 5 -17.55 6.89 19.68
N ALA A 6 -18.01 6.02 18.83
CA ALA A 6 -17.47 5.91 17.51
C ALA A 6 -18.14 6.93 16.62
N PRO A 7 -17.38 7.94 16.15
CA PRO A 7 -17.91 8.98 15.28
C PRO A 7 -18.60 8.40 14.08
N SER A 8 -19.88 8.58 14.01
CA SER A 8 -20.64 8.08 12.94
C SER A 8 -20.80 9.18 11.91
N ILE A 9 -19.90 9.20 10.97
CA ILE A 9 -19.86 10.23 9.99
C ILE A 9 -20.20 9.69 8.63
N SER A 10 -21.37 10.00 8.18
CA SER A 10 -21.79 9.64 6.87
C SER A 10 -21.10 10.56 5.89
N ILE A 11 -20.17 10.04 5.12
CA ILE A 11 -19.41 10.83 4.20
C ILE A 11 -20.19 11.12 2.92
N PRO A 12 -20.35 12.40 2.56
CA PRO A 12 -21.05 12.81 1.33
C PRO A 12 -20.21 12.53 0.08
N HIS A 13 -20.76 12.85 -1.06
CA HIS A 13 -20.08 12.60 -2.31
C HIS A 13 -19.20 13.78 -2.69
N ASP A 14 -18.05 13.80 -2.11
CA ASP A 14 -16.99 14.76 -2.35
C ASP A 14 -15.79 14.19 -1.70
N PHE A 15 -14.62 14.61 -2.05
CA PHE A 15 -13.46 13.96 -1.53
C PHE A 15 -12.44 14.84 -0.86
N ARG A 16 -12.63 15.06 0.41
CA ARG A 16 -11.55 15.54 1.23
C ARG A 16 -11.16 14.38 2.10
N CYS A 17 -10.07 13.75 1.76
CA CYS A 17 -9.70 12.55 2.44
C CYS A 17 -8.45 12.73 3.23
N VAL A 18 -8.44 12.20 4.40
CA VAL A 18 -7.28 12.18 5.22
C VAL A 18 -6.64 10.82 5.09
N SER A 19 -5.36 10.80 5.01
CA SER A 19 -4.65 9.56 4.89
C SER A 19 -4.28 9.11 6.28
N ALA A 20 -4.49 7.86 6.56
CA ALA A 20 -4.27 7.34 7.88
C ALA A 20 -3.64 5.98 7.80
N ILE A 21 -2.97 5.63 8.87
CA ILE A 21 -2.40 4.31 8.98
C ILE A 21 -3.43 3.50 9.70
N ILE A 22 -4.04 2.59 8.98
CA ILE A 22 -5.12 1.85 9.53
C ILE A 22 -4.62 0.51 10.00
N ASP A 23 -5.33 -0.05 10.97
CA ASP A 23 -4.97 -1.31 11.64
C ASP A 23 -3.70 -1.10 12.47
N VAL A 24 -3.33 0.17 12.65
CA VAL A 24 -2.08 0.59 13.30
C VAL A 24 -1.94 0.02 14.73
N ASP A 25 -3.06 -0.19 15.39
CA ASP A 25 -3.08 -0.71 16.76
C ASP A 25 -2.74 -2.19 16.76
N ILE A 26 -2.88 -2.83 15.63
CA ILE A 26 -2.60 -4.23 15.48
C ILE A 26 -1.30 -4.42 14.71
N VAL A 27 -1.15 -3.66 13.64
CA VAL A 27 0.01 -3.71 12.76
C VAL A 27 1.30 -3.35 13.48
N PRO A 28 2.32 -4.21 13.33
CA PRO A 28 3.64 -3.93 13.84
C PRO A 28 4.32 -2.90 12.96
N GLU A 29 5.28 -2.19 13.52
CA GLU A 29 6.01 -1.13 12.80
C GLU A 29 6.75 -1.67 11.55
N THR A 30 6.83 -2.99 11.44
CA THR A 30 7.46 -3.65 10.33
C THR A 30 6.57 -3.58 9.08
N HIS A 31 5.27 -3.30 9.27
CA HIS A 31 4.37 -3.09 8.16
C HIS A 31 3.79 -1.69 8.24
N ARG A 32 3.39 -1.18 7.13
CA ARG A 32 2.81 0.12 7.08
C ARG A 32 1.55 0.05 6.26
N ARG A 33 0.44 0.36 6.85
CA ARG A 33 -0.79 0.40 6.12
C ARG A 33 -1.28 1.80 5.95
N VAL A 34 -1.48 2.20 4.73
CA VAL A 34 -2.06 3.49 4.44
C VAL A 34 -3.35 3.26 3.73
N ARG A 35 -4.35 3.99 4.09
CA ARG A 35 -5.58 3.84 3.44
C ARG A 35 -5.64 5.00 2.46
N LEU A 36 -5.71 4.66 1.21
CA LEU A 36 -5.66 5.60 0.14
C LEU A 36 -7.08 5.96 -0.21
N CYS A 37 -7.31 7.22 -0.47
CA CYS A 37 -8.62 7.71 -0.80
C CYS A 37 -8.47 8.60 -2.03
N LYS A 38 -9.55 8.95 -2.68
CA LYS A 38 -9.50 9.74 -3.89
C LYS A 38 -9.24 11.21 -3.50
N HIS A 39 -8.39 11.90 -4.23
CA HIS A 39 -8.02 13.27 -3.88
C HIS A 39 -8.10 14.21 -5.06
N GLY A 40 -9.06 15.11 -5.03
CA GLY A 40 -9.18 16.14 -6.06
C GLY A 40 -9.87 15.65 -7.31
N SER A 41 -9.26 14.71 -7.95
CA SER A 41 -9.73 14.17 -9.18
C SER A 41 -9.26 12.72 -9.23
N ASP A 42 -9.55 11.99 -10.28
CA ASP A 42 -9.10 10.63 -10.37
C ASP A 42 -7.64 10.58 -10.75
N LYS A 43 -6.82 10.75 -9.77
CA LYS A 43 -5.38 10.70 -9.93
C LYS A 43 -4.86 9.28 -9.68
N PRO A 44 -3.70 8.96 -10.29
CA PRO A 44 -3.00 7.69 -10.08
C PRO A 44 -2.39 7.64 -8.68
N LEU A 45 -2.14 6.45 -8.20
CA LEU A 45 -1.60 6.27 -6.88
C LEU A 45 -0.22 6.91 -6.79
N GLY A 46 0.06 7.55 -5.66
CA GLY A 46 1.28 8.31 -5.50
C GLY A 46 2.54 7.51 -5.27
N PHE A 47 2.69 6.42 -5.96
CA PHE A 47 3.85 5.57 -5.90
C PHE A 47 3.89 4.68 -7.13
N TYR A 48 5.06 4.35 -7.56
CA TYR A 48 5.23 3.44 -8.67
C TYR A 48 5.83 2.17 -8.10
N ILE A 49 5.67 1.06 -8.76
CA ILE A 49 6.22 -0.19 -8.25
C ILE A 49 6.97 -0.93 -9.33
N ARG A 50 7.82 -1.81 -8.90
CA ARG A 50 8.65 -2.62 -9.76
C ARG A 50 8.70 -4.04 -9.23
N ASP A 51 9.39 -4.88 -9.96
CA ASP A 51 9.66 -6.23 -9.56
C ASP A 51 11.08 -6.30 -9.10
N GLY A 52 11.31 -7.05 -8.09
CA GLY A 52 12.62 -7.26 -7.59
C GLY A 52 12.63 -8.55 -6.88
N THR A 53 13.72 -8.93 -6.30
CA THR A 53 13.73 -10.14 -5.57
C THR A 53 13.94 -9.80 -4.10
N SER A 54 13.04 -10.22 -3.29
CA SER A 54 13.09 -9.90 -1.91
C SER A 54 13.59 -11.08 -1.13
N VAL A 55 14.25 -10.80 -0.03
CA VAL A 55 14.74 -11.82 0.85
C VAL A 55 13.83 -11.87 2.05
N ARG A 56 13.15 -12.96 2.20
CA ARG A 56 12.25 -13.13 3.31
C ARG A 56 12.83 -14.11 4.29
N VAL A 57 13.13 -13.63 5.49
CA VAL A 57 13.70 -14.46 6.51
C VAL A 57 12.60 -14.99 7.40
N THR A 58 12.41 -16.27 7.37
CA THR A 58 11.40 -16.91 8.18
C THR A 58 12.12 -17.80 9.19
N ALA A 59 11.37 -18.57 9.95
CA ALA A 59 11.94 -19.53 10.86
C ALA A 59 12.45 -20.75 10.08
N SER A 60 11.97 -20.89 8.84
CA SER A 60 12.37 -21.99 7.98
C SER A 60 13.68 -21.64 7.27
N GLY A 61 13.93 -20.36 7.12
CA GLY A 61 15.11 -19.91 6.47
C GLY A 61 14.85 -18.66 5.70
N LEU A 62 15.75 -18.27 4.87
CA LEU A 62 15.54 -17.13 4.04
C LEU A 62 15.15 -17.58 2.65
N GLU A 63 14.21 -16.94 2.06
CA GLU A 63 13.79 -17.30 0.74
C GLU A 63 13.83 -16.10 -0.17
N LYS A 64 14.14 -16.33 -1.41
CA LYS A 64 14.12 -15.29 -2.40
C LYS A 64 12.81 -15.38 -3.11
N GLN A 65 12.17 -14.28 -3.33
CA GLN A 65 10.91 -14.29 -4.02
C GLN A 65 10.78 -13.08 -4.89
N PRO A 66 9.95 -13.15 -5.94
CA PRO A 66 9.59 -11.98 -6.70
C PRO A 66 8.82 -11.07 -5.77
N GLY A 67 9.25 -9.88 -5.67
CA GLY A 67 8.64 -8.97 -4.78
C GLY A 67 8.31 -7.73 -5.47
N ILE A 68 7.26 -7.11 -5.08
CA ILE A 68 6.87 -5.90 -5.70
C ILE A 68 7.34 -4.78 -4.80
N PHE A 69 8.24 -4.00 -5.28
CA PHE A 69 8.83 -2.93 -4.51
C PHE A 69 8.38 -1.64 -5.05
N ILE A 70 8.37 -0.63 -4.25
CA ILE A 70 8.11 0.68 -4.73
C ILE A 70 9.35 1.11 -5.52
N SER A 71 9.17 1.61 -6.69
CA SER A 71 10.30 2.00 -7.50
C SER A 71 10.63 3.49 -7.31
N ARG A 72 9.60 4.29 -7.24
CA ARG A 72 9.73 5.72 -7.13
C ARG A 72 8.41 6.26 -6.64
N LEU A 73 8.40 7.38 -5.99
CA LEU A 73 7.17 7.98 -5.59
C LEU A 73 6.79 9.06 -6.56
N VAL A 74 5.50 9.21 -6.80
CA VAL A 74 5.02 10.24 -7.68
C VAL A 74 5.11 11.56 -6.92
N PRO A 75 5.83 12.56 -7.44
CA PRO A 75 5.87 13.88 -6.82
C PRO A 75 4.47 14.46 -6.79
N GLY A 76 4.02 14.85 -5.60
CA GLY A 76 2.67 15.34 -5.47
C GLY A 76 1.68 14.19 -5.35
N GLY A 77 2.21 12.99 -5.22
CA GLY A 77 1.43 11.81 -5.05
C GLY A 77 1.20 11.55 -3.61
N LEU A 78 0.19 10.75 -3.30
CA LEU A 78 -0.23 10.53 -1.94
C LEU A 78 0.89 9.94 -1.02
N ALA A 79 1.69 9.00 -1.51
CA ALA A 79 2.72 8.40 -0.68
C ALA A 79 3.86 9.37 -0.44
N GLU A 80 4.08 10.22 -1.43
CA GLU A 80 5.11 11.23 -1.35
C GLU A 80 4.63 12.33 -0.39
N SER A 81 3.40 12.76 -0.61
CA SER A 81 2.73 13.78 0.18
C SER A 81 2.68 13.39 1.66
N THR A 82 2.33 12.15 1.96
CA THR A 82 2.24 11.72 3.34
C THR A 82 3.63 11.47 3.94
N GLY A 83 4.53 10.94 3.11
CA GLY A 83 5.84 10.55 3.60
C GLY A 83 5.74 9.28 4.44
N LEU A 84 4.59 8.62 4.35
CA LEU A 84 4.30 7.41 5.11
C LEU A 84 4.84 6.15 4.45
N LEU A 85 5.12 6.22 3.18
CA LEU A 85 5.70 5.09 2.47
C LEU A 85 7.00 5.57 1.82
N ALA A 86 8.03 4.77 1.87
CA ALA A 86 9.30 5.15 1.28
C ALA A 86 9.56 4.37 0.01
N VAL A 87 10.47 4.90 -0.80
CA VAL A 87 10.82 4.30 -2.09
C VAL A 87 11.39 2.88 -1.98
N ASN A 88 12.05 2.57 -0.88
CA ASN A 88 12.69 1.26 -0.73
C ASN A 88 11.65 0.20 -0.38
N ASP A 89 10.57 0.65 0.21
CA ASP A 89 9.54 -0.20 0.79
C ASP A 89 8.86 -1.03 -0.26
N GLU A 90 8.49 -2.24 0.10
CA GLU A 90 7.82 -3.11 -0.82
C GLU A 90 6.39 -3.37 -0.38
N VAL A 91 5.51 -3.57 -1.33
CA VAL A 91 4.12 -3.78 -1.04
C VAL A 91 3.85 -5.23 -0.63
N ILE A 92 3.17 -5.39 0.46
CA ILE A 92 2.81 -6.69 0.96
C ILE A 92 1.37 -7.02 0.55
N GLU A 93 0.49 -6.02 0.64
CA GLU A 93 -0.92 -6.21 0.35
C GLU A 93 -1.49 -5.01 -0.33
N VAL A 94 -2.47 -5.27 -1.14
CA VAL A 94 -3.24 -4.23 -1.78
C VAL A 94 -4.74 -4.51 -1.56
N ASN A 95 -5.31 -3.77 -0.65
CA ASN A 95 -6.73 -3.85 -0.18
C ASN A 95 -6.91 -5.11 0.68
N GLY A 96 -5.81 -5.73 1.03
CA GLY A 96 -5.84 -6.96 1.77
C GLY A 96 -5.48 -8.13 0.89
N ILE A 97 -5.36 -7.85 -0.40
CA ILE A 97 -4.99 -8.85 -1.37
C ILE A 97 -3.50 -9.09 -1.21
N GLU A 98 -3.12 -10.35 -1.10
CA GLU A 98 -1.73 -10.77 -0.79
C GLU A 98 -0.76 -10.56 -1.93
N VAL A 99 -1.24 -10.00 -3.03
CA VAL A 99 -0.47 -9.74 -4.30
C VAL A 99 0.14 -11.01 -4.95
N ALA A 100 0.12 -12.12 -4.25
CA ALA A 100 0.65 -13.37 -4.75
C ALA A 100 -0.17 -13.87 -5.92
N GLY A 101 0.49 -14.08 -7.03
CA GLY A 101 -0.19 -14.53 -8.22
C GLY A 101 -0.36 -13.43 -9.22
N LYS A 102 -0.20 -12.20 -8.76
CA LYS A 102 -0.36 -11.04 -9.62
C LYS A 102 0.96 -10.60 -10.22
N THR A 103 0.86 -9.95 -11.33
CA THR A 103 1.96 -9.30 -11.98
C THR A 103 1.85 -7.83 -11.67
N LEU A 104 2.80 -7.03 -12.09
CA LEU A 104 2.67 -5.59 -11.92
C LEU A 104 1.44 -5.10 -12.64
N ASP A 105 1.17 -5.70 -13.79
CA ASP A 105 -0.03 -5.40 -14.57
C ASP A 105 -1.27 -5.62 -13.72
N GLN A 106 -1.33 -6.77 -13.09
CA GLN A 106 -2.48 -7.12 -12.29
C GLN A 106 -2.54 -6.33 -10.99
N VAL A 107 -1.38 -6.09 -10.36
CA VAL A 107 -1.39 -5.34 -9.11
C VAL A 107 -1.75 -3.89 -9.35
N THR A 108 -1.14 -3.27 -10.37
CA THR A 108 -1.46 -1.88 -10.71
C THR A 108 -2.96 -1.73 -10.98
N ASP A 109 -3.48 -2.64 -11.78
CA ASP A 109 -4.90 -2.68 -12.10
C ASP A 109 -5.75 -2.74 -10.85
N MET A 110 -5.41 -3.68 -9.96
CA MET A 110 -6.15 -3.90 -8.73
C MET A 110 -6.13 -2.63 -7.88
N MET A 111 -4.97 -2.01 -7.82
CA MET A 111 -4.79 -0.79 -7.06
C MET A 111 -5.52 0.38 -7.65
N VAL A 112 -5.44 0.56 -8.95
CA VAL A 112 -6.14 1.66 -9.61
C VAL A 112 -7.67 1.44 -9.50
N ALA A 113 -8.07 0.17 -9.50
CA ALA A 113 -9.45 -0.23 -9.34
C ALA A 113 -9.99 0.31 -8.04
N ASN A 114 -9.18 0.23 -7.02
CA ASN A 114 -9.52 0.68 -5.69
C ASN A 114 -8.85 2.01 -5.36
N SER A 115 -8.54 2.80 -6.36
CA SER A 115 -7.83 4.07 -6.13
C SER A 115 -8.68 5.07 -5.33
N SER A 116 -9.98 4.84 -5.24
CA SER A 116 -10.84 5.69 -4.47
C SER A 116 -10.75 5.30 -2.97
N ASN A 117 -10.45 4.02 -2.72
CA ASN A 117 -10.30 3.50 -1.37
C ASN A 117 -9.49 2.21 -1.35
N LEU A 118 -8.23 2.34 -1.06
CA LEU A 118 -7.33 1.21 -1.09
C LEU A 118 -6.56 1.09 0.20
N ILE A 119 -6.49 -0.09 0.71
CA ILE A 119 -5.73 -0.37 1.90
C ILE A 119 -4.38 -0.90 1.45
N ILE A 120 -3.34 -0.19 1.71
CA ILE A 120 -2.06 -0.58 1.20
C ILE A 120 -1.15 -0.98 2.33
N THR A 121 -0.70 -2.20 2.29
CA THR A 121 0.21 -2.67 3.27
C THR A 121 1.58 -2.77 2.63
N VAL A 122 2.51 -2.01 3.10
CA VAL A 122 3.87 -2.14 2.64
C VAL A 122 4.71 -2.52 3.81
N LYS A 123 5.90 -2.95 3.57
CA LYS A 123 6.79 -3.14 4.66
C LYS A 123 8.03 -2.30 4.43
N PRO A 124 8.33 -1.39 5.37
CA PRO A 124 9.49 -0.55 5.27
C PRO A 124 10.76 -1.36 5.15
N ALA A 125 11.57 -0.97 4.24
CA ALA A 125 12.81 -1.65 4.01
C ALA A 125 13.89 -1.09 4.88
N ASN A 126 13.56 0.02 5.60
CA ASN A 126 14.50 0.70 6.49
C ASN A 126 15.71 1.17 5.68
N GLN A 127 15.41 1.54 4.43
CA GLN A 127 16.39 1.96 3.46
C GLN A 127 17.28 0.82 2.97
N ARG A 128 16.80 0.17 1.93
CA ARG A 128 17.47 -0.92 1.21
C ARG A 128 17.27 -2.24 1.96
N GLY A 1 -5.24 1.18 19.70
CA GLY A 1 -6.52 1.63 20.24
C GLY A 1 -6.43 3.04 20.74
N SER A 2 -6.98 3.96 19.98
CA SER A 2 -6.94 5.36 20.30
C SER A 2 -7.89 5.65 21.45
N LYS A 3 -7.43 6.36 22.47
CA LYS A 3 -8.25 6.69 23.61
C LYS A 3 -9.14 7.88 23.32
N THR A 4 -10.19 7.59 22.59
CA THR A 4 -11.22 8.53 22.20
C THR A 4 -12.42 7.70 21.76
N LYS A 5 -12.22 6.92 20.70
CA LYS A 5 -13.22 6.01 20.14
C LYS A 5 -14.50 6.70 19.75
N ALA A 6 -14.52 7.21 18.55
CA ALA A 6 -15.69 7.87 18.03
C ALA A 6 -16.43 6.93 17.09
N PRO A 7 -17.67 6.58 17.40
CA PRO A 7 -18.50 5.73 16.54
C PRO A 7 -18.97 6.49 15.30
N SER A 8 -19.75 5.82 14.45
CA SER A 8 -20.24 6.37 13.19
C SER A 8 -19.09 6.56 12.20
N ILE A 9 -19.06 5.73 11.19
CA ILE A 9 -17.99 5.73 10.22
C ILE A 9 -18.11 6.95 9.31
N SER A 10 -17.43 7.98 9.67
CA SER A 10 -17.45 9.20 8.94
C SER A 10 -16.22 9.31 8.07
N ILE A 11 -16.40 9.31 6.79
CA ILE A 11 -15.31 9.53 5.88
C ILE A 11 -15.47 10.88 5.23
N PRO A 12 -14.37 11.61 5.01
CA PRO A 12 -14.42 12.95 4.42
C PRO A 12 -15.00 12.97 3.01
N HIS A 13 -16.11 13.65 2.86
CA HIS A 13 -16.72 13.78 1.56
C HIS A 13 -16.36 15.14 1.00
N ASP A 14 -15.11 15.24 0.60
CA ASP A 14 -14.51 16.47 0.09
C ASP A 14 -13.73 16.12 -1.17
N PHE A 15 -12.91 17.01 -1.68
CA PHE A 15 -12.17 16.76 -2.89
C PHE A 15 -10.91 15.97 -2.57
N ARG A 16 -10.33 16.24 -1.42
CA ARG A 16 -9.12 15.58 -1.02
C ARG A 16 -9.31 14.87 0.29
N CYS A 17 -8.60 13.79 0.46
CA CYS A 17 -8.62 13.05 1.69
C CYS A 17 -7.17 12.93 2.16
N VAL A 18 -6.96 12.85 3.45
CA VAL A 18 -5.61 12.70 3.98
C VAL A 18 -5.36 11.23 4.29
N SER A 19 -4.18 10.78 4.01
CA SER A 19 -3.84 9.42 4.25
C SER A 19 -3.31 9.25 5.66
N ALA A 20 -3.73 8.20 6.29
CA ALA A 20 -3.42 7.90 7.65
C ALA A 20 -3.14 6.42 7.74
N ILE A 21 -2.43 6.02 8.78
CA ILE A 21 -2.08 4.62 8.91
C ILE A 21 -3.17 3.99 9.78
N ILE A 22 -4.00 3.21 9.14
CA ILE A 22 -5.18 2.62 9.78
C ILE A 22 -4.91 1.18 10.20
N ASP A 23 -5.81 0.63 11.02
CA ASP A 23 -5.74 -0.78 11.51
C ASP A 23 -4.53 -0.99 12.40
N VAL A 24 -4.10 0.08 13.09
CA VAL A 24 -2.89 0.08 13.93
C VAL A 24 -2.87 -1.03 14.99
N ASP A 25 -4.03 -1.45 15.45
CA ASP A 25 -4.13 -2.51 16.44
C ASP A 25 -3.69 -3.84 15.85
N ILE A 26 -4.00 -4.02 14.59
CA ILE A 26 -3.68 -5.25 13.88
C ILE A 26 -2.27 -5.15 13.28
N VAL A 27 -1.90 -3.95 12.86
CA VAL A 27 -0.62 -3.69 12.24
C VAL A 27 0.55 -3.91 13.18
N PRO A 28 1.47 -4.77 12.78
CA PRO A 28 2.74 -4.97 13.48
C PRO A 28 3.68 -3.83 13.11
N GLU A 29 4.64 -3.56 13.94
CA GLU A 29 5.59 -2.47 13.72
C GLU A 29 6.38 -2.66 12.40
N THR A 30 6.32 -3.85 11.87
CA THR A 30 7.00 -4.19 10.65
C THR A 30 6.12 -3.99 9.40
N HIS A 31 4.91 -3.45 9.56
CA HIS A 31 4.06 -3.12 8.41
C HIS A 31 3.60 -1.69 8.50
N ARG A 32 3.23 -1.15 7.37
CA ARG A 32 2.69 0.19 7.28
C ARG A 32 1.56 0.21 6.27
N ARG A 33 0.45 0.80 6.64
CA ARG A 33 -0.74 0.82 5.82
C ARG A 33 -1.21 2.25 5.57
N VAL A 34 -1.33 2.62 4.33
CA VAL A 34 -1.80 3.94 3.98
C VAL A 34 -3.10 3.81 3.26
N ARG A 35 -4.03 4.59 3.66
CA ARG A 35 -5.35 4.53 3.08
C ARG A 35 -5.48 5.67 2.07
N LEU A 36 -5.74 5.33 0.82
CA LEU A 36 -5.91 6.33 -0.23
C LEU A 36 -7.36 6.69 -0.37
N CYS A 37 -7.63 7.97 -0.45
CA CYS A 37 -8.96 8.44 -0.74
C CYS A 37 -8.86 9.69 -1.62
N LYS A 38 -9.59 9.68 -2.70
CA LYS A 38 -9.72 10.80 -3.61
C LYS A 38 -11.13 10.96 -4.09
N HIS A 39 -11.56 12.17 -4.29
CA HIS A 39 -12.91 12.43 -4.81
C HIS A 39 -12.86 13.48 -5.88
N GLY A 40 -13.90 13.53 -6.71
CA GLY A 40 -14.01 14.51 -7.78
C GLY A 40 -13.11 14.18 -8.95
N SER A 41 -11.85 14.31 -8.72
CA SER A 41 -10.86 14.02 -9.71
C SER A 41 -10.02 12.90 -9.22
N ASP A 42 -9.87 11.90 -10.03
CA ASP A 42 -9.12 10.76 -9.62
C ASP A 42 -7.69 10.85 -10.05
N LYS A 43 -6.91 11.43 -9.19
CA LYS A 43 -5.47 11.45 -9.39
C LYS A 43 -4.97 10.02 -9.27
N PRO A 44 -4.08 9.57 -10.16
CA PRO A 44 -3.47 8.21 -10.10
C PRO A 44 -2.83 7.98 -8.73
N LEU A 45 -2.67 6.72 -8.34
CA LEU A 45 -2.08 6.42 -7.03
C LEU A 45 -0.67 7.01 -6.98
N GLY A 46 -0.37 7.71 -5.89
CA GLY A 46 0.86 8.48 -5.77
C GLY A 46 2.15 7.69 -5.59
N PHE A 47 2.26 6.58 -6.27
CA PHE A 47 3.45 5.76 -6.23
C PHE A 47 3.45 4.80 -7.41
N TYR A 48 4.63 4.43 -7.84
CA TYR A 48 4.78 3.45 -8.90
C TYR A 48 5.33 2.20 -8.24
N ILE A 49 5.11 1.04 -8.81
CA ILE A 49 5.70 -0.18 -8.25
C ILE A 49 6.67 -0.82 -9.21
N ARG A 50 7.54 -1.62 -8.67
CA ARG A 50 8.55 -2.30 -9.42
C ARG A 50 8.68 -3.72 -8.95
N ASP A 51 9.41 -4.49 -9.69
CA ASP A 51 9.58 -5.88 -9.40
C ASP A 51 11.04 -6.12 -9.11
N GLY A 52 11.30 -7.04 -8.24
CA GLY A 52 12.65 -7.39 -7.92
C GLY A 52 12.67 -8.65 -7.13
N THR A 53 13.82 -9.07 -6.71
CA THR A 53 13.89 -10.25 -5.91
C THR A 53 14.13 -9.84 -4.48
N SER A 54 13.30 -10.30 -3.59
CA SER A 54 13.40 -9.94 -2.22
C SER A 54 14.01 -11.10 -1.45
N VAL A 55 14.85 -10.78 -0.49
CA VAL A 55 15.45 -11.78 0.36
C VAL A 55 14.58 -11.89 1.60
N ARG A 56 13.97 -13.03 1.76
CA ARG A 56 13.05 -13.28 2.84
C ARG A 56 13.68 -14.24 3.83
N VAL A 57 13.82 -13.79 5.05
CA VAL A 57 14.40 -14.60 6.09
C VAL A 57 13.31 -15.41 6.74
N THR A 58 13.52 -16.69 6.79
CA THR A 58 12.60 -17.61 7.39
C THR A 58 13.36 -18.48 8.37
N ALA A 59 12.66 -19.38 9.04
CA ALA A 59 13.29 -20.28 9.98
C ALA A 59 14.08 -21.35 9.22
N SER A 60 13.78 -21.50 7.94
CA SER A 60 14.46 -22.45 7.09
C SER A 60 15.72 -21.80 6.48
N GLY A 61 15.84 -20.51 6.65
CA GLY A 61 16.96 -19.77 6.09
C GLY A 61 16.45 -18.64 5.24
N LEU A 62 17.19 -18.22 4.26
CA LEU A 62 16.72 -17.18 3.40
C LEU A 62 16.18 -17.74 2.09
N GLU A 63 15.06 -17.24 1.68
CA GLU A 63 14.49 -17.60 0.42
C GLU A 63 14.33 -16.35 -0.40
N LYS A 64 14.56 -16.44 -1.66
CA LYS A 64 14.45 -15.29 -2.51
C LYS A 64 13.27 -15.44 -3.43
N GLN A 65 12.50 -14.40 -3.57
CA GLN A 65 11.24 -14.46 -4.28
C GLN A 65 10.98 -13.16 -5.03
N PRO A 66 10.15 -13.21 -6.09
CA PRO A 66 9.76 -12.01 -6.82
C PRO A 66 8.88 -11.13 -5.93
N GLY A 67 9.45 -10.06 -5.48
CA GLY A 67 8.74 -9.17 -4.61
C GLY A 67 8.35 -7.93 -5.33
N ILE A 68 7.31 -7.31 -4.88
CA ILE A 68 6.82 -6.12 -5.49
C ILE A 68 7.23 -4.94 -4.60
N PHE A 69 8.03 -4.07 -5.12
CA PHE A 69 8.55 -2.97 -4.34
C PHE A 69 7.98 -1.69 -4.87
N ILE A 70 8.05 -0.66 -4.09
CA ILE A 70 7.67 0.64 -4.56
C ILE A 70 8.80 1.14 -5.47
N SER A 71 8.47 1.63 -6.63
CA SER A 71 9.50 2.07 -7.53
C SER A 71 9.93 3.48 -7.17
N ARG A 72 8.97 4.38 -7.10
CA ARG A 72 9.24 5.75 -6.81
C ARG A 72 7.94 6.43 -6.43
N LEU A 73 8.03 7.48 -5.67
CA LEU A 73 6.85 8.22 -5.27
C LEU A 73 6.59 9.33 -6.26
N VAL A 74 5.34 9.50 -6.62
CA VAL A 74 4.93 10.51 -7.56
C VAL A 74 4.92 11.86 -6.85
N PRO A 75 5.62 12.87 -7.38
CA PRO A 75 5.66 14.20 -6.76
C PRO A 75 4.25 14.78 -6.70
N GLY A 76 3.81 15.14 -5.52
CA GLY A 76 2.47 15.63 -5.36
C GLY A 76 1.46 14.49 -5.22
N GLY A 77 1.95 13.27 -5.22
CA GLY A 77 1.11 12.13 -5.04
C GLY A 77 0.94 11.85 -3.58
N LEU A 78 -0.21 11.34 -3.20
CA LEU A 78 -0.56 11.13 -1.80
C LEU A 78 0.48 10.32 -0.97
N ALA A 79 1.11 9.32 -1.57
CA ALA A 79 2.08 8.52 -0.84
C ALA A 79 3.38 9.30 -0.65
N GLU A 80 3.64 10.20 -1.57
CA GLU A 80 4.78 11.09 -1.50
C GLU A 80 4.47 12.17 -0.46
N SER A 81 3.31 12.82 -0.64
CA SER A 81 2.84 13.92 0.19
C SER A 81 2.80 13.58 1.68
N THR A 82 2.54 12.33 1.98
CA THR A 82 2.46 11.89 3.36
C THR A 82 3.84 11.71 3.98
N GLY A 83 4.81 11.28 3.18
CA GLY A 83 6.12 10.95 3.69
C GLY A 83 6.06 9.68 4.50
N LEU A 84 5.07 8.86 4.19
CA LEU A 84 4.83 7.62 4.90
C LEU A 84 5.52 6.42 4.29
N LEU A 85 5.43 6.25 3.00
CA LEU A 85 6.06 5.07 2.39
C LEU A 85 7.29 5.48 1.59
N ALA A 86 8.25 4.59 1.47
CA ALA A 86 9.48 4.84 0.75
C ALA A 86 9.72 3.77 -0.32
N VAL A 87 10.63 4.05 -1.24
CA VAL A 87 10.90 3.17 -2.40
C VAL A 87 11.38 1.76 -2.02
N ASN A 88 12.07 1.62 -0.93
CA ASN A 88 12.54 0.29 -0.54
C ASN A 88 11.48 -0.57 0.05
N ASP A 89 10.44 0.07 0.60
CA ASP A 89 9.35 -0.67 1.22
C ASP A 89 8.64 -1.49 0.16
N GLU A 90 8.48 -2.76 0.42
CA GLU A 90 7.80 -3.61 -0.52
C GLU A 90 6.37 -3.76 -0.10
N VAL A 91 5.50 -3.85 -1.06
CA VAL A 91 4.11 -3.99 -0.79
C VAL A 91 3.79 -5.42 -0.38
N ILE A 92 2.95 -5.55 0.60
CA ILE A 92 2.53 -6.84 1.10
C ILE A 92 1.15 -7.15 0.57
N GLU A 93 0.23 -6.27 0.87
CA GLU A 93 -1.15 -6.43 0.47
C GLU A 93 -1.74 -5.14 0.04
N VAL A 94 -2.58 -5.22 -0.94
CA VAL A 94 -3.33 -4.10 -1.40
C VAL A 94 -4.81 -4.37 -1.09
N ASN A 95 -5.35 -3.57 -0.19
CA ASN A 95 -6.69 -3.75 0.42
C ASN A 95 -6.64 -4.95 1.36
N GLY A 96 -6.54 -6.11 0.78
CA GLY A 96 -6.44 -7.35 1.50
C GLY A 96 -6.01 -8.43 0.54
N ILE A 97 -5.40 -7.98 -0.55
CA ILE A 97 -4.95 -8.85 -1.60
C ILE A 97 -3.46 -8.91 -1.53
N GLU A 98 -2.93 -10.03 -1.14
CA GLU A 98 -1.52 -10.21 -1.06
C GLU A 98 -0.93 -10.21 -2.46
N VAL A 99 0.11 -9.43 -2.63
CA VAL A 99 0.74 -9.23 -3.93
C VAL A 99 1.59 -10.42 -4.35
N ALA A 100 1.83 -11.32 -3.42
CA ALA A 100 2.63 -12.49 -3.71
C ALA A 100 1.94 -13.37 -4.72
N GLY A 101 2.62 -13.62 -5.81
CA GLY A 101 2.08 -14.45 -6.86
C GLY A 101 1.35 -13.65 -7.92
N LYS A 102 1.25 -12.34 -7.74
CA LYS A 102 0.57 -11.48 -8.68
C LYS A 102 1.56 -10.68 -9.50
N THR A 103 1.13 -10.16 -10.61
CA THR A 103 2.01 -9.36 -11.44
C THR A 103 1.82 -7.90 -11.13
N LEU A 104 2.71 -7.07 -11.61
CA LEU A 104 2.57 -5.63 -11.45
C LEU A 104 1.34 -5.16 -12.15
N ASP A 105 1.05 -5.78 -13.28
CA ASP A 105 -0.13 -5.49 -14.07
C ASP A 105 -1.37 -5.70 -13.23
N GLN A 106 -1.40 -6.84 -12.56
CA GLN A 106 -2.54 -7.19 -11.72
C GLN A 106 -2.60 -6.36 -10.46
N VAL A 107 -1.45 -6.14 -9.82
CA VAL A 107 -1.45 -5.38 -8.58
C VAL A 107 -1.86 -3.92 -8.83
N THR A 108 -1.27 -3.29 -9.86
CA THR A 108 -1.65 -1.91 -10.20
C THR A 108 -3.14 -1.83 -10.54
N ASP A 109 -3.58 -2.73 -11.39
CA ASP A 109 -4.98 -2.77 -11.83
C ASP A 109 -5.93 -3.00 -10.67
N MET A 110 -5.51 -3.81 -9.70
CA MET A 110 -6.33 -4.09 -8.52
C MET A 110 -6.47 -2.81 -7.72
N MET A 111 -5.34 -2.14 -7.50
CA MET A 111 -5.33 -0.92 -6.73
C MET A 111 -6.13 0.18 -7.38
N VAL A 112 -5.98 0.34 -8.68
CA VAL A 112 -6.72 1.36 -9.41
C VAL A 112 -8.24 0.97 -9.44
N ALA A 113 -8.53 -0.33 -9.32
CA ALA A 113 -9.91 -0.81 -9.29
C ALA A 113 -10.65 -0.23 -8.09
N ASN A 114 -9.96 -0.20 -6.98
CA ASN A 114 -10.49 0.28 -5.70
C ASN A 114 -9.95 1.68 -5.38
N SER A 115 -9.71 2.49 -6.41
CA SER A 115 -9.07 3.82 -6.26
C SER A 115 -9.63 4.70 -5.13
N SER A 116 -10.95 4.86 -5.06
CA SER A 116 -11.53 5.83 -4.12
C SER A 116 -11.28 5.45 -2.66
N ASN A 117 -10.98 4.20 -2.43
CA ASN A 117 -10.65 3.71 -1.12
C ASN A 117 -9.78 2.48 -1.25
N LEU A 118 -8.49 2.69 -1.19
CA LEU A 118 -7.53 1.62 -1.38
C LEU A 118 -6.50 1.66 -0.25
N ILE A 119 -6.20 0.51 0.29
CA ILE A 119 -5.27 0.40 1.40
C ILE A 119 -3.99 -0.23 0.91
N ILE A 120 -2.89 0.41 1.15
CA ILE A 120 -1.61 -0.17 0.77
C ILE A 120 -0.90 -0.62 2.02
N THR A 121 -0.61 -1.89 2.10
CA THR A 121 0.11 -2.43 3.21
C THR A 121 1.51 -2.78 2.73
N VAL A 122 2.51 -2.14 3.28
CA VAL A 122 3.89 -2.41 2.92
C VAL A 122 4.67 -2.86 4.13
N LYS A 123 5.86 -3.36 3.91
CA LYS A 123 6.76 -3.68 4.99
C LYS A 123 8.12 -3.04 4.72
N PRO A 124 8.74 -2.44 5.74
CA PRO A 124 10.06 -1.87 5.60
C PRO A 124 11.07 -2.92 5.23
N ALA A 125 11.89 -2.60 4.29
CA ALA A 125 12.89 -3.52 3.82
C ALA A 125 14.10 -3.48 4.73
N ASN A 126 14.09 -2.51 5.66
CA ASN A 126 15.17 -2.29 6.60
C ASN A 126 16.43 -1.84 5.84
N GLN A 127 17.52 -1.65 6.51
CA GLN A 127 18.73 -1.29 5.85
C GLN A 127 19.37 -2.54 5.29
N ARG A 128 18.97 -2.84 4.09
CA ARG A 128 19.45 -4.00 3.41
C ARG A 128 20.61 -3.57 2.53
N GLY A 1 -1.68 -11.57 4.84
CA GLY A 1 -2.43 -11.95 6.02
C GLY A 1 -3.78 -12.44 5.62
N SER A 2 -4.08 -13.66 5.95
CA SER A 2 -5.30 -14.28 5.56
C SER A 2 -6.45 -13.83 6.46
N LYS A 3 -7.00 -12.65 6.16
CA LYS A 3 -8.13 -12.09 6.87
C LYS A 3 -8.57 -10.80 6.21
N THR A 4 -9.50 -10.90 5.32
CA THR A 4 -10.04 -9.75 4.62
C THR A 4 -10.95 -8.94 5.55
N LYS A 5 -10.47 -7.79 5.99
CA LYS A 5 -11.24 -6.98 6.90
C LYS A 5 -11.67 -5.67 6.29
N ALA A 6 -12.83 -5.23 6.68
CA ALA A 6 -13.26 -3.90 6.38
C ALA A 6 -13.28 -3.18 7.73
N PRO A 7 -12.34 -2.25 7.95
CA PRO A 7 -12.21 -1.57 9.26
C PRO A 7 -13.32 -0.58 9.52
N SER A 8 -14.16 -0.38 8.51
CA SER A 8 -15.24 0.59 8.54
C SER A 8 -14.68 1.97 8.82
N ILE A 9 -14.08 2.53 7.80
CA ILE A 9 -13.41 3.78 7.91
C ILE A 9 -14.37 4.88 7.57
N SER A 10 -14.82 5.54 8.58
CA SER A 10 -15.71 6.64 8.42
C SER A 10 -14.97 7.83 7.81
N ILE A 11 -15.16 8.04 6.53
CA ILE A 11 -14.53 9.12 5.85
C ILE A 11 -15.45 10.33 5.80
N PRO A 12 -14.90 11.53 6.03
CA PRO A 12 -15.69 12.76 6.04
C PRO A 12 -16.33 13.03 4.69
N HIS A 13 -17.57 13.45 4.71
CA HIS A 13 -18.26 13.76 3.49
C HIS A 13 -17.88 15.16 3.06
N ASP A 14 -16.82 15.25 2.31
CA ASP A 14 -16.29 16.51 1.85
C ASP A 14 -15.43 16.19 0.63
N PHE A 15 -14.81 17.18 0.04
CA PHE A 15 -13.97 16.97 -1.11
C PHE A 15 -12.53 16.74 -0.64
N ARG A 16 -12.19 17.33 0.49
CA ARG A 16 -10.83 17.24 0.99
C ARG A 16 -10.57 15.88 1.63
N CYS A 17 -9.34 15.44 1.54
CA CYS A 17 -8.93 14.18 2.10
C CYS A 17 -7.71 14.29 2.95
N VAL A 18 -7.64 13.40 3.89
CA VAL A 18 -6.52 13.23 4.75
C VAL A 18 -6.09 11.78 4.61
N SER A 19 -4.81 11.53 4.57
CA SER A 19 -4.33 10.19 4.46
C SER A 19 -4.45 9.48 5.80
N ALA A 20 -4.96 8.28 5.77
CA ALA A 20 -5.25 7.57 6.98
C ALA A 20 -4.34 6.39 7.12
N ILE A 21 -3.76 6.24 8.28
CA ILE A 21 -2.89 5.12 8.55
C ILE A 21 -3.62 4.22 9.52
N ILE A 22 -4.17 3.17 8.98
CA ILE A 22 -5.05 2.31 9.72
C ILE A 22 -4.36 1.08 10.23
N ASP A 23 -5.04 0.39 11.17
CA ASP A 23 -4.54 -0.83 11.81
C ASP A 23 -3.22 -0.58 12.51
N VAL A 24 -2.95 0.68 12.86
CA VAL A 24 -1.68 1.09 13.45
C VAL A 24 -1.35 0.28 14.73
N ASP A 25 -2.35 -0.04 15.51
CA ASP A 25 -2.18 -0.84 16.73
C ASP A 25 -2.09 -2.34 16.44
N ILE A 26 -2.85 -2.79 15.46
CA ILE A 26 -2.92 -4.22 15.11
C ILE A 26 -1.68 -4.63 14.33
N VAL A 27 -1.31 -3.80 13.42
CA VAL A 27 -0.18 -4.00 12.56
C VAL A 27 1.11 -3.61 13.27
N PRO A 28 2.10 -4.49 13.23
CA PRO A 28 3.40 -4.20 13.79
C PRO A 28 4.11 -3.15 12.95
N GLU A 29 5.02 -2.45 13.58
CA GLU A 29 5.81 -1.38 12.95
C GLU A 29 6.55 -1.84 11.66
N THR A 30 6.72 -3.14 11.50
CA THR A 30 7.34 -3.69 10.31
C THR A 30 6.40 -3.69 9.09
N HIS A 31 5.11 -3.46 9.31
CA HIS A 31 4.18 -3.27 8.21
C HIS A 31 3.61 -1.89 8.29
N ARG A 32 3.17 -1.38 7.19
CA ARG A 32 2.58 -0.09 7.14
C ARG A 32 1.33 -0.15 6.30
N ARG A 33 0.24 0.35 6.81
CA ARG A 33 -0.98 0.42 6.04
C ARG A 33 -1.35 1.85 5.78
N VAL A 34 -1.46 2.19 4.51
CA VAL A 34 -1.78 3.53 4.13
C VAL A 34 -3.11 3.46 3.38
N ARG A 35 -4.03 4.26 3.77
CA ARG A 35 -5.32 4.30 3.13
C ARG A 35 -5.39 5.47 2.20
N LEU A 36 -5.91 5.23 1.02
CA LEU A 36 -6.11 6.30 0.09
C LEU A 36 -7.50 6.85 0.32
N CYS A 37 -7.63 8.14 0.24
CA CYS A 37 -8.92 8.76 0.32
C CYS A 37 -9.14 9.44 -0.99
N LYS A 38 -10.30 9.26 -1.55
CA LYS A 38 -10.60 9.87 -2.79
C LYS A 38 -11.98 10.48 -2.79
N HIS A 39 -12.07 11.72 -3.11
CA HIS A 39 -13.34 12.39 -3.19
C HIS A 39 -13.42 13.22 -4.44
N GLY A 40 -14.07 12.68 -5.45
CA GLY A 40 -14.30 13.42 -6.67
C GLY A 40 -13.12 13.41 -7.64
N SER A 41 -11.97 13.79 -7.15
CA SER A 41 -10.80 13.90 -7.97
C SER A 41 -10.05 12.57 -8.08
N ASP A 42 -10.19 11.91 -9.23
CA ASP A 42 -9.52 10.64 -9.44
C ASP A 42 -8.24 10.78 -10.23
N LYS A 43 -7.20 11.06 -9.52
CA LYS A 43 -5.85 11.12 -10.08
C LYS A 43 -5.09 9.85 -9.69
N PRO A 44 -4.00 9.51 -10.42
CA PRO A 44 -3.19 8.31 -10.16
C PRO A 44 -2.67 8.22 -8.73
N LEU A 45 -2.37 7.01 -8.29
CA LEU A 45 -1.87 6.78 -6.94
C LEU A 45 -0.52 7.46 -6.79
N GLY A 46 -0.11 7.66 -5.57
CA GLY A 46 1.09 8.42 -5.34
C GLY A 46 2.39 7.62 -5.42
N PHE A 47 2.37 6.47 -6.08
CA PHE A 47 3.57 5.68 -6.25
C PHE A 47 3.45 4.68 -7.38
N TYR A 48 4.58 4.16 -7.79
CA TYR A 48 4.68 3.14 -8.82
C TYR A 48 5.32 1.92 -8.19
N ILE A 49 5.20 0.78 -8.84
CA ILE A 49 5.83 -0.42 -8.33
C ILE A 49 6.83 -0.99 -9.31
N ARG A 50 7.73 -1.78 -8.79
CA ARG A 50 8.77 -2.42 -9.54
C ARG A 50 8.90 -3.85 -9.09
N ASP A 51 9.64 -4.62 -9.82
CA ASP A 51 9.83 -6.00 -9.50
C ASP A 51 11.25 -6.22 -9.00
N GLY A 52 11.45 -7.24 -8.22
CA GLY A 52 12.76 -7.55 -7.70
C GLY A 52 12.72 -8.77 -6.84
N THR A 53 13.68 -8.90 -5.97
CA THR A 53 13.75 -10.02 -5.07
C THR A 53 13.71 -9.60 -3.62
N SER A 54 12.94 -10.28 -2.86
CA SER A 54 12.84 -10.03 -1.47
C SER A 54 13.27 -11.29 -0.74
N VAL A 55 13.81 -11.14 0.44
CA VAL A 55 14.29 -12.27 1.18
C VAL A 55 13.31 -12.67 2.31
N ARG A 56 13.11 -13.97 2.44
CA ARG A 56 12.21 -14.58 3.40
C ARG A 56 12.93 -15.41 4.40
N VAL A 57 12.51 -15.31 5.62
CA VAL A 57 13.02 -16.13 6.68
C VAL A 57 12.08 -17.31 6.87
N THR A 58 12.60 -18.51 6.68
CA THR A 58 11.81 -19.71 6.80
C THR A 58 12.57 -20.74 7.62
N ALA A 59 12.01 -21.95 7.73
CA ALA A 59 12.62 -23.05 8.45
C ALA A 59 13.84 -23.58 7.67
N SER A 60 13.91 -23.25 6.40
CA SER A 60 15.02 -23.64 5.57
C SER A 60 16.12 -22.58 5.64
N GLY A 61 15.76 -21.43 6.14
CA GLY A 61 16.70 -20.36 6.26
C GLY A 61 16.26 -19.16 5.47
N LEU A 62 17.08 -18.74 4.55
CA LEU A 62 16.74 -17.59 3.74
C LEU A 62 16.23 -17.99 2.38
N GLU A 63 15.06 -17.53 2.12
CA GLU A 63 14.36 -17.76 0.89
C GLU A 63 14.35 -16.53 0.06
N LYS A 64 14.37 -16.69 -1.21
CA LYS A 64 14.25 -15.58 -2.09
C LYS A 64 12.91 -15.64 -2.78
N GLN A 65 12.23 -14.54 -2.82
CA GLN A 65 10.93 -14.48 -3.44
C GLN A 65 10.88 -13.31 -4.40
N PRO A 66 10.06 -13.39 -5.45
CA PRO A 66 9.79 -12.26 -6.30
C PRO A 66 9.04 -11.21 -5.48
N GLY A 67 9.65 -10.08 -5.29
CA GLY A 67 9.06 -9.08 -4.47
C GLY A 67 8.65 -7.90 -5.28
N ILE A 68 7.56 -7.31 -4.91
CA ILE A 68 7.08 -6.15 -5.58
C ILE A 68 7.43 -4.96 -4.69
N PHE A 69 8.24 -4.08 -5.19
CA PHE A 69 8.71 -2.96 -4.41
C PHE A 69 8.17 -1.69 -4.98
N ILE A 70 8.27 -0.63 -4.23
CA ILE A 70 7.90 0.65 -4.72
C ILE A 70 8.97 1.13 -5.71
N SER A 71 8.57 1.60 -6.85
CA SER A 71 9.52 2.04 -7.84
C SER A 71 9.93 3.49 -7.59
N ARG A 72 8.94 4.35 -7.50
CA ARG A 72 9.17 5.76 -7.29
C ARG A 72 7.85 6.38 -6.86
N LEU A 73 7.89 7.46 -6.13
CA LEU A 73 6.66 8.10 -5.76
C LEU A 73 6.35 9.26 -6.66
N VAL A 74 5.08 9.45 -6.89
CA VAL A 74 4.57 10.50 -7.73
C VAL A 74 4.62 11.81 -6.93
N PRO A 75 5.28 12.85 -7.46
CA PRO A 75 5.33 14.15 -6.80
C PRO A 75 3.92 14.73 -6.70
N GLY A 76 3.50 15.05 -5.50
CA GLY A 76 2.15 15.54 -5.30
C GLY A 76 1.18 14.38 -5.10
N GLY A 77 1.73 13.17 -5.12
CA GLY A 77 0.93 12.00 -4.92
C GLY A 77 0.63 11.81 -3.45
N LEU A 78 -0.46 11.15 -3.15
CA LEU A 78 -0.92 10.98 -1.78
C LEU A 78 0.13 10.32 -0.87
N ALA A 79 0.88 9.33 -1.39
CA ALA A 79 1.85 8.62 -0.56
C ALA A 79 3.05 9.50 -0.32
N GLU A 80 3.38 10.31 -1.30
CA GLU A 80 4.47 11.24 -1.24
C GLU A 80 4.09 12.40 -0.29
N SER A 81 2.80 12.75 -0.31
CA SER A 81 2.27 13.79 0.56
C SER A 81 2.46 13.41 2.04
N THR A 82 2.07 12.18 2.39
CA THR A 82 2.23 11.71 3.76
C THR A 82 3.69 11.26 4.03
N GLY A 83 4.40 10.88 2.97
CA GLY A 83 5.82 10.55 3.02
C GLY A 83 6.17 9.43 3.98
N LEU A 84 5.29 8.48 4.13
CA LEU A 84 5.52 7.38 5.07
C LEU A 84 6.25 6.21 4.42
N LEU A 85 6.23 6.15 3.11
CA LEU A 85 6.81 5.02 2.41
C LEU A 85 7.94 5.47 1.52
N ALA A 86 8.88 4.60 1.29
CA ALA A 86 10.01 4.91 0.47
C ALA A 86 10.12 3.88 -0.64
N VAL A 87 10.90 4.19 -1.65
CA VAL A 87 11.15 3.30 -2.82
C VAL A 87 11.63 1.90 -2.39
N ASN A 88 12.32 1.84 -1.29
CA ASN A 88 12.84 0.57 -0.82
C ASN A 88 11.76 -0.33 -0.25
N ASP A 89 10.67 0.25 0.21
CA ASP A 89 9.57 -0.50 0.82
C ASP A 89 8.92 -1.43 -0.21
N GLU A 90 8.53 -2.59 0.25
CA GLU A 90 7.94 -3.59 -0.60
C GLU A 90 6.47 -3.76 -0.24
N VAL A 91 5.64 -3.94 -1.23
CA VAL A 91 4.22 -4.07 -1.01
C VAL A 91 3.86 -5.51 -0.62
N ILE A 92 3.00 -5.64 0.36
CA ILE A 92 2.58 -6.93 0.86
C ILE A 92 1.17 -7.29 0.35
N GLU A 93 0.21 -6.43 0.64
CA GLU A 93 -1.18 -6.65 0.25
C GLU A 93 -1.87 -5.36 -0.07
N VAL A 94 -2.77 -5.43 -0.99
CA VAL A 94 -3.61 -4.33 -1.36
C VAL A 94 -5.08 -4.71 -1.12
N ASN A 95 -5.63 -4.24 0.01
CA ASN A 95 -7.00 -4.58 0.50
C ASN A 95 -7.13 -6.03 0.95
N GLY A 96 -6.03 -6.73 0.97
CA GLY A 96 -6.06 -8.14 1.33
C GLY A 96 -5.68 -8.99 0.14
N ILE A 97 -5.54 -8.33 -0.99
CA ILE A 97 -5.09 -8.97 -2.18
C ILE A 97 -3.59 -9.04 -2.13
N GLU A 98 -3.06 -10.23 -1.92
CA GLU A 98 -1.64 -10.39 -1.91
C GLU A 98 -1.09 -10.18 -3.26
N VAL A 99 0.02 -9.52 -3.30
CA VAL A 99 0.70 -9.24 -4.53
C VAL A 99 1.52 -10.45 -4.98
N ALA A 100 1.60 -11.43 -4.11
CA ALA A 100 2.37 -12.61 -4.36
C ALA A 100 1.77 -13.43 -5.49
N GLY A 101 2.57 -13.67 -6.50
CA GLY A 101 2.10 -14.44 -7.63
C GLY A 101 1.46 -13.58 -8.70
N LYS A 102 1.26 -12.31 -8.40
CA LYS A 102 0.66 -11.41 -9.33
C LYS A 102 1.72 -10.64 -10.08
N THR A 103 1.35 -10.09 -11.18
CA THR A 103 2.25 -9.29 -11.93
C THR A 103 2.09 -7.84 -11.58
N LEU A 104 3.01 -7.01 -12.01
CA LEU A 104 2.92 -5.58 -11.79
C LEU A 104 1.72 -5.02 -12.49
N ASP A 105 1.39 -5.65 -13.61
CA ASP A 105 0.20 -5.29 -14.39
C ASP A 105 -1.02 -5.46 -13.53
N GLN A 106 -1.11 -6.62 -12.90
CA GLN A 106 -2.20 -6.96 -12.03
C GLN A 106 -2.22 -6.10 -10.79
N VAL A 107 -1.09 -5.97 -10.15
CA VAL A 107 -1.02 -5.22 -8.90
C VAL A 107 -1.36 -3.73 -9.12
N THR A 108 -0.78 -3.11 -10.16
CA THR A 108 -1.12 -1.72 -10.47
C THR A 108 -2.60 -1.59 -10.79
N ASP A 109 -3.10 -2.49 -11.63
CA ASP A 109 -4.49 -2.48 -12.05
C ASP A 109 -5.43 -2.57 -10.87
N MET A 110 -5.07 -3.43 -9.93
CA MET A 110 -5.88 -3.65 -8.73
C MET A 110 -5.93 -2.35 -7.93
N MET A 111 -4.77 -1.76 -7.73
CA MET A 111 -4.68 -0.54 -6.96
C MET A 111 -5.38 0.63 -7.62
N VAL A 112 -5.32 0.71 -8.93
CA VAL A 112 -6.04 1.77 -9.64
C VAL A 112 -7.55 1.47 -9.60
N ALA A 113 -7.89 0.18 -9.63
CA ALA A 113 -9.29 -0.28 -9.54
C ALA A 113 -9.91 0.18 -8.25
N ASN A 114 -9.11 0.18 -7.23
CA ASN A 114 -9.52 0.54 -5.89
C ASN A 114 -9.05 1.93 -5.52
N SER A 115 -8.90 2.80 -6.52
CA SER A 115 -8.39 4.14 -6.28
C SER A 115 -9.28 4.95 -5.31
N SER A 116 -10.57 4.60 -5.23
CA SER A 116 -11.48 5.28 -4.35
C SER A 116 -11.19 4.85 -2.90
N ASN A 117 -11.16 3.56 -2.67
CA ASN A 117 -10.87 3.02 -1.36
C ASN A 117 -9.89 1.87 -1.43
N LEU A 118 -8.66 2.19 -1.19
CA LEU A 118 -7.58 1.23 -1.27
C LEU A 118 -6.82 1.20 0.02
N ILE A 119 -6.61 0.01 0.52
CA ILE A 119 -5.83 -0.19 1.71
C ILE A 119 -4.49 -0.77 1.27
N ILE A 120 -3.45 -0.06 1.48
CA ILE A 120 -2.16 -0.49 1.02
C ILE A 120 -1.35 -0.97 2.20
N THR A 121 -0.96 -2.24 2.18
CA THR A 121 -0.16 -2.81 3.22
C THR A 121 1.22 -3.11 2.65
N VAL A 122 2.20 -2.48 3.18
CA VAL A 122 3.55 -2.67 2.73
C VAL A 122 4.43 -2.98 3.91
N LYS A 123 5.65 -3.30 3.64
CA LYS A 123 6.63 -3.46 4.67
C LYS A 123 7.92 -2.81 4.20
N PRO A 124 8.56 -2.02 5.04
CA PRO A 124 9.84 -1.44 4.68
C PRO A 124 10.90 -2.51 4.49
N ALA A 125 11.80 -2.26 3.59
CA ALA A 125 12.92 -3.14 3.40
C ALA A 125 14.07 -2.63 4.23
N ASN A 126 13.90 -1.36 4.64
CA ASN A 126 14.84 -0.62 5.47
C ASN A 126 16.15 -0.38 4.76
N GLN A 127 16.29 0.80 4.20
CA GLN A 127 17.53 1.17 3.59
C GLN A 127 18.37 1.90 4.62
N ARG A 128 19.19 1.14 5.34
CA ARG A 128 20.06 1.63 6.40
C ARG A 128 19.25 2.08 7.62
N GLY A 1 -10.45 -9.77 -5.14
CA GLY A 1 -11.74 -10.07 -4.55
C GLY A 1 -12.23 -8.94 -3.69
N SER A 2 -12.85 -7.96 -4.29
CA SER A 2 -13.37 -6.83 -3.56
C SER A 2 -14.58 -7.24 -2.72
N LYS A 3 -14.36 -7.35 -1.43
CA LYS A 3 -15.40 -7.71 -0.48
C LYS A 3 -16.40 -6.58 -0.39
N THR A 4 -17.65 -6.92 -0.17
CA THR A 4 -18.70 -5.94 -0.06
C THR A 4 -18.65 -5.29 1.33
N LYS A 5 -17.93 -4.20 1.41
CA LYS A 5 -17.75 -3.50 2.64
C LYS A 5 -17.96 -2.03 2.34
N ALA A 6 -18.87 -1.42 3.03
CA ALA A 6 -19.13 -0.02 2.87
C ALA A 6 -18.32 0.76 3.88
N PRO A 7 -17.32 1.55 3.43
CA PRO A 7 -16.53 2.42 4.29
C PRO A 7 -17.42 3.24 5.24
N SER A 8 -17.08 3.23 6.51
CA SER A 8 -17.86 3.92 7.53
C SER A 8 -17.29 5.31 7.79
N ILE A 9 -16.61 5.85 6.79
CA ILE A 9 -15.98 7.15 6.85
C ILE A 9 -17.04 8.24 7.08
N SER A 10 -18.14 8.11 6.36
CA SER A 10 -19.28 9.01 6.45
C SER A 10 -18.94 10.46 6.13
N ILE A 11 -18.90 10.75 4.86
CA ILE A 11 -18.68 12.09 4.40
C ILE A 11 -19.90 12.62 3.66
N PRO A 12 -20.24 13.90 3.81
CA PRO A 12 -21.34 14.49 3.04
C PRO A 12 -20.94 14.60 1.58
N HIS A 13 -19.84 15.27 1.34
CA HIS A 13 -19.28 15.41 0.03
C HIS A 13 -17.78 15.26 0.16
N ASP A 14 -17.21 16.16 0.98
CA ASP A 14 -15.77 16.18 1.34
C ASP A 14 -14.88 16.60 0.16
N PHE A 15 -13.69 17.06 0.46
CA PHE A 15 -12.77 17.58 -0.53
C PHE A 15 -11.34 17.19 -0.17
N ARG A 16 -10.98 17.46 1.05
CA ARG A 16 -9.64 17.23 1.54
C ARG A 16 -9.49 15.78 1.98
N CYS A 17 -8.37 15.18 1.66
CA CYS A 17 -8.14 13.82 2.03
C CYS A 17 -7.11 13.69 3.12
N VAL A 18 -7.37 12.79 4.01
CA VAL A 18 -6.50 12.48 5.09
C VAL A 18 -5.82 11.13 4.82
N SER A 19 -4.54 11.11 4.92
CA SER A 19 -3.81 9.90 4.81
C SER A 19 -3.52 9.42 6.22
N ALA A 20 -3.75 8.17 6.46
CA ALA A 20 -3.65 7.66 7.80
C ALA A 20 -3.17 6.25 7.81
N ILE A 21 -2.58 5.88 8.92
CA ILE A 21 -2.12 4.54 9.15
C ILE A 21 -3.24 3.85 9.91
N ILE A 22 -3.86 2.91 9.28
CA ILE A 22 -4.99 2.24 9.89
C ILE A 22 -4.58 0.90 10.47
N ASP A 23 -5.37 0.40 11.42
CA ASP A 23 -5.16 -0.91 12.07
C ASP A 23 -3.89 -0.90 12.91
N VAL A 24 -3.54 0.28 13.43
CA VAL A 24 -2.29 0.50 14.20
C VAL A 24 -2.13 -0.45 15.40
N ASP A 25 -3.23 -0.87 15.98
CA ASP A 25 -3.18 -1.75 17.15
C ASP A 25 -2.87 -3.19 16.75
N ILE A 26 -3.32 -3.57 15.58
CA ILE A 26 -3.15 -4.92 15.09
C ILE A 26 -1.86 -5.04 14.28
N VAL A 27 -1.60 -4.07 13.44
CA VAL A 27 -0.43 -4.07 12.57
C VAL A 27 0.86 -3.82 13.33
N PRO A 28 1.78 -4.78 13.24
CA PRO A 28 3.10 -4.66 13.81
C PRO A 28 3.93 -3.69 12.98
N GLU A 29 4.94 -3.10 13.59
CA GLU A 29 5.78 -2.11 12.90
C GLU A 29 6.51 -2.72 11.69
N THR A 30 6.49 -4.04 11.60
CA THR A 30 7.05 -4.75 10.50
C THR A 30 6.20 -4.58 9.22
N HIS A 31 4.96 -4.07 9.38
CA HIS A 31 4.11 -3.69 8.28
C HIS A 31 3.64 -2.26 8.43
N ARG A 32 3.21 -1.69 7.36
CA ARG A 32 2.69 -0.36 7.37
C ARG A 32 1.42 -0.36 6.54
N ARG A 33 0.37 0.22 7.06
CA ARG A 33 -0.86 0.33 6.30
C ARG A 33 -1.26 1.77 6.12
N VAL A 34 -1.44 2.16 4.88
CA VAL A 34 -1.90 3.49 4.54
C VAL A 34 -3.23 3.39 3.82
N ARG A 35 -4.14 4.26 4.17
CA ARG A 35 -5.43 4.25 3.56
C ARG A 35 -5.42 5.36 2.51
N LEU A 36 -5.64 5.00 1.26
CA LEU A 36 -5.55 5.93 0.15
C LEU A 36 -6.94 6.52 -0.14
N CYS A 37 -6.98 7.82 -0.38
CA CYS A 37 -8.22 8.55 -0.57
C CYS A 37 -8.27 9.17 -1.97
N LYS A 38 -9.47 9.30 -2.51
CA LYS A 38 -9.68 9.93 -3.78
C LYS A 38 -10.82 10.96 -3.68
N HIS A 39 -10.51 12.20 -3.97
CA HIS A 39 -11.50 13.28 -4.04
C HIS A 39 -11.08 14.27 -5.08
N GLY A 40 -11.89 14.37 -6.13
CA GLY A 40 -11.60 15.29 -7.22
C GLY A 40 -10.53 14.78 -8.14
N SER A 41 -9.35 14.70 -7.60
CA SER A 41 -8.19 14.26 -8.31
C SER A 41 -8.25 12.77 -8.61
N ASP A 42 -8.58 12.42 -9.83
CA ASP A 42 -8.54 11.04 -10.25
C ASP A 42 -7.31 10.83 -11.07
N LYS A 43 -6.26 10.53 -10.39
CA LYS A 43 -4.96 10.33 -10.98
C LYS A 43 -4.48 8.95 -10.60
N PRO A 44 -3.39 8.46 -11.23
CA PRO A 44 -2.74 7.21 -10.82
C PRO A 44 -2.36 7.28 -9.33
N LEU A 45 -2.24 6.13 -8.69
CA LEU A 45 -1.87 6.10 -7.30
C LEU A 45 -0.51 6.73 -7.14
N GLY A 46 -0.28 7.40 -6.03
CA GLY A 46 0.94 8.15 -5.90
C GLY A 46 2.18 7.36 -5.56
N PHE A 47 2.34 6.24 -6.19
CA PHE A 47 3.51 5.43 -6.10
C PHE A 47 3.56 4.46 -7.25
N TYR A 48 4.73 4.16 -7.69
CA TYR A 48 4.93 3.21 -8.76
C TYR A 48 5.48 1.96 -8.15
N ILE A 49 5.20 0.84 -8.75
CA ILE A 49 5.72 -0.40 -8.25
C ILE A 49 6.63 -1.04 -9.26
N ARG A 50 7.54 -1.80 -8.76
CA ARG A 50 8.49 -2.49 -9.57
C ARG A 50 8.55 -3.92 -9.14
N ASP A 51 9.34 -4.67 -9.83
CA ASP A 51 9.53 -6.05 -9.53
C ASP A 51 10.94 -6.20 -9.02
N GLY A 52 11.20 -7.28 -8.38
CA GLY A 52 12.49 -7.54 -7.86
C GLY A 52 12.43 -8.70 -6.95
N THR A 53 13.52 -9.28 -6.67
CA THR A 53 13.54 -10.39 -5.81
C THR A 53 13.79 -9.90 -4.39
N SER A 54 13.00 -10.36 -3.49
CA SER A 54 13.12 -9.98 -2.13
C SER A 54 13.77 -11.10 -1.38
N VAL A 55 14.65 -10.76 -0.49
CA VAL A 55 15.24 -11.73 0.35
C VAL A 55 14.44 -11.77 1.66
N ARG A 56 13.82 -12.86 1.89
CA ARG A 56 12.95 -13.01 3.01
C ARG A 56 13.54 -14.00 3.98
N VAL A 57 13.45 -13.68 5.23
CA VAL A 57 13.88 -14.61 6.24
C VAL A 57 12.66 -15.26 6.85
N THR A 58 12.52 -16.53 6.63
CA THR A 58 11.45 -17.28 7.17
C THR A 58 11.97 -18.23 8.22
N ALA A 59 11.08 -19.01 8.82
CA ALA A 59 11.49 -19.96 9.85
C ALA A 59 12.32 -21.09 9.25
N SER A 60 12.17 -21.29 7.96
CA SER A 60 12.94 -22.30 7.25
C SER A 60 14.34 -21.76 6.94
N GLY A 61 14.46 -20.45 6.86
CA GLY A 61 15.73 -19.83 6.58
C GLY A 61 15.57 -18.67 5.64
N LEU A 62 16.66 -18.21 5.08
CA LEU A 62 16.61 -17.09 4.15
C LEU A 62 16.20 -17.61 2.78
N GLU A 63 15.29 -16.95 2.16
CA GLU A 63 14.81 -17.34 0.88
C GLU A 63 14.62 -16.15 -0.04
N LYS A 64 14.85 -16.34 -1.29
CA LYS A 64 14.61 -15.32 -2.27
C LYS A 64 13.24 -15.55 -2.86
N GLN A 65 12.47 -14.50 -2.99
CA GLN A 65 11.11 -14.61 -3.48
C GLN A 65 10.76 -13.45 -4.40
N PRO A 66 9.84 -13.66 -5.36
CA PRO A 66 9.38 -12.60 -6.25
C PRO A 66 8.57 -11.56 -5.47
N GLY A 67 9.09 -10.36 -5.39
CA GLY A 67 8.43 -9.35 -4.64
C GLY A 67 8.03 -8.18 -5.50
N ILE A 68 7.19 -7.35 -4.95
CA ILE A 68 6.73 -6.15 -5.62
C ILE A 68 7.13 -4.98 -4.72
N PHE A 69 7.95 -4.11 -5.23
CA PHE A 69 8.48 -3.01 -4.41
C PHE A 69 8.00 -1.71 -4.94
N ILE A 70 8.08 -0.69 -4.13
CA ILE A 70 7.83 0.64 -4.58
C ILE A 70 9.02 1.08 -5.43
N SER A 71 8.77 1.63 -6.57
CA SER A 71 9.84 2.05 -7.42
C SER A 71 10.11 3.54 -7.22
N ARG A 72 9.05 4.30 -7.08
CA ARG A 72 9.12 5.74 -6.89
C ARG A 72 7.77 6.24 -6.41
N LEU A 73 7.76 7.37 -5.73
CA LEU A 73 6.52 8.04 -5.37
C LEU A 73 6.20 9.03 -6.47
N VAL A 74 4.95 9.22 -6.80
CA VAL A 74 4.62 10.16 -7.86
C VAL A 74 4.80 11.58 -7.34
N PRO A 75 5.34 12.48 -8.16
CA PRO A 75 5.56 13.85 -7.75
C PRO A 75 4.23 14.53 -7.42
N GLY A 76 4.15 15.05 -6.22
CA GLY A 76 2.96 15.72 -5.77
C GLY A 76 1.80 14.76 -5.52
N GLY A 77 2.12 13.49 -5.35
CA GLY A 77 1.07 12.50 -5.11
C GLY A 77 0.83 12.29 -3.65
N LEU A 78 -0.25 11.57 -3.34
CA LEU A 78 -0.68 11.34 -1.96
C LEU A 78 0.43 10.79 -1.07
N ALA A 79 1.10 9.74 -1.52
CA ALA A 79 2.08 9.07 -0.71
C ALA A 79 3.34 9.92 -0.53
N GLU A 80 3.68 10.72 -1.53
CA GLU A 80 4.83 11.62 -1.43
C GLU A 80 4.48 12.79 -0.54
N SER A 81 3.27 13.29 -0.71
CA SER A 81 2.78 14.43 0.04
C SER A 81 2.60 14.10 1.52
N THR A 82 2.40 12.83 1.84
CA THR A 82 2.22 12.48 3.22
C THR A 82 3.54 11.93 3.81
N GLY A 83 4.37 11.33 2.95
CA GLY A 83 5.64 10.79 3.38
C GLY A 83 5.48 9.67 4.39
N LEU A 84 4.46 8.87 4.23
CA LEU A 84 4.21 7.75 5.13
C LEU A 84 4.94 6.50 4.67
N LEU A 85 5.32 6.49 3.41
CA LEU A 85 6.02 5.35 2.83
C LEU A 85 7.26 5.85 2.13
N ALA A 86 8.24 4.98 1.97
CA ALA A 86 9.46 5.33 1.32
C ALA A 86 9.61 4.50 0.04
N VAL A 87 10.52 4.93 -0.83
CA VAL A 87 10.75 4.28 -2.14
C VAL A 87 11.13 2.79 -2.00
N ASN A 88 11.95 2.48 -1.04
CA ASN A 88 12.45 1.12 -0.86
C ASN A 88 11.41 0.14 -0.38
N ASP A 89 10.35 0.63 0.25
CA ASP A 89 9.38 -0.23 0.89
C ASP A 89 8.68 -1.18 -0.08
N GLU A 90 8.40 -2.36 0.40
CA GLU A 90 7.85 -3.43 -0.39
C GLU A 90 6.36 -3.55 -0.10
N VAL A 91 5.56 -3.76 -1.12
CA VAL A 91 4.13 -3.86 -0.93
C VAL A 91 3.73 -5.31 -0.58
N ILE A 92 2.92 -5.47 0.44
CA ILE A 92 2.50 -6.78 0.89
C ILE A 92 1.03 -7.04 0.51
N GLU A 93 0.18 -6.06 0.70
CA GLU A 93 -1.22 -6.20 0.36
C GLU A 93 -1.75 -4.96 -0.26
N VAL A 94 -2.63 -5.16 -1.18
CA VAL A 94 -3.35 -4.09 -1.78
C VAL A 94 -4.85 -4.37 -1.61
N ASN A 95 -5.42 -3.73 -0.62
CA ASN A 95 -6.84 -3.86 -0.16
C ASN A 95 -7.05 -5.16 0.58
N GLY A 96 -6.65 -6.23 -0.04
CA GLY A 96 -6.74 -7.55 0.53
C GLY A 96 -6.06 -8.57 -0.36
N ILE A 97 -5.31 -8.08 -1.33
CA ILE A 97 -4.61 -8.93 -2.27
C ILE A 97 -3.21 -9.12 -1.73
N GLU A 98 -2.72 -10.36 -1.69
CA GLU A 98 -1.40 -10.65 -1.10
C GLU A 98 -0.26 -10.31 -2.03
N VAL A 99 -0.61 -9.86 -3.24
CA VAL A 99 0.30 -9.45 -4.34
C VAL A 99 1.31 -10.54 -4.77
N ALA A 100 1.28 -11.67 -4.10
CA ALA A 100 2.13 -12.78 -4.46
C ALA A 100 1.45 -13.57 -5.56
N GLY A 101 2.15 -13.72 -6.66
CA GLY A 101 1.61 -14.42 -7.80
C GLY A 101 0.93 -13.45 -8.75
N LYS A 102 0.92 -12.19 -8.37
CA LYS A 102 0.31 -11.15 -9.15
C LYS A 102 1.37 -10.44 -9.93
N THR A 103 1.05 -9.99 -11.12
CA THR A 103 1.99 -9.25 -11.91
C THR A 103 1.84 -7.79 -11.61
N LEU A 104 2.81 -7.01 -12.01
CA LEU A 104 2.75 -5.57 -11.83
C LEU A 104 1.56 -5.00 -12.54
N ASP A 105 1.28 -5.55 -13.70
CA ASP A 105 0.14 -5.16 -14.50
C ASP A 105 -1.14 -5.40 -13.73
N GLN A 106 -1.21 -6.53 -13.06
CA GLN A 106 -2.35 -6.88 -12.27
C GLN A 106 -2.43 -6.14 -10.95
N VAL A 107 -1.30 -5.91 -10.31
CA VAL A 107 -1.32 -5.20 -9.05
C VAL A 107 -1.68 -3.73 -9.27
N THR A 108 -1.07 -3.11 -10.28
CA THR A 108 -1.40 -1.72 -10.62
C THR A 108 -2.89 -1.57 -10.94
N ASP A 109 -3.39 -2.43 -11.84
CA ASP A 109 -4.78 -2.40 -12.26
C ASP A 109 -5.71 -2.62 -11.08
N MET A 110 -5.32 -3.53 -10.18
CA MET A 110 -6.12 -3.86 -9.01
C MET A 110 -6.22 -2.61 -8.13
N MET A 111 -5.08 -1.97 -7.91
CA MET A 111 -5.03 -0.79 -7.10
C MET A 111 -5.84 0.36 -7.68
N VAL A 112 -5.82 0.50 -8.98
CA VAL A 112 -6.62 1.53 -9.62
C VAL A 112 -8.13 1.17 -9.53
N ALA A 113 -8.40 -0.12 -9.43
CA ALA A 113 -9.77 -0.62 -9.29
C ALA A 113 -10.34 -0.22 -7.95
N ASN A 114 -9.52 -0.29 -6.93
CA ASN A 114 -9.95 0.07 -5.56
C ASN A 114 -9.40 1.46 -5.19
N SER A 115 -9.13 2.28 -6.19
CA SER A 115 -8.50 3.59 -5.99
C SER A 115 -9.34 4.59 -5.18
N SER A 116 -10.64 4.35 -5.07
CA SER A 116 -11.50 5.24 -4.33
C SER A 116 -11.42 4.98 -2.82
N ASN A 117 -10.98 3.77 -2.49
CA ASN A 117 -10.77 3.37 -1.12
C ASN A 117 -9.82 2.20 -1.13
N LEU A 118 -8.57 2.45 -0.90
CA LEU A 118 -7.59 1.41 -0.93
C LEU A 118 -6.84 1.33 0.36
N ILE A 119 -6.69 0.13 0.85
CA ILE A 119 -5.95 -0.15 2.06
C ILE A 119 -4.65 -0.78 1.63
N ILE A 120 -3.56 -0.15 1.89
CA ILE A 120 -2.29 -0.64 1.39
C ILE A 120 -1.42 -1.13 2.52
N THR A 121 -1.05 -2.40 2.48
CA THR A 121 -0.17 -2.98 3.46
C THR A 121 1.20 -3.12 2.83
N VAL A 122 2.17 -2.47 3.37
CA VAL A 122 3.52 -2.60 2.88
C VAL A 122 4.42 -3.00 4.02
N LYS A 123 5.62 -3.38 3.72
CA LYS A 123 6.60 -3.64 4.74
C LYS A 123 7.75 -2.70 4.54
N PRO A 124 8.23 -2.06 5.59
CA PRO A 124 9.32 -1.12 5.47
C PRO A 124 10.62 -1.81 5.15
N ALA A 125 11.31 -1.23 4.22
CA ALA A 125 12.62 -1.67 3.87
C ALA A 125 13.58 -0.57 4.26
N ASN A 126 12.98 0.50 4.83
CA ASN A 126 13.66 1.73 5.29
C ASN A 126 14.58 2.35 4.21
N GLN A 127 15.80 1.85 4.13
CA GLN A 127 16.81 2.34 3.22
C GLN A 127 17.70 1.17 2.82
N ARG A 128 17.59 0.75 1.60
CA ARG A 128 18.41 -0.33 1.10
C ARG A 128 19.06 -0.02 -0.24
N GLY A 1 -5.35 -0.15 32.44
CA GLY A 1 -6.39 0.87 32.25
C GLY A 1 -7.49 0.34 31.38
N SER A 2 -8.34 1.21 30.89
CA SER A 2 -9.40 0.80 30.02
C SER A 2 -8.93 0.74 28.56
N LYS A 3 -8.64 -0.46 28.09
CA LYS A 3 -8.20 -0.66 26.73
C LYS A 3 -9.40 -1.00 25.87
N THR A 4 -10.10 0.01 25.47
CA THR A 4 -11.28 -0.16 24.64
C THR A 4 -11.28 0.84 23.49
N LYS A 5 -10.18 1.61 23.38
CA LYS A 5 -10.02 2.69 22.41
C LYS A 5 -10.94 3.86 22.70
N ALA A 6 -10.37 4.97 23.09
CA ALA A 6 -11.13 6.17 23.30
C ALA A 6 -11.46 6.77 21.94
N PRO A 7 -12.77 6.79 21.55
CA PRO A 7 -13.24 7.25 20.24
C PRO A 7 -12.59 8.55 19.76
N SER A 8 -11.67 8.41 18.82
CA SER A 8 -10.95 9.54 18.28
C SER A 8 -10.84 9.42 16.75
N ILE A 9 -11.43 8.36 16.20
CA ILE A 9 -11.34 8.11 14.77
C ILE A 9 -12.41 8.87 14.04
N SER A 10 -12.07 10.02 13.55
CA SER A 10 -12.97 10.81 12.80
C SER A 10 -12.35 11.18 11.48
N ILE A 11 -13.13 11.17 10.45
CA ILE A 11 -12.65 11.55 9.15
C ILE A 11 -13.21 12.90 8.78
N PRO A 12 -12.40 13.75 8.14
CA PRO A 12 -12.83 15.09 7.74
C PRO A 12 -13.85 15.04 6.61
N HIS A 13 -14.50 16.16 6.37
CA HIS A 13 -15.45 16.27 5.27
C HIS A 13 -14.68 16.25 3.96
N ASP A 14 -15.31 15.80 2.91
CA ASP A 14 -14.61 15.64 1.66
C ASP A 14 -14.32 16.95 0.98
N PHE A 15 -13.06 17.13 0.73
CA PHE A 15 -12.47 18.27 0.07
C PHE A 15 -11.00 17.94 0.05
N ARG A 16 -10.61 17.34 1.14
CA ARG A 16 -9.33 16.75 1.35
C ARG A 16 -9.59 15.38 1.89
N CYS A 17 -8.74 14.46 1.61
CA CYS A 17 -8.84 13.15 2.19
C CYS A 17 -7.70 12.97 3.15
N VAL A 18 -7.90 12.20 4.18
CA VAL A 18 -6.86 12.01 5.14
C VAL A 18 -6.12 10.69 4.89
N SER A 19 -4.84 10.78 4.72
CA SER A 19 -4.03 9.62 4.60
C SER A 19 -3.75 9.10 5.98
N ALA A 20 -4.14 7.89 6.24
CA ALA A 20 -4.03 7.36 7.55
C ALA A 20 -3.48 5.98 7.51
N ILE A 21 -2.85 5.59 8.57
CA ILE A 21 -2.33 4.27 8.71
C ILE A 21 -3.36 3.51 9.47
N ILE A 22 -3.90 2.49 8.88
CA ILE A 22 -4.99 1.81 9.52
C ILE A 22 -4.53 0.52 10.12
N ASP A 23 -5.30 -0.01 11.06
CA ASP A 23 -4.98 -1.28 11.76
C ASP A 23 -3.70 -1.13 12.58
N VAL A 24 -3.31 0.12 12.83
CA VAL A 24 -2.06 0.48 13.53
C VAL A 24 -1.93 -0.17 14.92
N ASP A 25 -3.07 -0.41 15.56
CA ASP A 25 -3.11 -1.03 16.88
C ASP A 25 -2.67 -2.50 16.82
N ILE A 26 -2.79 -3.09 15.65
CA ILE A 26 -2.42 -4.49 15.46
C ILE A 26 -1.14 -4.57 14.61
N VAL A 27 -1.07 -3.73 13.61
CA VAL A 27 0.05 -3.69 12.68
C VAL A 27 1.37 -3.27 13.33
N PRO A 28 2.36 -4.13 13.22
CA PRO A 28 3.72 -3.86 13.67
C PRO A 28 4.41 -2.95 12.66
N GLU A 29 5.42 -2.23 13.11
CA GLU A 29 6.16 -1.27 12.27
C GLU A 29 6.81 -1.97 11.05
N THR A 30 6.85 -3.28 11.09
CA THR A 30 7.35 -4.06 10.02
C THR A 30 6.41 -4.02 8.80
N HIS A 31 5.15 -3.61 9.03
CA HIS A 31 4.20 -3.35 7.97
C HIS A 31 3.71 -1.92 8.06
N ARG A 32 3.35 -1.36 6.94
CA ARG A 32 2.87 0.00 6.90
C ARG A 32 1.72 0.08 5.92
N ARG A 33 0.56 0.47 6.36
CA ARG A 33 -0.56 0.63 5.47
C ARG A 33 -1.12 2.02 5.44
N VAL A 34 -1.20 2.56 4.24
CA VAL A 34 -1.74 3.89 4.01
C VAL A 34 -2.97 3.73 3.16
N ARG A 35 -3.95 4.52 3.43
CA ARG A 35 -5.15 4.43 2.66
C ARG A 35 -5.32 5.65 1.75
N LEU A 36 -5.50 5.39 0.46
CA LEU A 36 -5.65 6.41 -0.55
C LEU A 36 -7.12 6.73 -0.72
N CYS A 37 -7.42 7.98 -0.90
CA CYS A 37 -8.78 8.42 -1.09
C CYS A 37 -8.84 9.40 -2.23
N LYS A 38 -9.80 9.23 -3.11
CA LYS A 38 -9.98 10.11 -4.24
C LYS A 38 -11.42 10.47 -4.36
N HIS A 39 -11.67 11.70 -4.58
CA HIS A 39 -13.00 12.20 -4.92
C HIS A 39 -12.86 13.38 -5.85
N GLY A 40 -13.73 13.45 -6.81
CA GLY A 40 -13.72 14.56 -7.73
C GLY A 40 -12.81 14.31 -8.91
N SER A 41 -11.63 13.85 -8.63
CA SER A 41 -10.66 13.62 -9.66
C SER A 41 -9.99 12.28 -9.44
N ASP A 42 -9.92 11.48 -10.48
CA ASP A 42 -9.24 10.23 -10.39
C ASP A 42 -7.87 10.36 -10.97
N LYS A 43 -6.98 10.79 -10.15
CA LYS A 43 -5.61 10.92 -10.53
C LYS A 43 -4.86 9.64 -10.13
N PRO A 44 -3.73 9.34 -10.79
CA PRO A 44 -2.92 8.15 -10.48
C PRO A 44 -2.46 8.12 -9.02
N LEU A 45 -2.16 6.92 -8.53
CA LEU A 45 -1.74 6.72 -7.15
C LEU A 45 -0.45 7.49 -6.89
N GLY A 46 -0.17 7.75 -5.64
CA GLY A 46 0.98 8.57 -5.30
C GLY A 46 2.30 7.81 -5.27
N PHE A 47 2.39 6.73 -6.02
CA PHE A 47 3.59 5.91 -6.09
C PHE A 47 3.52 5.03 -7.32
N TYR A 48 4.63 4.40 -7.64
CA TYR A 48 4.71 3.44 -8.74
C TYR A 48 5.33 2.17 -8.17
N ILE A 49 5.09 1.03 -8.77
CA ILE A 49 5.68 -0.22 -8.29
C ILE A 49 6.55 -0.88 -9.33
N ARG A 50 7.43 -1.73 -8.88
CA ARG A 50 8.35 -2.46 -9.71
C ARG A 50 8.41 -3.90 -9.26
N ASP A 51 9.18 -4.68 -9.95
CA ASP A 51 9.35 -6.09 -9.64
C ASP A 51 10.75 -6.31 -9.13
N GLY A 52 10.95 -7.43 -8.50
CA GLY A 52 12.24 -7.76 -7.98
C GLY A 52 12.15 -8.91 -7.03
N THR A 53 13.23 -9.24 -6.41
CA THR A 53 13.22 -10.32 -5.48
C THR A 53 13.23 -9.79 -4.06
N SER A 54 12.39 -10.35 -3.27
CA SER A 54 12.26 -9.98 -1.91
C SER A 54 12.96 -11.04 -1.09
N VAL A 55 13.43 -10.66 0.07
CA VAL A 55 14.14 -11.57 0.92
C VAL A 55 13.25 -12.00 2.08
N ARG A 56 13.08 -13.28 2.19
CA ARG A 56 12.31 -13.88 3.24
C ARG A 56 13.26 -14.57 4.19
N VAL A 57 13.15 -14.29 5.47
CA VAL A 57 14.01 -14.93 6.44
C VAL A 57 13.37 -16.21 6.91
N THR A 58 13.98 -17.31 6.58
CA THR A 58 13.47 -18.61 6.95
C THR A 58 14.49 -19.33 7.82
N ALA A 59 14.17 -20.55 8.21
CA ALA A 59 15.08 -21.36 8.99
C ALA A 59 16.19 -21.86 8.08
N SER A 60 15.90 -21.91 6.79
CA SER A 60 16.88 -22.29 5.80
C SER A 60 17.78 -21.11 5.42
N GLY A 61 17.49 -19.96 6.01
CA GLY A 61 18.29 -18.78 5.77
C GLY A 61 17.53 -17.76 4.99
N LEU A 62 18.23 -17.02 4.16
CA LEU A 62 17.59 -16.02 3.35
C LEU A 62 17.03 -16.64 2.09
N GLU A 63 15.78 -16.39 1.84
CA GLU A 63 15.12 -16.87 0.66
C GLU A 63 14.74 -15.78 -0.26
N LYS A 64 14.85 -16.07 -1.51
CA LYS A 64 14.48 -15.17 -2.55
C LYS A 64 13.08 -15.51 -3.00
N GLN A 65 12.24 -14.55 -2.99
CA GLN A 65 10.86 -14.71 -3.38
C GLN A 65 10.48 -13.58 -4.30
N PRO A 66 9.52 -13.80 -5.21
CA PRO A 66 9.00 -12.73 -6.07
C PRO A 66 8.36 -11.66 -5.20
N GLY A 67 8.81 -10.44 -5.36
CA GLY A 67 8.30 -9.37 -4.58
C GLY A 67 7.93 -8.20 -5.43
N ILE A 68 7.10 -7.36 -4.91
CA ILE A 68 6.68 -6.19 -5.62
C ILE A 68 7.12 -4.98 -4.79
N PHE A 69 7.97 -4.18 -5.35
CA PHE A 69 8.56 -3.08 -4.60
C PHE A 69 8.04 -1.78 -5.11
N ILE A 70 8.18 -0.75 -4.32
CA ILE A 70 7.86 0.58 -4.78
C ILE A 70 8.98 1.05 -5.71
N SER A 71 8.63 1.58 -6.84
CA SER A 71 9.60 2.03 -7.77
C SER A 71 10.01 3.46 -7.42
N ARG A 72 9.03 4.32 -7.22
CA ARG A 72 9.28 5.71 -6.94
C ARG A 72 8.01 6.35 -6.40
N LEU A 73 8.15 7.40 -5.62
CA LEU A 73 7.01 8.15 -5.11
C LEU A 73 6.68 9.30 -6.03
N VAL A 74 5.41 9.60 -6.16
CA VAL A 74 4.97 10.72 -6.96
C VAL A 74 5.00 11.96 -6.08
N PRO A 75 5.81 12.97 -6.41
CA PRO A 75 5.91 14.20 -5.61
C PRO A 75 4.55 14.87 -5.50
N GLY A 76 4.13 15.11 -4.27
CA GLY A 76 2.83 15.70 -4.05
C GLY A 76 1.74 14.65 -3.96
N GLY A 77 2.06 13.42 -4.41
CA GLY A 77 1.13 12.32 -4.34
C GLY A 77 0.89 11.93 -2.92
N LEU A 78 -0.27 11.38 -2.64
CA LEU A 78 -0.68 11.13 -1.27
C LEU A 78 0.30 10.26 -0.46
N ALA A 79 0.97 9.30 -1.10
CA ALA A 79 1.87 8.42 -0.38
C ALA A 79 3.16 9.16 -0.01
N GLU A 80 3.58 10.02 -0.90
CA GLU A 80 4.77 10.83 -0.71
C GLU A 80 4.43 11.94 0.29
N SER A 81 3.26 12.51 0.11
CA SER A 81 2.76 13.58 0.95
C SER A 81 2.62 13.12 2.40
N THR A 82 2.16 11.89 2.61
CA THR A 82 1.99 11.41 3.95
C THR A 82 3.35 10.94 4.51
N GLY A 83 4.25 10.51 3.62
CA GLY A 83 5.63 10.19 4.00
C GLY A 83 5.84 8.80 4.59
N LEU A 84 4.78 8.04 4.78
CA LEU A 84 4.93 6.73 5.42
C LEU A 84 5.50 5.66 4.50
N LEU A 85 5.42 5.85 3.22
CA LEU A 85 5.94 4.85 2.32
C LEU A 85 7.23 5.35 1.70
N ALA A 86 8.24 4.53 1.70
CA ALA A 86 9.50 4.86 1.09
C ALA A 86 9.68 4.09 -0.19
N VAL A 87 10.56 4.57 -1.03
CA VAL A 87 10.85 3.96 -2.33
C VAL A 87 11.34 2.51 -2.18
N ASN A 88 12.10 2.26 -1.16
CA ASN A 88 12.66 0.94 -0.95
C ASN A 88 11.65 -0.06 -0.44
N ASP A 89 10.61 0.45 0.20
CA ASP A 89 9.56 -0.39 0.79
C ASP A 89 8.84 -1.17 -0.28
N GLU A 90 8.44 -2.36 0.06
CA GLU A 90 7.75 -3.20 -0.88
C GLU A 90 6.35 -3.47 -0.42
N VAL A 91 5.44 -3.64 -1.36
CA VAL A 91 4.05 -3.87 -1.04
C VAL A 91 3.81 -5.31 -0.60
N ILE A 92 2.91 -5.47 0.34
CA ILE A 92 2.48 -6.78 0.81
C ILE A 92 1.04 -7.04 0.38
N GLU A 93 0.17 -6.07 0.64
CA GLU A 93 -1.24 -6.21 0.34
C GLU A 93 -1.81 -4.97 -0.25
N VAL A 94 -2.75 -5.18 -1.11
CA VAL A 94 -3.54 -4.11 -1.69
C VAL A 94 -5.03 -4.45 -1.47
N ASN A 95 -5.67 -3.75 -0.52
CA ASN A 95 -7.09 -4.01 -0.09
C ASN A 95 -7.31 -5.38 0.53
N GLY A 96 -6.23 -6.07 0.80
CA GLY A 96 -6.33 -7.39 1.37
C GLY A 96 -5.90 -8.45 0.38
N ILE A 97 -5.59 -8.01 -0.80
CA ILE A 97 -5.06 -8.89 -1.81
C ILE A 97 -3.57 -8.94 -1.63
N GLU A 98 -3.04 -10.07 -1.20
CA GLU A 98 -1.60 -10.18 -1.10
C GLU A 98 -1.02 -10.16 -2.46
N VAL A 99 0.02 -9.40 -2.60
CA VAL A 99 0.70 -9.26 -3.87
C VAL A 99 1.54 -10.49 -4.18
N ALA A 100 1.61 -11.41 -3.23
CA ALA A 100 2.31 -12.63 -3.47
C ALA A 100 1.48 -13.47 -4.41
N GLY A 101 2.05 -13.82 -5.54
CA GLY A 101 1.32 -14.55 -6.53
C GLY A 101 0.70 -13.63 -7.56
N LYS A 102 0.89 -12.33 -7.37
CA LYS A 102 0.34 -11.33 -8.26
C LYS A 102 1.46 -10.72 -9.08
N THR A 103 1.16 -10.33 -10.29
CA THR A 103 2.13 -9.67 -11.14
C THR A 103 1.95 -8.18 -11.03
N LEU A 104 2.89 -7.40 -11.57
CA LEU A 104 2.74 -5.96 -11.62
C LEU A 104 1.52 -5.60 -12.39
N ASP A 105 1.26 -6.37 -13.44
CA ASP A 105 0.08 -6.20 -14.27
C ASP A 105 -1.17 -6.26 -13.41
N GLN A 106 -1.25 -7.30 -12.63
CA GLN A 106 -2.40 -7.50 -11.79
C GLN A 106 -2.46 -6.57 -10.61
N VAL A 107 -1.32 -6.32 -9.97
CA VAL A 107 -1.32 -5.47 -8.78
C VAL A 107 -1.65 -4.02 -9.17
N THR A 108 -1.03 -3.52 -10.23
CA THR A 108 -1.31 -2.15 -10.68
C THR A 108 -2.76 -2.01 -11.05
N ASP A 109 -3.24 -2.95 -11.84
CA ASP A 109 -4.63 -2.97 -12.28
C ASP A 109 -5.59 -3.06 -11.09
N MET A 110 -5.23 -3.89 -10.11
CA MET A 110 -6.08 -4.10 -8.92
C MET A 110 -6.15 -2.78 -8.13
N MET A 111 -5.00 -2.15 -7.98
CA MET A 111 -4.91 -0.90 -7.23
C MET A 111 -5.66 0.22 -7.91
N VAL A 112 -5.52 0.35 -9.20
CA VAL A 112 -6.23 1.38 -9.93
C VAL A 112 -7.76 1.07 -9.92
N ALA A 113 -8.09 -0.24 -9.87
CA ALA A 113 -9.49 -0.72 -9.86
C ALA A 113 -10.26 -0.13 -8.70
N ASN A 114 -9.61 -0.04 -7.56
CA ASN A 114 -10.22 0.55 -6.39
C ASN A 114 -9.70 1.95 -6.30
N SER A 115 -10.34 2.82 -7.02
CA SER A 115 -9.87 4.16 -7.21
C SER A 115 -10.15 5.07 -6.00
N SER A 116 -11.39 5.10 -5.56
CA SER A 116 -11.81 6.07 -4.57
C SER A 116 -11.22 5.81 -3.18
N ASN A 117 -11.03 4.56 -2.82
CA ASN A 117 -10.38 4.26 -1.54
C ASN A 117 -9.64 2.94 -1.60
N LEU A 118 -8.36 3.02 -1.47
CA LEU A 118 -7.48 1.89 -1.63
C LEU A 118 -6.56 1.78 -0.41
N ILE A 119 -6.42 0.60 0.11
CA ILE A 119 -5.56 0.33 1.25
C ILE A 119 -4.27 -0.33 0.76
N ILE A 120 -3.15 0.35 0.94
CA ILE A 120 -1.87 -0.18 0.51
C ILE A 120 -1.05 -0.57 1.73
N THR A 121 -0.69 -1.82 1.81
CA THR A 121 0.13 -2.31 2.89
C THR A 121 1.50 -2.66 2.34
N VAL A 122 2.51 -2.01 2.83
CA VAL A 122 3.86 -2.28 2.44
C VAL A 122 4.63 -2.76 3.64
N LYS A 123 5.81 -3.21 3.41
CA LYS A 123 6.71 -3.49 4.47
C LYS A 123 8.03 -2.86 4.15
N PRO A 124 8.60 -2.11 5.10
CA PRO A 124 9.90 -1.53 4.90
C PRO A 124 10.92 -2.62 4.71
N ALA A 125 11.75 -2.47 3.74
CA ALA A 125 12.77 -3.46 3.46
C ALA A 125 13.95 -3.26 4.38
N ASN A 126 13.93 -2.13 5.11
CA ASN A 126 14.98 -1.69 6.05
C ASN A 126 16.22 -1.22 5.29
N GLN A 127 16.52 -1.92 4.23
CA GLN A 127 17.53 -1.57 3.29
C GLN A 127 17.00 -0.39 2.47
N ARG A 128 17.34 0.78 2.91
CA ARG A 128 16.86 1.99 2.30
C ARG A 128 18.06 2.90 2.18
N GLY A 1 -25.18 -11.98 -11.11
CA GLY A 1 -26.28 -12.83 -10.70
C GLY A 1 -26.84 -12.39 -9.40
N SER A 2 -27.68 -13.20 -8.81
CA SER A 2 -28.30 -12.88 -7.56
C SER A 2 -27.27 -12.95 -6.44
N LYS A 3 -27.04 -11.84 -5.79
CA LYS A 3 -26.10 -11.72 -4.72
C LYS A 3 -26.45 -10.43 -4.00
N THR A 4 -25.73 -10.07 -2.94
CA THR A 4 -25.97 -8.85 -2.21
C THR A 4 -25.98 -7.65 -3.17
N LYS A 5 -27.09 -6.94 -3.16
CA LYS A 5 -27.33 -5.85 -4.05
C LYS A 5 -26.44 -4.66 -3.77
N ALA A 6 -25.57 -4.40 -4.70
CA ALA A 6 -24.70 -3.28 -4.67
C ALA A 6 -25.14 -2.32 -5.75
N PRO A 7 -25.72 -1.16 -5.37
CA PRO A 7 -26.20 -0.16 -6.32
C PRO A 7 -25.07 0.40 -7.18
N SER A 8 -23.86 0.34 -6.62
CA SER A 8 -22.66 0.80 -7.26
C SER A 8 -22.72 2.30 -7.54
N ILE A 9 -22.58 3.07 -6.50
CA ILE A 9 -22.60 4.49 -6.61
C ILE A 9 -21.18 5.00 -6.50
N SER A 10 -20.60 5.31 -7.62
CA SER A 10 -19.27 5.81 -7.66
C SER A 10 -19.30 7.29 -8.00
N ILE A 11 -18.99 8.10 -7.04
CA ILE A 11 -19.00 9.52 -7.23
C ILE A 11 -17.59 10.09 -7.18
N PRO A 12 -17.30 11.11 -8.01
CA PRO A 12 -16.00 11.77 -7.99
C PRO A 12 -15.73 12.32 -6.60
N HIS A 13 -14.66 11.87 -5.99
CA HIS A 13 -14.35 12.25 -4.63
C HIS A 13 -13.67 13.60 -4.55
N ASP A 14 -14.47 14.63 -4.54
CA ASP A 14 -14.00 15.97 -4.35
C ASP A 14 -14.23 16.33 -2.90
N PHE A 15 -13.29 15.97 -2.09
CA PHE A 15 -13.39 16.11 -0.67
C PHE A 15 -11.99 15.98 -0.10
N ARG A 16 -11.72 16.66 1.00
CA ARG A 16 -10.42 16.56 1.60
C ARG A 16 -10.36 15.32 2.45
N CYS A 17 -9.75 14.30 1.92
CA CYS A 17 -9.59 13.04 2.60
C CYS A 17 -8.15 12.89 2.95
N VAL A 18 -7.87 12.59 4.18
CA VAL A 18 -6.52 12.46 4.64
C VAL A 18 -6.10 11.00 4.74
N SER A 19 -4.97 10.69 4.18
CA SER A 19 -4.42 9.40 4.29
C SER A 19 -3.78 9.24 5.65
N ALA A 20 -4.30 8.32 6.36
CA ALA A 20 -3.92 8.05 7.70
C ALA A 20 -3.53 6.63 7.75
N ILE A 21 -2.76 6.27 8.73
CA ILE A 21 -2.37 4.93 8.81
C ILE A 21 -3.33 4.22 9.67
N ILE A 22 -3.49 2.99 9.38
CA ILE A 22 -4.59 2.22 9.89
C ILE A 22 -4.13 0.91 10.43
N ASP A 23 -4.99 0.33 11.28
CA ASP A 23 -4.76 -0.98 11.91
C ASP A 23 -3.50 -0.94 12.75
N VAL A 24 -3.13 0.27 13.17
CA VAL A 24 -1.90 0.56 13.91
C VAL A 24 -1.84 -0.17 15.28
N ASP A 25 -2.99 -0.41 15.87
CA ASP A 25 -3.04 -1.14 17.13
C ASP A 25 -2.89 -2.62 16.93
N ILE A 26 -3.23 -3.08 15.76
CA ILE A 26 -3.17 -4.50 15.44
C ILE A 26 -1.83 -4.83 14.80
N VAL A 27 -1.40 -3.98 13.91
CA VAL A 27 -0.19 -4.14 13.15
C VAL A 27 1.04 -3.63 13.89
N PRO A 28 2.14 -4.40 13.84
CA PRO A 28 3.43 -3.96 14.37
C PRO A 28 4.02 -2.92 13.43
N GLU A 29 4.88 -2.08 13.94
CA GLU A 29 5.46 -0.99 13.15
C GLU A 29 6.27 -1.49 11.95
N THR A 30 6.52 -2.79 11.91
CA THR A 30 7.21 -3.42 10.82
C THR A 30 6.36 -3.42 9.55
N HIS A 31 5.03 -3.35 9.71
CA HIS A 31 4.13 -3.20 8.59
C HIS A 31 3.45 -1.85 8.69
N ARG A 32 3.25 -1.22 7.58
CA ARG A 32 2.62 0.06 7.57
C ARG A 32 1.46 0.04 6.60
N ARG A 33 0.34 0.56 7.02
CA ARG A 33 -0.87 0.53 6.22
C ARG A 33 -1.42 1.92 6.06
N VAL A 34 -1.62 2.33 4.83
CA VAL A 34 -2.21 3.61 4.52
C VAL A 34 -3.51 3.43 3.76
N ARG A 35 -4.37 4.38 3.92
CA ARG A 35 -5.62 4.41 3.21
C ARG A 35 -5.45 5.36 2.04
N LEU A 36 -5.83 4.93 0.87
CA LEU A 36 -5.68 5.78 -0.29
C LEU A 36 -6.97 6.57 -0.48
N CYS A 37 -6.85 7.85 -0.71
CA CYS A 37 -8.00 8.69 -0.95
C CYS A 37 -7.93 9.23 -2.35
N LYS A 38 -9.05 9.20 -3.01
CA LYS A 38 -9.15 9.72 -4.34
C LYS A 38 -9.45 11.20 -4.25
N HIS A 39 -8.88 11.98 -5.15
CA HIS A 39 -9.06 13.42 -5.09
C HIS A 39 -9.48 13.99 -6.42
N GLY A 40 -10.71 14.43 -6.50
CA GLY A 40 -11.21 15.10 -7.68
C GLY A 40 -11.62 14.16 -8.79
N SER A 41 -10.65 13.58 -9.44
CA SER A 41 -10.90 12.72 -10.57
C SER A 41 -10.01 11.49 -10.47
N ASP A 42 -10.18 10.56 -11.40
CA ASP A 42 -9.41 9.33 -11.41
C ASP A 42 -8.03 9.55 -11.95
N LYS A 43 -7.19 10.04 -11.09
CA LYS A 43 -5.80 10.18 -11.40
C LYS A 43 -5.00 9.01 -10.80
N PRO A 44 -3.85 8.66 -11.42
CA PRO A 44 -2.97 7.58 -10.95
C PRO A 44 -2.54 7.76 -9.50
N LEU A 45 -2.17 6.66 -8.85
CA LEU A 45 -1.73 6.69 -7.46
C LEU A 45 -0.49 7.59 -7.33
N GLY A 46 -0.18 8.02 -6.14
CA GLY A 46 0.96 8.89 -5.95
C GLY A 46 2.27 8.13 -5.83
N PHE A 47 2.28 6.89 -6.27
CA PHE A 47 3.46 6.06 -6.25
C PHE A 47 3.36 4.98 -7.33
N TYR A 48 4.50 4.53 -7.76
CA TYR A 48 4.59 3.45 -8.74
C TYR A 48 5.25 2.27 -8.06
N ILE A 49 5.09 1.09 -8.63
CA ILE A 49 5.73 -0.11 -8.10
C ILE A 49 6.66 -0.71 -9.11
N ARG A 50 7.58 -1.49 -8.63
CA ARG A 50 8.56 -2.15 -9.47
C ARG A 50 8.63 -3.61 -9.10
N ASP A 51 9.44 -4.33 -9.82
CA ASP A 51 9.63 -5.73 -9.58
C ASP A 51 11.00 -5.92 -8.97
N GLY A 52 11.19 -7.04 -8.40
CA GLY A 52 12.43 -7.40 -7.83
C GLY A 52 12.27 -8.73 -7.20
N THR A 53 13.20 -9.11 -6.43
CA THR A 53 13.08 -10.34 -5.73
C THR A 53 13.30 -10.06 -4.26
N SER A 54 12.36 -10.42 -3.46
CA SER A 54 12.48 -10.19 -2.05
C SER A 54 12.69 -11.52 -1.37
N VAL A 55 13.45 -11.50 -0.33
CA VAL A 55 13.75 -12.70 0.39
C VAL A 55 12.78 -12.89 1.56
N ARG A 56 12.23 -14.06 1.63
CA ARG A 56 11.31 -14.44 2.67
C ARG A 56 11.86 -15.67 3.36
N VAL A 57 12.03 -15.60 4.64
CA VAL A 57 12.58 -16.73 5.36
C VAL A 57 11.48 -17.55 6.02
N THR A 58 11.43 -18.80 5.65
CA THR A 58 10.50 -19.72 6.22
C THR A 58 11.24 -20.80 6.99
N ALA A 59 10.51 -21.74 7.56
CA ALA A 59 11.11 -22.81 8.33
C ALA A 59 11.92 -23.75 7.46
N SER A 60 11.60 -23.78 6.19
CA SER A 60 12.33 -24.60 5.26
C SER A 60 13.61 -23.90 4.80
N GLY A 61 13.67 -22.60 4.98
CA GLY A 61 14.85 -21.85 4.62
C GLY A 61 14.48 -20.53 4.01
N LEU A 62 15.42 -19.87 3.40
CA LEU A 62 15.12 -18.62 2.75
C LEU A 62 14.56 -18.87 1.37
N GLU A 63 13.59 -18.10 1.01
CA GLU A 63 12.97 -18.19 -0.26
C GLU A 63 13.08 -16.86 -0.95
N LYS A 64 13.22 -16.90 -2.24
CA LYS A 64 13.27 -15.70 -3.02
C LYS A 64 12.02 -15.64 -3.86
N GLN A 65 11.29 -14.57 -3.75
CA GLN A 65 10.02 -14.43 -4.43
C GLN A 65 9.97 -13.08 -5.09
N PRO A 66 9.16 -12.92 -6.16
CA PRO A 66 9.01 -11.63 -6.83
C PRO A 66 8.51 -10.59 -5.84
N GLY A 67 9.38 -9.69 -5.50
CA GLY A 67 9.08 -8.71 -4.53
C GLY A 67 8.68 -7.45 -5.17
N ILE A 68 7.54 -6.96 -4.83
CA ILE A 68 7.08 -5.76 -5.41
C ILE A 68 7.49 -4.62 -4.49
N PHE A 69 8.30 -3.74 -5.00
CA PHE A 69 8.81 -2.62 -4.24
C PHE A 69 8.25 -1.38 -4.83
N ILE A 70 8.37 -0.29 -4.12
CA ILE A 70 7.92 0.95 -4.64
C ILE A 70 8.95 1.46 -5.66
N SER A 71 8.51 1.87 -6.80
CA SER A 71 9.42 2.26 -7.84
C SER A 71 9.73 3.73 -7.77
N ARG A 72 8.72 4.56 -7.58
CA ARG A 72 8.91 6.00 -7.65
C ARG A 72 7.73 6.71 -7.02
N LEU A 73 8.01 7.81 -6.36
CA LEU A 73 6.98 8.66 -5.81
C LEU A 73 6.70 9.81 -6.74
N VAL A 74 5.46 10.19 -6.79
CA VAL A 74 5.05 11.31 -7.60
C VAL A 74 5.03 12.55 -6.71
N PRO A 75 5.73 13.64 -7.09
CA PRO A 75 5.73 14.87 -6.29
C PRO A 75 4.31 15.42 -6.20
N GLY A 76 3.84 15.62 -4.99
CA GLY A 76 2.48 16.06 -4.80
C GLY A 76 1.52 14.89 -4.84
N GLY A 77 2.09 13.70 -4.86
CA GLY A 77 1.31 12.50 -4.86
C GLY A 77 1.01 12.10 -3.45
N LEU A 78 -0.02 11.31 -3.29
CA LEU A 78 -0.54 10.92 -1.98
C LEU A 78 0.54 10.36 -1.04
N ALA A 79 1.33 9.42 -1.52
CA ALA A 79 2.33 8.78 -0.69
C ALA A 79 3.53 9.68 -0.46
N GLU A 80 3.84 10.50 -1.44
CA GLU A 80 4.94 11.44 -1.35
C GLU A 80 4.57 12.52 -0.34
N SER A 81 3.32 12.96 -0.41
CA SER A 81 2.76 13.96 0.47
C SER A 81 2.75 13.44 1.92
N THR A 82 2.41 12.18 2.11
CA THR A 82 2.35 11.61 3.43
C THR A 82 3.74 11.27 3.97
N GLY A 83 4.63 10.86 3.07
CA GLY A 83 5.99 10.50 3.45
C GLY A 83 6.02 9.29 4.37
N LEU A 84 4.99 8.47 4.26
CA LEU A 84 4.86 7.31 5.12
C LEU A 84 5.37 6.06 4.43
N LEU A 85 5.59 6.17 3.14
CA LEU A 85 6.14 5.07 2.37
C LEU A 85 6.98 5.59 1.20
N ALA A 86 8.18 5.05 1.06
CA ALA A 86 9.16 5.49 0.10
C ALA A 86 9.61 4.33 -0.79
N VAL A 87 10.31 4.68 -1.89
CA VAL A 87 10.78 3.71 -2.92
C VAL A 87 11.46 2.43 -2.37
N ASN A 88 12.11 2.51 -1.24
CA ASN A 88 12.77 1.31 -0.72
C ASN A 88 11.81 0.37 -0.05
N ASP A 89 10.70 0.91 0.44
CA ASP A 89 9.71 0.14 1.14
C ASP A 89 9.00 -0.77 0.16
N GLU A 90 8.66 -1.94 0.59
CA GLU A 90 8.06 -2.92 -0.28
C GLU A 90 6.62 -3.19 0.11
N VAL A 91 5.78 -3.43 -0.88
CA VAL A 91 4.36 -3.67 -0.64
C VAL A 91 4.13 -5.11 -0.20
N ILE A 92 3.35 -5.28 0.85
CA ILE A 92 3.05 -6.59 1.36
C ILE A 92 1.63 -7.01 0.98
N GLU A 93 0.68 -6.09 1.13
CA GLU A 93 -0.74 -6.37 0.84
C GLU A 93 -1.42 -5.16 0.28
N VAL A 94 -2.35 -5.40 -0.62
CA VAL A 94 -3.21 -4.37 -1.16
C VAL A 94 -4.67 -4.89 -1.14
N ASN A 95 -5.47 -4.36 -0.20
CA ASN A 95 -6.91 -4.80 0.02
C ASN A 95 -7.06 -6.27 0.34
N GLY A 96 -5.99 -6.92 0.72
CA GLY A 96 -6.06 -8.32 1.06
C GLY A 96 -5.28 -9.16 0.10
N ILE A 97 -4.91 -8.57 -1.02
CA ILE A 97 -4.10 -9.26 -1.99
C ILE A 97 -2.68 -9.28 -1.46
N GLU A 98 -2.12 -10.47 -1.33
CA GLU A 98 -0.79 -10.67 -0.71
C GLU A 98 0.34 -10.36 -1.66
N VAL A 99 -0.02 -9.91 -2.87
CA VAL A 99 0.90 -9.54 -3.98
C VAL A 99 1.87 -10.66 -4.37
N ALA A 100 1.73 -11.83 -3.76
CA ALA A 100 2.59 -12.95 -4.04
C ALA A 100 2.08 -13.68 -5.27
N GLY A 101 2.93 -13.80 -6.26
CA GLY A 101 2.55 -14.44 -7.50
C GLY A 101 1.85 -13.48 -8.43
N LYS A 102 1.66 -12.25 -7.98
CA LYS A 102 0.98 -11.24 -8.75
C LYS A 102 2.01 -10.51 -9.58
N THR A 103 1.62 -10.06 -10.73
CA THR A 103 2.51 -9.30 -11.54
C THR A 103 2.30 -7.85 -11.24
N LEU A 104 3.19 -7.00 -11.72
CA LEU A 104 3.01 -5.57 -11.60
C LEU A 104 1.77 -5.15 -12.32
N ASP A 105 1.48 -5.85 -13.42
CA ASP A 105 0.26 -5.61 -14.19
C ASP A 105 -0.93 -5.80 -13.32
N GLN A 106 -0.97 -6.92 -12.63
CA GLN A 106 -2.08 -7.25 -11.77
C GLN A 106 -2.13 -6.39 -10.53
N VAL A 107 -0.98 -6.14 -9.90
CA VAL A 107 -0.99 -5.36 -8.68
C VAL A 107 -1.38 -3.91 -8.97
N THR A 108 -0.82 -3.30 -10.02
CA THR A 108 -1.20 -1.94 -10.39
C THR A 108 -2.69 -1.88 -10.72
N ASP A 109 -3.15 -2.82 -11.54
CA ASP A 109 -4.56 -2.90 -11.93
C ASP A 109 -5.45 -3.04 -10.73
N MET A 110 -5.04 -3.89 -9.80
CA MET A 110 -5.80 -4.17 -8.59
C MET A 110 -5.89 -2.88 -7.74
N MET A 111 -4.78 -2.18 -7.61
CA MET A 111 -4.74 -0.95 -6.84
C MET A 111 -5.52 0.17 -7.48
N VAL A 112 -5.40 0.33 -8.79
CA VAL A 112 -6.15 1.36 -9.50
C VAL A 112 -7.67 1.02 -9.46
N ALA A 113 -7.96 -0.28 -9.41
CA ALA A 113 -9.34 -0.78 -9.33
C ALA A 113 -10.01 -0.26 -8.08
N ASN A 114 -9.28 -0.29 -7.01
CA ASN A 114 -9.77 0.11 -5.70
C ASN A 114 -9.26 1.47 -5.32
N SER A 115 -8.96 2.30 -6.30
CA SER A 115 -8.40 3.63 -6.07
C SER A 115 -9.30 4.57 -5.20
N SER A 116 -10.58 4.23 -5.07
CA SER A 116 -11.49 5.02 -4.22
C SER A 116 -11.24 4.71 -2.74
N ASN A 117 -10.95 3.47 -2.46
CA ASN A 117 -10.67 3.02 -1.12
C ASN A 117 -9.74 1.83 -1.19
N LEU A 118 -8.49 2.12 -1.01
CA LEU A 118 -7.47 1.14 -1.12
C LEU A 118 -6.69 1.09 0.16
N ILE A 119 -6.48 -0.09 0.63
CA ILE A 119 -5.71 -0.30 1.80
C ILE A 119 -4.35 -0.78 1.35
N ILE A 120 -3.36 0.02 1.62
CA ILE A 120 -2.04 -0.27 1.17
C ILE A 120 -1.18 -0.68 2.33
N THR A 121 -0.67 -1.88 2.29
CA THR A 121 0.20 -2.37 3.31
C THR A 121 1.59 -2.54 2.74
N VAL A 122 2.51 -1.82 3.28
CA VAL A 122 3.88 -1.89 2.89
C VAL A 122 4.67 -2.21 4.11
N LYS A 123 5.86 -2.66 3.97
CA LYS A 123 6.68 -2.79 5.10
C LYS A 123 7.91 -1.95 4.94
N PRO A 124 8.12 -1.01 5.87
CA PRO A 124 9.23 -0.09 5.80
C PRO A 124 10.57 -0.80 5.80
N ALA A 125 11.43 -0.36 4.93
CA ALA A 125 12.76 -0.88 4.80
C ALA A 125 13.65 -0.20 5.82
N ASN A 126 13.07 0.79 6.52
CA ASN A 126 13.72 1.57 7.56
C ASN A 126 14.65 2.61 6.95
N GLN A 127 14.68 3.78 7.55
CA GLN A 127 15.51 4.85 7.07
C GLN A 127 16.95 4.59 7.47
N ARG A 128 17.67 3.99 6.58
CA ARG A 128 19.05 3.64 6.80
C ARG A 128 20.00 4.46 5.95
N GLY A 1 -8.97 -6.23 17.06
CA GLY A 1 -9.33 -5.82 15.72
C GLY A 1 -10.80 -5.95 15.51
N SER A 2 -11.18 -6.28 14.31
CA SER A 2 -12.55 -6.44 13.95
C SER A 2 -12.87 -7.92 13.76
N LYS A 3 -14.13 -8.25 13.58
CA LYS A 3 -14.50 -9.63 13.35
C LYS A 3 -14.45 -9.89 11.85
N THR A 4 -13.21 -10.04 11.34
CA THR A 4 -12.89 -10.16 9.92
C THR A 4 -13.05 -8.77 9.24
N LYS A 5 -14.19 -8.17 9.46
CA LYS A 5 -14.50 -6.85 9.05
C LYS A 5 -15.27 -6.23 10.19
N ALA A 6 -15.36 -4.94 10.22
CA ALA A 6 -16.15 -4.31 11.23
C ALA A 6 -17.56 -4.16 10.71
N PRO A 7 -18.54 -4.84 11.34
CA PRO A 7 -19.93 -4.77 10.92
C PRO A 7 -20.47 -3.34 10.96
N SER A 8 -20.74 -2.81 9.79
CA SER A 8 -21.22 -1.47 9.60
C SER A 8 -20.16 -0.44 10.01
N ILE A 9 -19.27 -0.14 9.09
CA ILE A 9 -18.22 0.84 9.35
C ILE A 9 -18.78 2.23 9.17
N SER A 10 -19.09 2.84 10.26
CA SER A 10 -19.67 4.14 10.24
C SER A 10 -18.58 5.20 10.13
N ILE A 11 -18.30 5.57 8.92
CA ILE A 11 -17.38 6.61 8.63
C ILE A 11 -18.19 7.74 7.97
N PRO A 12 -17.90 9.01 8.30
CA PRO A 12 -18.57 10.13 7.66
C PRO A 12 -18.34 10.09 6.15
N HIS A 13 -19.30 10.58 5.39
CA HIS A 13 -19.14 10.61 3.95
C HIS A 13 -18.02 11.59 3.57
N ASP A 14 -16.93 11.05 3.12
CA ASP A 14 -15.74 11.81 2.81
C ASP A 14 -15.91 12.68 1.60
N PHE A 15 -15.35 13.85 1.67
CA PHE A 15 -15.34 14.78 0.58
C PHE A 15 -13.95 15.38 0.49
N ARG A 16 -13.34 15.59 1.65
CA ARG A 16 -11.96 16.01 1.73
C ARG A 16 -11.17 14.78 2.11
N CYS A 17 -9.97 14.67 1.65
CA CYS A 17 -9.20 13.48 1.89
C CYS A 17 -8.01 13.69 2.79
N VAL A 18 -7.67 12.64 3.49
CA VAL A 18 -6.54 12.63 4.37
C VAL A 18 -5.84 11.27 4.27
N SER A 19 -4.54 11.29 4.17
CA SER A 19 -3.76 10.08 4.17
C SER A 19 -3.47 9.70 5.60
N ALA A 20 -3.77 8.47 5.96
CA ALA A 20 -3.66 8.09 7.34
C ALA A 20 -3.19 6.67 7.47
N ILE A 21 -2.57 6.39 8.60
CA ILE A 21 -2.12 5.08 8.93
C ILE A 21 -3.19 4.46 9.80
N ILE A 22 -3.94 3.57 9.23
CA ILE A 22 -5.12 3.03 9.88
C ILE A 22 -4.88 1.67 10.50
N ASP A 23 -5.79 1.29 11.38
CA ASP A 23 -5.85 -0.01 12.06
C ASP A 23 -4.54 -0.57 12.56
N VAL A 24 -4.13 -0.05 13.69
CA VAL A 24 -2.90 -0.45 14.34
C VAL A 24 -2.99 -1.90 14.89
N ASP A 25 -4.18 -2.34 15.24
CA ASP A 25 -4.34 -3.67 15.85
C ASP A 25 -4.30 -4.76 14.79
N ILE A 26 -4.73 -4.42 13.58
CA ILE A 26 -4.77 -5.37 12.50
C ILE A 26 -3.37 -5.65 11.96
N VAL A 27 -2.61 -4.60 11.79
CA VAL A 27 -1.28 -4.75 11.24
C VAL A 27 -0.21 -4.42 12.27
N PRO A 28 0.76 -5.33 12.45
CA PRO A 28 1.89 -5.10 13.34
C PRO A 28 2.79 -4.03 12.76
N GLU A 29 3.55 -3.36 13.61
CA GLU A 29 4.44 -2.26 13.19
C GLU A 29 5.47 -2.69 12.13
N THR A 30 5.60 -3.99 11.95
CA THR A 30 6.46 -4.54 10.94
C THR A 30 5.95 -4.16 9.55
N HIS A 31 4.64 -4.06 9.41
CA HIS A 31 4.04 -3.63 8.18
C HIS A 31 3.39 -2.27 8.40
N ARG A 32 3.18 -1.56 7.34
CA ARG A 32 2.59 -0.26 7.44
C ARG A 32 1.37 -0.18 6.56
N ARG A 33 0.37 0.49 7.05
CA ARG A 33 -0.91 0.55 6.38
C ARG A 33 -1.27 2.00 6.16
N VAL A 34 -1.37 2.39 4.94
CA VAL A 34 -1.70 3.74 4.57
C VAL A 34 -2.89 3.72 3.61
N ARG A 35 -3.84 4.62 3.79
CA ARG A 35 -5.04 4.59 2.98
C ARG A 35 -5.09 5.73 1.96
N LEU A 36 -5.59 5.40 0.78
CA LEU A 36 -5.89 6.37 -0.27
C LEU A 36 -7.32 6.83 -0.16
N CYS A 37 -7.51 8.08 -0.37
CA CYS A 37 -8.80 8.67 -0.48
C CYS A 37 -8.75 9.49 -1.75
N LYS A 38 -9.79 9.46 -2.53
CA LYS A 38 -9.72 10.12 -3.79
C LYS A 38 -10.87 11.05 -4.08
N HIS A 39 -10.54 12.31 -4.28
CA HIS A 39 -11.47 13.33 -4.71
C HIS A 39 -10.73 14.29 -5.61
N GLY A 40 -11.31 14.57 -6.75
CA GLY A 40 -10.71 15.50 -7.68
C GLY A 40 -9.70 14.82 -8.61
N SER A 41 -8.69 14.21 -8.02
CA SER A 41 -7.62 13.60 -8.77
C SER A 41 -7.94 12.14 -9.12
N ASP A 42 -8.48 11.95 -10.29
CA ASP A 42 -8.89 10.61 -10.80
C ASP A 42 -7.71 9.86 -11.43
N LYS A 43 -6.52 10.28 -11.08
CA LYS A 43 -5.29 9.74 -11.64
C LYS A 43 -4.80 8.48 -10.87
N PRO A 44 -3.90 7.68 -11.52
CA PRO A 44 -3.18 6.53 -10.90
C PRO A 44 -2.51 6.91 -9.57
N LEU A 45 -2.22 5.89 -8.74
CA LEU A 45 -1.63 6.12 -7.41
C LEU A 45 -0.31 6.88 -7.55
N GLY A 46 0.08 7.57 -6.50
CA GLY A 46 1.29 8.39 -6.55
C GLY A 46 2.56 7.63 -6.32
N PHE A 47 2.54 6.39 -6.65
CA PHE A 47 3.68 5.55 -6.57
C PHE A 47 3.52 4.43 -7.56
N TYR A 48 4.61 4.02 -8.10
CA TYR A 48 4.63 2.96 -9.07
C TYR A 48 5.29 1.78 -8.43
N ILE A 49 5.13 0.62 -8.98
CA ILE A 49 5.75 -0.57 -8.45
C ILE A 49 6.69 -1.21 -9.45
N ARG A 50 7.60 -1.96 -8.94
CA ARG A 50 8.58 -2.69 -9.71
C ARG A 50 8.65 -4.10 -9.19
N ASP A 51 9.31 -4.94 -9.90
CA ASP A 51 9.36 -6.34 -9.55
C ASP A 51 10.77 -6.79 -9.42
N GLY A 52 10.98 -7.76 -8.61
CA GLY A 52 12.26 -8.32 -8.41
C GLY A 52 12.19 -9.42 -7.41
N THR A 53 13.27 -9.68 -6.75
CA THR A 53 13.28 -10.69 -5.75
C THR A 53 13.67 -10.04 -4.44
N SER A 54 12.96 -10.33 -3.41
CA SER A 54 13.24 -9.80 -2.12
C SER A 54 13.89 -10.89 -1.30
N VAL A 55 14.76 -10.53 -0.39
CA VAL A 55 15.38 -11.48 0.46
C VAL A 55 14.70 -11.46 1.81
N ARG A 56 14.26 -12.59 2.24
CA ARG A 56 13.57 -12.74 3.47
C ARG A 56 14.47 -13.44 4.46
N VAL A 57 14.82 -12.73 5.51
CA VAL A 57 15.69 -13.28 6.52
C VAL A 57 14.85 -13.98 7.58
N THR A 58 14.99 -15.26 7.66
CA THR A 58 14.23 -16.07 8.57
C THR A 58 15.14 -16.90 9.44
N ALA A 59 14.55 -17.78 10.25
CA ALA A 59 15.32 -18.68 11.10
C ALA A 59 16.01 -19.74 10.25
N SER A 60 15.52 -19.93 9.04
CA SER A 60 16.11 -20.87 8.13
C SER A 60 17.35 -20.24 7.47
N GLY A 61 17.37 -18.95 7.45
CA GLY A 61 18.47 -18.22 6.85
C GLY A 61 17.94 -17.24 5.87
N LEU A 62 18.39 -17.31 4.66
CA LEU A 62 17.88 -16.45 3.63
C LEU A 62 16.88 -17.18 2.78
N GLU A 63 15.81 -16.54 2.49
CA GLU A 63 14.82 -17.07 1.59
C GLU A 63 14.53 -16.04 0.53
N LYS A 64 14.51 -16.43 -0.69
CA LYS A 64 14.26 -15.51 -1.76
C LYS A 64 12.81 -15.61 -2.14
N GLN A 65 12.20 -14.48 -2.36
CA GLN A 65 10.78 -14.43 -2.63
C GLN A 65 10.48 -13.38 -3.70
N PRO A 66 9.44 -13.58 -4.53
CA PRO A 66 9.03 -12.59 -5.53
C PRO A 66 8.56 -11.32 -4.84
N GLY A 67 9.26 -10.24 -5.08
CA GLY A 67 8.97 -9.04 -4.37
C GLY A 67 8.54 -7.92 -5.26
N ILE A 68 7.52 -7.23 -4.84
CA ILE A 68 7.03 -6.08 -5.53
C ILE A 68 7.44 -4.87 -4.71
N PHE A 69 8.27 -4.03 -5.28
CA PHE A 69 8.81 -2.88 -4.56
C PHE A 69 8.22 -1.63 -5.11
N ILE A 70 8.35 -0.55 -4.40
CA ILE A 70 7.94 0.72 -4.90
C ILE A 70 8.99 1.18 -5.94
N SER A 71 8.55 1.60 -7.09
CA SER A 71 9.47 1.97 -8.15
C SER A 71 9.81 3.46 -8.12
N ARG A 72 8.79 4.30 -7.93
CA ARG A 72 8.99 5.73 -7.98
C ARG A 72 7.80 6.45 -7.36
N LEU A 73 8.03 7.62 -6.80
CA LEU A 73 7.01 8.46 -6.24
C LEU A 73 6.67 9.58 -7.19
N VAL A 74 5.42 9.96 -7.24
CA VAL A 74 5.02 11.12 -8.02
C VAL A 74 5.05 12.31 -7.07
N PRO A 75 5.41 13.51 -7.55
CA PRO A 75 5.41 14.69 -6.69
C PRO A 75 4.01 14.98 -6.20
N GLY A 76 3.83 15.05 -4.90
CA GLY A 76 2.53 15.30 -4.36
C GLY A 76 1.68 14.04 -4.27
N GLY A 77 2.32 12.88 -4.43
CA GLY A 77 1.61 11.61 -4.33
C GLY A 77 1.37 11.23 -2.89
N LEU A 78 0.51 10.23 -2.67
CA LEU A 78 0.13 9.78 -1.31
C LEU A 78 1.36 9.49 -0.47
N ALA A 79 2.20 8.65 -1.00
CA ALA A 79 3.36 8.16 -0.30
C ALA A 79 4.43 9.21 -0.23
N GLU A 80 4.47 10.06 -1.23
CA GLU A 80 5.46 11.08 -1.36
C GLU A 80 5.16 12.18 -0.34
N SER A 81 3.93 12.64 -0.35
CA SER A 81 3.51 13.73 0.48
C SER A 81 3.51 13.36 1.95
N THR A 82 3.14 12.12 2.28
CA THR A 82 3.10 11.77 3.67
C THR A 82 4.48 11.27 4.15
N GLY A 83 5.32 10.88 3.18
CA GLY A 83 6.70 10.47 3.46
C GLY A 83 6.79 9.28 4.40
N LEU A 84 5.86 8.38 4.30
CA LEU A 84 5.83 7.24 5.19
C LEU A 84 6.27 5.97 4.50
N LEU A 85 6.40 6.03 3.20
CA LEU A 85 6.85 4.91 2.41
C LEU A 85 7.62 5.42 1.18
N ALA A 86 8.72 4.77 0.87
CA ALA A 86 9.65 5.17 -0.18
C ALA A 86 9.98 4.00 -1.09
N VAL A 87 10.63 4.29 -2.23
CA VAL A 87 10.98 3.29 -3.27
C VAL A 87 11.62 1.98 -2.74
N ASN A 88 12.33 2.04 -1.64
CA ASN A 88 12.97 0.83 -1.11
C ASN A 88 11.97 -0.08 -0.41
N ASP A 89 10.90 0.52 0.06
CA ASP A 89 9.88 -0.21 0.77
C ASP A 89 9.09 -1.03 -0.22
N GLU A 90 8.69 -2.19 0.18
CA GLU A 90 8.00 -3.09 -0.71
C GLU A 90 6.57 -3.36 -0.25
N VAL A 91 5.69 -3.55 -1.21
CA VAL A 91 4.29 -3.75 -0.93
C VAL A 91 4.03 -5.21 -0.54
N ILE A 92 3.09 -5.42 0.37
CA ILE A 92 2.75 -6.76 0.82
C ILE A 92 1.33 -7.14 0.39
N GLU A 93 0.38 -6.29 0.73
CA GLU A 93 -1.02 -6.52 0.43
C GLU A 93 -1.72 -5.25 0.05
N VAL A 94 -2.63 -5.38 -0.86
CA VAL A 94 -3.48 -4.31 -1.25
C VAL A 94 -4.91 -4.68 -0.78
N ASN A 95 -5.35 -4.03 0.31
CA ASN A 95 -6.59 -4.36 1.06
C ASN A 95 -6.48 -5.71 1.75
N GLY A 96 -6.53 -6.74 0.97
CA GLY A 96 -6.44 -8.09 1.47
C GLY A 96 -5.94 -8.99 0.39
N ILE A 97 -5.54 -8.39 -0.70
CA ILE A 97 -5.05 -9.13 -1.83
C ILE A 97 -3.55 -9.14 -1.75
N GLU A 98 -2.99 -10.31 -1.53
CA GLU A 98 -1.55 -10.47 -1.52
C GLU A 98 -1.02 -10.15 -2.87
N VAL A 99 0.07 -9.44 -2.92
CA VAL A 99 0.65 -9.07 -4.17
C VAL A 99 1.49 -10.22 -4.74
N ALA A 100 1.65 -11.27 -3.95
CA ALA A 100 2.47 -12.39 -4.35
C ALA A 100 1.79 -13.20 -5.45
N GLY A 101 2.48 -13.35 -6.56
CA GLY A 101 1.97 -14.14 -7.66
C GLY A 101 1.21 -13.31 -8.67
N LYS A 102 1.01 -12.05 -8.38
CA LYS A 102 0.27 -11.19 -9.26
C LYS A 102 1.22 -10.35 -10.08
N THR A 103 0.75 -9.83 -11.19
CA THR A 103 1.61 -9.00 -12.00
C THR A 103 1.49 -7.58 -11.56
N LEU A 104 2.42 -6.77 -11.97
CA LEU A 104 2.40 -5.36 -11.67
C LEU A 104 1.21 -4.72 -12.27
N ASP A 105 0.85 -5.18 -13.46
CA ASP A 105 -0.35 -4.73 -14.12
C ASP A 105 -1.55 -5.02 -13.26
N GLN A 106 -1.66 -6.26 -12.80
CA GLN A 106 -2.77 -6.65 -11.94
C GLN A 106 -2.75 -5.92 -10.61
N VAL A 107 -1.60 -5.82 -9.98
CA VAL A 107 -1.53 -5.15 -8.69
C VAL A 107 -1.87 -3.66 -8.80
N THR A 108 -1.27 -2.97 -9.78
CA THR A 108 -1.60 -1.55 -9.97
C THR A 108 -3.07 -1.36 -10.32
N ASP A 109 -3.57 -2.21 -11.20
CA ASP A 109 -4.96 -2.17 -11.65
C ASP A 109 -5.90 -2.40 -10.48
N MET A 110 -5.52 -3.29 -9.56
CA MET A 110 -6.33 -3.61 -8.39
C MET A 110 -6.40 -2.36 -7.52
N MET A 111 -5.26 -1.72 -7.38
CA MET A 111 -5.16 -0.54 -6.56
C MET A 111 -5.94 0.64 -7.12
N VAL A 112 -5.94 0.79 -8.43
CA VAL A 112 -6.70 1.86 -9.05
C VAL A 112 -8.22 1.53 -8.95
N ALA A 113 -8.53 0.24 -8.90
CA ALA A 113 -9.91 -0.24 -8.77
C ALA A 113 -10.53 0.23 -7.46
N ASN A 114 -9.76 0.17 -6.41
CA ASN A 114 -10.23 0.54 -5.09
C ASN A 114 -9.69 1.91 -4.70
N SER A 115 -9.35 2.70 -5.70
CA SER A 115 -8.70 4.00 -5.51
C SER A 115 -9.49 5.01 -4.65
N SER A 116 -10.81 4.84 -4.56
CA SER A 116 -11.64 5.74 -3.76
C SER A 116 -11.26 5.61 -2.28
N ASN A 117 -10.98 4.39 -1.87
CA ASN A 117 -10.54 4.07 -0.53
C ASN A 117 -9.76 2.78 -0.56
N LEU A 118 -8.46 2.92 -0.63
CA LEU A 118 -7.57 1.79 -0.76
C LEU A 118 -6.67 1.70 0.43
N ILE A 119 -6.63 0.56 1.02
CA ILE A 119 -5.74 0.31 2.12
C ILE A 119 -4.54 -0.43 1.57
N ILE A 120 -3.39 0.16 1.61
CA ILE A 120 -2.25 -0.52 1.08
C ILE A 120 -1.25 -0.85 2.19
N THR A 121 -0.89 -2.11 2.27
CA THR A 121 0.02 -2.60 3.27
C THR A 121 1.40 -2.79 2.65
N VAL A 122 2.35 -2.07 3.16
CA VAL A 122 3.71 -2.16 2.70
C VAL A 122 4.59 -2.50 3.87
N LYS A 123 5.73 -3.04 3.61
CA LYS A 123 6.68 -3.28 4.65
C LYS A 123 7.84 -2.37 4.45
N PRO A 124 8.17 -1.58 5.44
CA PRO A 124 9.27 -0.69 5.33
C PRO A 124 10.60 -1.41 5.39
N ALA A 125 11.47 -1.07 4.50
CA ALA A 125 12.81 -1.58 4.48
C ALA A 125 13.65 -0.56 5.21
N ASN A 126 13.00 0.56 5.46
CA ASN A 126 13.52 1.72 6.10
C ASN A 126 14.57 2.41 5.25
N GLN A 127 15.87 2.31 5.63
CA GLN A 127 16.98 3.00 4.92
C GLN A 127 16.80 4.56 4.95
N ARG A 128 15.75 4.98 5.59
CA ARG A 128 15.32 6.34 5.59
C ARG A 128 15.53 6.95 6.96
N GLY A 1 -25.88 -8.78 -3.98
CA GLY A 1 -26.75 -9.57 -3.10
C GLY A 1 -27.82 -8.71 -2.46
N SER A 2 -29.03 -9.22 -2.36
CA SER A 2 -30.13 -8.48 -1.76
C SER A 2 -30.41 -8.97 -0.33
N LYS A 3 -29.80 -10.08 0.03
CA LYS A 3 -29.99 -10.64 1.37
C LYS A 3 -28.90 -10.15 2.29
N THR A 4 -27.87 -9.57 1.70
CA THR A 4 -26.77 -9.05 2.43
C THR A 4 -27.09 -7.69 3.03
N LYS A 5 -26.79 -7.50 4.29
CA LYS A 5 -26.95 -6.20 4.89
C LYS A 5 -25.77 -5.36 4.47
N ALA A 6 -26.02 -4.14 4.09
CA ALA A 6 -24.98 -3.30 3.58
C ALA A 6 -24.53 -2.25 4.59
N PRO A 7 -23.31 -2.40 5.14
CA PRO A 7 -22.73 -1.38 6.00
C PRO A 7 -21.98 -0.35 5.14
N SER A 8 -22.02 -0.59 3.82
CA SER A 8 -21.39 0.22 2.81
C SER A 8 -19.87 0.12 2.82
N ILE A 9 -19.26 0.79 3.77
CA ILE A 9 -17.81 0.91 3.89
C ILE A 9 -17.26 1.42 2.56
N SER A 10 -17.51 2.65 2.30
CA SER A 10 -17.14 3.27 1.07
C SER A 10 -16.75 4.71 1.34
N ILE A 11 -16.33 5.39 0.32
CA ILE A 11 -16.05 6.79 0.46
C ILE A 11 -17.28 7.53 -0.05
N PRO A 12 -17.95 8.28 0.81
CA PRO A 12 -19.23 8.93 0.50
C PRO A 12 -19.09 10.21 -0.33
N HIS A 13 -17.94 10.38 -0.96
CA HIS A 13 -17.62 11.56 -1.79
C HIS A 13 -17.35 12.79 -0.95
N ASP A 14 -16.23 13.40 -1.21
CA ASP A 14 -15.78 14.59 -0.51
C ASP A 14 -14.58 15.08 -1.29
N PHE A 15 -14.29 16.35 -1.24
CA PHE A 15 -13.20 16.89 -2.01
C PHE A 15 -11.89 16.65 -1.27
N ARG A 16 -11.98 16.52 0.04
CA ARG A 16 -10.81 16.30 0.87
C ARG A 16 -11.05 15.15 1.84
N CYS A 17 -10.36 14.08 1.63
CA CYS A 17 -10.44 12.94 2.50
C CYS A 17 -9.11 12.80 3.22
N VAL A 18 -9.07 12.06 4.30
CA VAL A 18 -7.85 11.94 5.08
C VAL A 18 -7.11 10.65 4.76
N SER A 19 -5.86 10.81 4.41
CA SER A 19 -4.95 9.74 4.14
C SER A 19 -4.03 9.55 5.35
N ALA A 20 -4.11 8.40 5.95
CA ALA A 20 -3.51 8.12 7.23
C ALA A 20 -3.21 6.66 7.31
N ILE A 21 -2.34 6.25 8.22
CA ILE A 21 -2.04 4.86 8.31
C ILE A 21 -3.00 4.23 9.30
N ILE A 22 -3.29 2.99 9.07
CA ILE A 22 -4.34 2.33 9.79
C ILE A 22 -3.91 0.94 10.22
N ASP A 23 -4.61 0.40 11.23
CA ASP A 23 -4.35 -0.95 11.80
C ASP A 23 -2.97 -1.02 12.45
N VAL A 24 -2.38 0.13 12.68
CA VAL A 24 -1.02 0.25 13.20
C VAL A 24 -0.90 -0.31 14.64
N ASP A 25 -1.99 -0.26 15.39
CA ASP A 25 -2.03 -0.80 16.75
C ASP A 25 -1.95 -2.31 16.70
N ILE A 26 -2.50 -2.88 15.65
CA ILE A 26 -2.58 -4.31 15.49
C ILE A 26 -1.36 -4.83 14.74
N VAL A 27 -1.11 -4.25 13.59
CA VAL A 27 0.00 -4.62 12.74
C VAL A 27 1.33 -4.35 13.42
N PRO A 28 2.28 -5.29 13.30
CA PRO A 28 3.63 -5.10 13.79
C PRO A 28 4.29 -3.97 13.02
N GLU A 29 5.26 -3.32 13.62
CA GLU A 29 5.91 -2.17 13.01
C GLU A 29 6.63 -2.48 11.70
N THR A 30 6.77 -3.76 11.44
CA THR A 30 7.37 -4.24 10.23
C THR A 30 6.46 -4.05 9.00
N HIS A 31 5.17 -3.77 9.21
CA HIS A 31 4.26 -3.45 8.12
C HIS A 31 3.66 -2.07 8.31
N ARG A 32 3.36 -1.43 7.21
CA ARG A 32 2.76 -0.10 7.20
C ARG A 32 1.62 -0.06 6.22
N ARG A 33 0.50 0.39 6.69
CA ARG A 33 -0.72 0.44 5.92
C ARG A 33 -1.21 1.86 5.77
N VAL A 34 -1.31 2.32 4.55
CA VAL A 34 -1.85 3.64 4.26
C VAL A 34 -3.08 3.48 3.43
N ARG A 35 -4.03 4.34 3.63
CA ARG A 35 -5.22 4.23 2.86
C ARG A 35 -5.22 5.28 1.76
N LEU A 36 -5.58 4.87 0.59
CA LEU A 36 -5.68 5.74 -0.54
C LEU A 36 -7.09 6.24 -0.58
N CYS A 37 -7.25 7.52 -0.43
CA CYS A 37 -8.54 8.11 -0.42
C CYS A 37 -8.48 9.37 -1.27
N LYS A 38 -9.61 9.95 -1.63
CA LYS A 38 -9.64 11.02 -2.61
C LYS A 38 -9.21 12.36 -2.08
N HIS A 39 -8.51 13.04 -2.92
CA HIS A 39 -8.10 14.42 -2.73
C HIS A 39 -8.35 15.13 -4.03
N GLY A 40 -9.48 15.80 -4.11
CA GLY A 40 -9.91 16.42 -5.34
C GLY A 40 -10.60 15.39 -6.23
N SER A 41 -9.83 14.45 -6.68
CA SER A 41 -10.28 13.39 -7.55
C SER A 41 -9.61 12.10 -7.10
N ASP A 42 -9.88 11.01 -7.80
CA ASP A 42 -9.21 9.75 -7.50
C ASP A 42 -7.75 9.86 -7.87
N LYS A 43 -7.52 10.26 -9.13
CA LYS A 43 -6.17 10.46 -9.70
C LYS A 43 -5.39 9.13 -9.80
N PRO A 44 -4.36 9.07 -10.64
CA PRO A 44 -3.48 7.92 -10.66
C PRO A 44 -2.71 7.85 -9.33
N LEU A 45 -2.32 6.66 -8.92
CA LEU A 45 -1.68 6.52 -7.63
C LEU A 45 -0.31 7.18 -7.63
N GLY A 46 -0.01 7.87 -6.55
CA GLY A 46 1.20 8.66 -6.43
C GLY A 46 2.48 7.89 -6.16
N PHE A 47 2.52 6.65 -6.56
CA PHE A 47 3.70 5.86 -6.45
C PHE A 47 3.74 4.81 -7.53
N TYR A 48 4.90 4.49 -7.97
CA TYR A 48 5.09 3.47 -8.97
C TYR A 48 5.64 2.22 -8.30
N ILE A 49 5.56 1.09 -8.96
CA ILE A 49 6.13 -0.13 -8.42
C ILE A 49 7.15 -0.74 -9.36
N ARG A 50 8.04 -1.50 -8.80
CA ARG A 50 9.10 -2.16 -9.53
C ARG A 50 9.19 -3.60 -9.10
N ASP A 51 9.91 -4.37 -9.85
CA ASP A 51 10.00 -5.79 -9.59
C ASP A 51 11.38 -6.16 -9.10
N GLY A 52 11.42 -7.16 -8.28
CA GLY A 52 12.65 -7.69 -7.78
C GLY A 52 12.35 -8.94 -7.02
N THR A 53 13.18 -9.29 -6.09
CA THR A 53 12.92 -10.43 -5.27
C THR A 53 12.91 -10.06 -3.82
N SER A 54 11.98 -10.62 -3.10
CA SER A 54 11.81 -10.31 -1.72
C SER A 54 12.39 -11.45 -0.90
N VAL A 55 13.00 -11.11 0.21
CA VAL A 55 13.52 -12.11 1.09
C VAL A 55 12.49 -12.35 2.18
N ARG A 56 11.95 -13.53 2.20
CA ARG A 56 10.94 -13.87 3.14
C ARG A 56 11.49 -14.81 4.18
N VAL A 57 11.46 -14.37 5.40
CA VAL A 57 11.96 -15.16 6.48
C VAL A 57 10.81 -15.97 7.11
N THR A 58 11.01 -17.24 7.20
CA THR A 58 10.02 -18.16 7.70
C THR A 58 10.64 -19.07 8.73
N ALA A 59 9.86 -19.99 9.28
CA ALA A 59 10.37 -20.96 10.23
C ALA A 59 11.19 -22.02 9.52
N SER A 60 11.02 -22.08 8.21
CA SER A 60 11.74 -22.99 7.37
C SER A 60 13.05 -22.35 6.87
N GLY A 61 13.23 -21.09 7.20
CA GLY A 61 14.42 -20.36 6.79
C GLY A 61 14.04 -19.20 5.92
N LEU A 62 14.94 -18.73 5.11
CA LEU A 62 14.64 -17.65 4.21
C LEU A 62 14.37 -18.16 2.80
N GLU A 63 13.37 -17.63 2.19
CA GLU A 63 13.03 -18.00 0.84
C GLU A 63 12.95 -16.74 -0.01
N LYS A 64 13.32 -16.86 -1.26
CA LYS A 64 13.21 -15.75 -2.18
C LYS A 64 11.87 -15.84 -2.88
N GLN A 65 11.20 -14.73 -2.97
CA GLN A 65 9.88 -14.67 -3.59
C GLN A 65 9.85 -13.46 -4.49
N PRO A 66 8.90 -13.37 -5.44
CA PRO A 66 8.74 -12.17 -6.25
C PRO A 66 8.44 -10.98 -5.36
N GLY A 67 9.29 -9.99 -5.41
CA GLY A 67 9.13 -8.86 -4.57
C GLY A 67 8.74 -7.67 -5.34
N ILE A 68 7.71 -7.02 -4.92
CA ILE A 68 7.25 -5.85 -5.60
C ILE A 68 7.61 -4.67 -4.71
N PHE A 69 8.44 -3.80 -5.20
CA PHE A 69 8.93 -2.70 -4.39
C PHE A 69 8.38 -1.43 -4.93
N ILE A 70 8.41 -0.39 -4.15
CA ILE A 70 8.01 0.90 -4.64
C ILE A 70 9.12 1.42 -5.57
N SER A 71 8.74 1.88 -6.71
CA SER A 71 9.69 2.32 -7.67
C SER A 71 10.05 3.78 -7.45
N ARG A 72 9.06 4.63 -7.42
CA ARG A 72 9.29 6.05 -7.34
C ARG A 72 8.01 6.73 -6.89
N LEU A 73 8.15 7.84 -6.21
CA LEU A 73 7.01 8.63 -5.79
C LEU A 73 6.72 9.70 -6.82
N VAL A 74 5.45 9.95 -7.03
CA VAL A 74 5.04 11.01 -7.93
C VAL A 74 4.94 12.28 -7.12
N PRO A 75 5.69 13.34 -7.46
CA PRO A 75 5.60 14.61 -6.73
C PRO A 75 4.17 15.13 -6.75
N GLY A 76 3.62 15.37 -5.57
CA GLY A 76 2.24 15.80 -5.47
C GLY A 76 1.31 14.62 -5.28
N GLY A 77 1.86 13.42 -5.36
CA GLY A 77 1.10 12.21 -5.17
C GLY A 77 0.85 11.95 -3.72
N LEU A 78 -0.08 11.09 -3.41
CA LEU A 78 -0.47 10.87 -2.04
C LEU A 78 0.64 10.30 -1.16
N ALA A 79 1.32 9.27 -1.62
CA ALA A 79 2.37 8.65 -0.81
C ALA A 79 3.57 9.58 -0.66
N GLU A 80 3.74 10.44 -1.64
CA GLU A 80 4.79 11.41 -1.66
C GLU A 80 4.46 12.53 -0.68
N SER A 81 3.23 13.03 -0.76
CA SER A 81 2.79 14.13 0.08
C SER A 81 2.58 13.69 1.53
N THR A 82 2.27 12.42 1.74
CA THR A 82 2.13 11.90 3.09
C THR A 82 3.49 11.74 3.75
N GLY A 83 4.49 11.40 2.92
CA GLY A 83 5.84 11.17 3.41
C GLY A 83 5.89 9.96 4.31
N LEU A 84 4.99 9.05 4.09
CA LEU A 84 4.85 7.89 4.93
C LEU A 84 5.58 6.68 4.38
N LEU A 85 5.50 6.46 3.08
CA LEU A 85 6.16 5.28 2.52
C LEU A 85 7.42 5.73 1.78
N ALA A 86 8.31 4.79 1.50
CA ALA A 86 9.54 5.10 0.80
C ALA A 86 9.75 4.15 -0.37
N VAL A 87 10.63 4.53 -1.30
CA VAL A 87 10.96 3.71 -2.50
C VAL A 87 11.53 2.33 -2.13
N ASN A 88 12.19 2.25 -1.01
CA ASN A 88 12.77 1.00 -0.58
C ASN A 88 11.71 0.06 -0.05
N ASP A 89 10.61 0.62 0.42
CA ASP A 89 9.53 -0.17 0.97
C ASP A 89 8.91 -1.00 -0.12
N GLU A 90 8.53 -2.17 0.22
CA GLU A 90 7.94 -3.05 -0.74
C GLU A 90 6.52 -3.33 -0.36
N VAL A 91 5.68 -3.48 -1.35
CA VAL A 91 4.28 -3.72 -1.11
C VAL A 91 4.05 -5.17 -0.71
N ILE A 92 3.14 -5.37 0.19
CA ILE A 92 2.80 -6.68 0.67
C ILE A 92 1.39 -7.05 0.22
N GLU A 93 0.45 -6.20 0.57
CA GLU A 93 -0.94 -6.43 0.27
C GLU A 93 -1.64 -5.16 -0.11
N VAL A 94 -2.57 -5.30 -0.99
CA VAL A 94 -3.43 -4.23 -1.41
C VAL A 94 -4.90 -4.69 -1.25
N ASN A 95 -5.55 -4.26 -0.18
CA ASN A 95 -6.95 -4.68 0.19
C ASN A 95 -7.02 -6.16 0.49
N GLY A 96 -5.94 -6.72 0.98
CA GLY A 96 -5.92 -8.13 1.32
C GLY A 96 -5.39 -8.98 0.20
N ILE A 97 -5.16 -8.35 -0.92
CA ILE A 97 -4.60 -9.01 -2.07
C ILE A 97 -3.10 -9.01 -1.92
N GLU A 98 -2.53 -10.16 -1.59
CA GLU A 98 -1.10 -10.26 -1.46
C GLU A 98 -0.51 -10.16 -2.83
N VAL A 99 0.55 -9.43 -2.94
CA VAL A 99 1.20 -9.22 -4.21
C VAL A 99 2.01 -10.45 -4.65
N ALA A 100 1.96 -11.51 -3.85
CA ALA A 100 2.60 -12.73 -4.21
C ALA A 100 1.74 -13.44 -5.25
N GLY A 101 2.31 -13.74 -6.39
CA GLY A 101 1.57 -14.35 -7.45
C GLY A 101 0.99 -13.31 -8.40
N LYS A 102 1.22 -12.04 -8.07
CA LYS A 102 0.69 -10.95 -8.86
C LYS A 102 1.81 -10.31 -9.66
N THR A 103 1.51 -9.81 -10.82
CA THR A 103 2.49 -9.09 -11.61
C THR A 103 2.36 -7.63 -11.33
N LEU A 104 3.34 -6.84 -11.76
CA LEU A 104 3.23 -5.39 -11.65
C LEU A 104 2.02 -4.88 -12.37
N ASP A 105 1.75 -5.49 -13.50
CA ASP A 105 0.58 -5.19 -14.30
C ASP A 105 -0.68 -5.41 -13.49
N GLN A 106 -0.77 -6.58 -12.88
CA GLN A 106 -1.91 -6.92 -12.05
C GLN A 106 -1.98 -6.05 -10.81
N VAL A 107 -0.85 -5.88 -10.12
CA VAL A 107 -0.83 -5.09 -8.89
C VAL A 107 -1.22 -3.64 -9.13
N THR A 108 -0.62 -3.00 -10.16
CA THR A 108 -1.00 -1.63 -10.51
C THR A 108 -2.49 -1.55 -10.83
N ASP A 109 -2.94 -2.47 -11.67
CA ASP A 109 -4.35 -2.50 -12.09
C ASP A 109 -5.27 -2.72 -10.91
N MET A 110 -4.85 -3.57 -9.98
CA MET A 110 -5.64 -3.87 -8.78
C MET A 110 -5.79 -2.60 -7.97
N MET A 111 -4.67 -1.90 -7.79
CA MET A 111 -4.68 -0.67 -7.02
C MET A 111 -5.47 0.44 -7.67
N VAL A 112 -5.49 0.48 -8.98
CA VAL A 112 -6.32 1.45 -9.66
C VAL A 112 -7.80 1.01 -9.55
N ALA A 113 -8.02 -0.30 -9.60
CA ALA A 113 -9.37 -0.87 -9.50
C ALA A 113 -10.04 -0.46 -8.21
N ASN A 114 -9.28 -0.50 -7.13
CA ASN A 114 -9.77 -0.12 -5.82
C ASN A 114 -9.30 1.24 -5.38
N SER A 115 -9.01 2.14 -6.32
CA SER A 115 -8.54 3.49 -5.98
C SER A 115 -9.47 4.26 -5.03
N SER A 116 -10.76 3.92 -5.01
CA SER A 116 -11.72 4.58 -4.16
C SER A 116 -11.40 4.34 -2.68
N ASN A 117 -11.23 3.08 -2.33
CA ASN A 117 -10.87 2.70 -0.99
C ASN A 117 -9.82 1.61 -1.07
N LEU A 118 -8.60 2.02 -0.94
CA LEU A 118 -7.52 1.10 -1.08
C LEU A 118 -6.66 1.15 0.15
N ILE A 119 -6.54 0.04 0.77
CA ILE A 119 -5.69 -0.15 1.90
C ILE A 119 -4.39 -0.73 1.38
N ILE A 120 -3.34 0.02 1.51
CA ILE A 120 -2.08 -0.36 0.97
C ILE A 120 -1.17 -0.80 2.10
N THR A 121 -0.75 -2.02 2.05
CA THR A 121 0.10 -2.56 3.06
C THR A 121 1.49 -2.80 2.48
N VAL A 122 2.46 -2.11 3.02
CA VAL A 122 3.83 -2.25 2.60
C VAL A 122 4.66 -2.64 3.81
N LYS A 123 5.85 -3.09 3.56
CA LYS A 123 6.79 -3.36 4.63
C LYS A 123 7.97 -2.41 4.51
N PRO A 124 8.16 -1.51 5.51
CA PRO A 124 9.25 -0.55 5.47
C PRO A 124 10.59 -1.21 5.43
N ALA A 125 11.41 -0.70 4.58
CA ALA A 125 12.74 -1.17 4.43
C ALA A 125 13.70 -0.06 4.79
N ASN A 126 13.13 0.99 5.41
CA ASN A 126 13.84 2.21 5.82
C ASN A 126 14.19 3.06 4.59
N GLN A 127 14.04 4.37 4.71
CA GLN A 127 14.32 5.25 3.61
C GLN A 127 15.82 5.56 3.51
N ARG A 128 16.55 4.57 3.03
CA ARG A 128 17.98 4.61 2.80
C ARG A 128 18.44 3.25 2.31
N GLY A 1 -7.55 -11.44 17.05
CA GLY A 1 -8.08 -11.53 15.69
C GLY A 1 -8.22 -10.15 15.10
N SER A 2 -8.39 -10.07 13.81
CA SER A 2 -8.51 -8.79 13.17
C SER A 2 -9.94 -8.24 13.30
N LYS A 3 -10.14 -7.36 14.26
CA LYS A 3 -11.41 -6.71 14.44
C LYS A 3 -11.29 -5.23 14.21
N THR A 4 -11.64 -4.80 13.03
CA THR A 4 -11.68 -3.41 12.75
C THR A 4 -12.75 -3.07 11.73
N LYS A 5 -13.94 -2.83 12.20
CA LYS A 5 -14.98 -2.33 11.35
C LYS A 5 -15.19 -0.90 11.70
N ALA A 6 -14.21 -0.12 11.36
CA ALA A 6 -14.20 1.27 11.67
C ALA A 6 -14.35 2.06 10.40
N PRO A 7 -15.47 2.76 10.25
CA PRO A 7 -15.70 3.68 9.14
C PRO A 7 -14.52 4.66 9.00
N SER A 8 -13.79 4.51 7.95
CA SER A 8 -12.63 5.30 7.67
C SER A 8 -12.79 5.96 6.32
N ILE A 9 -14.04 6.29 6.04
CA ILE A 9 -14.44 6.91 4.80
C ILE A 9 -14.07 8.39 4.84
N SER A 10 -14.00 8.92 6.08
CA SER A 10 -13.73 10.32 6.36
C SER A 10 -14.97 11.13 5.92
N ILE A 11 -14.84 12.42 5.78
CA ILE A 11 -15.98 13.23 5.40
C ILE A 11 -16.19 13.10 3.89
N PRO A 12 -17.33 12.53 3.46
CA PRO A 12 -17.60 12.27 2.07
C PRO A 12 -18.06 13.50 1.28
N HIS A 13 -17.10 14.31 0.91
CA HIS A 13 -17.26 15.49 0.05
C HIS A 13 -15.93 15.70 -0.61
N ASP A 14 -15.90 15.99 -1.88
CA ASP A 14 -14.63 16.15 -2.54
C ASP A 14 -14.06 17.54 -2.36
N PHE A 15 -13.38 17.70 -1.28
CA PHE A 15 -12.69 18.91 -0.93
C PHE A 15 -11.41 18.56 -0.24
N ARG A 16 -11.54 17.72 0.77
CA ARG A 16 -10.44 17.34 1.58
C ARG A 16 -10.56 15.88 1.97
N CYS A 17 -9.47 15.20 2.01
CA CYS A 17 -9.45 13.82 2.39
C CYS A 17 -8.17 13.54 3.14
N VAL A 18 -8.25 12.79 4.22
CA VAL A 18 -7.09 12.53 5.05
C VAL A 18 -6.46 11.17 4.77
N SER A 19 -5.15 11.16 4.76
CA SER A 19 -4.39 9.96 4.65
C SER A 19 -4.07 9.48 6.06
N ALA A 20 -4.36 8.24 6.33
CA ALA A 20 -4.27 7.72 7.67
C ALA A 20 -3.65 6.35 7.69
N ILE A 21 -3.07 5.99 8.81
CA ILE A 21 -2.47 4.69 9.00
C ILE A 21 -3.50 3.81 9.68
N ILE A 22 -3.94 2.83 8.97
CA ILE A 22 -5.00 1.96 9.42
C ILE A 22 -4.46 0.61 9.87
N ASP A 23 -5.22 -0.06 10.73
CA ASP A 23 -4.90 -1.40 11.26
C ASP A 23 -3.70 -1.38 12.16
N VAL A 24 -3.24 -0.19 12.53
CA VAL A 24 -2.05 -0.02 13.36
C VAL A 24 -2.17 -0.76 14.71
N ASP A 25 -3.41 -0.89 15.20
CA ASP A 25 -3.68 -1.59 16.44
C ASP A 25 -3.32 -3.07 16.37
N ILE A 26 -3.48 -3.65 15.20
CA ILE A 26 -3.26 -5.09 15.06
C ILE A 26 -2.02 -5.43 14.23
N VAL A 27 -1.67 -4.53 13.34
CA VAL A 27 -0.52 -4.72 12.47
C VAL A 27 0.80 -4.51 13.22
N PRO A 28 1.71 -5.50 13.11
CA PRO A 28 3.02 -5.41 13.71
C PRO A 28 3.86 -4.35 13.02
N GLU A 29 4.85 -3.83 13.71
CA GLU A 29 5.75 -2.80 13.20
C GLU A 29 6.43 -3.21 11.85
N THR A 30 6.32 -4.48 11.51
CA THR A 30 6.87 -4.99 10.31
C THR A 30 6.05 -4.57 9.09
N HIS A 31 4.78 -4.24 9.29
CA HIS A 31 3.93 -3.79 8.20
C HIS A 31 3.39 -2.38 8.45
N ARG A 32 3.14 -1.69 7.39
CA ARG A 32 2.59 -0.33 7.41
C ARG A 32 1.43 -0.32 6.44
N ARG A 33 0.35 0.34 6.77
CA ARG A 33 -0.75 0.42 5.84
C ARG A 33 -1.19 1.86 5.69
N VAL A 34 -1.31 2.32 4.46
CA VAL A 34 -1.80 3.66 4.18
C VAL A 34 -3.07 3.60 3.38
N ARG A 35 -4.00 4.45 3.74
CA ARG A 35 -5.31 4.45 3.13
C ARG A 35 -5.38 5.59 2.09
N LEU A 36 -5.63 5.22 0.85
CA LEU A 36 -5.67 6.11 -0.28
C LEU A 36 -7.14 6.32 -0.67
N CYS A 37 -7.50 7.54 -1.03
CA CYS A 37 -8.88 7.86 -1.36
C CYS A 37 -9.00 8.58 -2.69
N LYS A 38 -10.21 8.64 -3.19
CA LYS A 38 -10.51 9.28 -4.46
C LYS A 38 -10.58 10.79 -4.28
N HIS A 39 -10.09 11.50 -5.26
CA HIS A 39 -10.15 12.95 -5.31
C HIS A 39 -10.66 13.32 -6.67
N GLY A 40 -11.17 14.54 -6.80
CA GLY A 40 -11.64 15.06 -8.09
C GLY A 40 -10.51 15.30 -9.08
N SER A 41 -9.84 14.23 -9.42
CA SER A 41 -8.76 14.19 -10.36
C SER A 41 -8.31 12.74 -10.42
N ASP A 42 -8.63 12.08 -11.50
CA ASP A 42 -8.25 10.69 -11.65
C ASP A 42 -6.84 10.56 -12.13
N LYS A 43 -5.96 10.58 -11.20
CA LYS A 43 -4.55 10.41 -11.43
C LYS A 43 -4.11 9.02 -11.03
N PRO A 44 -2.94 8.57 -11.50
CA PRO A 44 -2.31 7.34 -11.04
C PRO A 44 -1.93 7.49 -9.56
N LEU A 45 -1.78 6.37 -8.84
CA LEU A 45 -1.44 6.44 -7.43
C LEU A 45 -0.12 7.18 -7.22
N GLY A 46 0.08 7.66 -6.01
CA GLY A 46 1.24 8.48 -5.70
C GLY A 46 2.55 7.74 -5.60
N PHE A 47 2.63 6.61 -6.22
CA PHE A 47 3.79 5.78 -6.22
C PHE A 47 3.69 4.80 -7.37
N TYR A 48 4.80 4.45 -7.92
CA TYR A 48 4.86 3.43 -8.96
C TYR A 48 5.38 2.17 -8.31
N ILE A 49 5.21 1.05 -8.94
CA ILE A 49 5.74 -0.19 -8.41
C ILE A 49 6.66 -0.89 -9.39
N ARG A 50 7.57 -1.62 -8.83
CA ARG A 50 8.55 -2.37 -9.57
C ARG A 50 8.53 -3.79 -9.08
N ASP A 51 9.20 -4.63 -9.77
CA ASP A 51 9.22 -6.04 -9.43
C ASP A 51 10.63 -6.45 -9.09
N GLY A 52 10.76 -7.57 -8.46
CA GLY A 52 12.04 -8.09 -8.12
C GLY A 52 11.92 -9.17 -7.11
N THR A 53 12.97 -9.42 -6.41
CA THR A 53 12.97 -10.42 -5.39
C THR A 53 13.38 -9.83 -4.07
N SER A 54 12.70 -10.23 -3.04
CA SER A 54 12.95 -9.75 -1.73
C SER A 54 13.69 -10.84 -0.98
N VAL A 55 14.66 -10.44 -0.21
CA VAL A 55 15.44 -11.36 0.57
C VAL A 55 14.88 -11.38 1.98
N ARG A 56 14.35 -12.50 2.37
CA ARG A 56 13.78 -12.65 3.67
C ARG A 56 14.66 -13.52 4.53
N VAL A 57 14.90 -13.06 5.74
CA VAL A 57 15.67 -13.80 6.69
C VAL A 57 14.74 -14.63 7.55
N THR A 58 14.90 -15.91 7.51
CA THR A 58 14.13 -16.79 8.34
C THR A 58 15.06 -17.55 9.27
N ALA A 59 14.51 -18.43 10.08
CA ALA A 59 15.31 -19.24 10.98
C ALA A 59 16.02 -20.34 10.21
N SER A 60 15.58 -20.57 9.00
CA SER A 60 16.17 -21.54 8.12
C SER A 60 17.35 -20.91 7.35
N GLY A 61 17.33 -19.61 7.23
CA GLY A 61 18.37 -18.92 6.52
C GLY A 61 17.80 -17.88 5.60
N LEU A 62 18.33 -17.81 4.41
CA LEU A 62 17.85 -16.84 3.44
C LEU A 62 16.95 -17.43 2.43
N GLU A 63 15.96 -16.67 2.06
CA GLU A 63 15.04 -17.05 1.05
C GLU A 63 14.79 -15.86 0.15
N LYS A 64 14.70 -16.08 -1.13
CA LYS A 64 14.36 -15.02 -2.03
C LYS A 64 13.01 -15.28 -2.64
N GLN A 65 12.14 -14.33 -2.51
CA GLN A 65 10.78 -14.43 -2.98
C GLN A 65 10.47 -13.26 -3.90
N PRO A 66 9.72 -13.49 -5.00
CA PRO A 66 9.30 -12.40 -5.90
C PRO A 66 8.45 -11.38 -5.14
N GLY A 67 8.92 -10.16 -5.09
CA GLY A 67 8.25 -9.14 -4.35
C GLY A 67 7.96 -7.95 -5.18
N ILE A 68 6.99 -7.18 -4.76
CA ILE A 68 6.59 -6.00 -5.48
C ILE A 68 7.05 -4.79 -4.66
N PHE A 69 7.93 -4.00 -5.22
CA PHE A 69 8.52 -2.89 -4.48
C PHE A 69 8.02 -1.58 -5.04
N ILE A 70 8.16 -0.53 -4.28
CA ILE A 70 7.83 0.79 -4.78
C ILE A 70 8.92 1.22 -5.77
N SER A 71 8.53 1.69 -6.92
CA SER A 71 9.49 2.08 -7.92
C SER A 71 9.93 3.51 -7.73
N ARG A 72 8.97 4.40 -7.55
CA ARG A 72 9.26 5.81 -7.43
C ARG A 72 8.02 6.52 -6.88
N LEU A 73 8.20 7.64 -6.23
CA LEU A 73 7.08 8.42 -5.71
C LEU A 73 6.64 9.46 -6.72
N VAL A 74 5.34 9.66 -6.81
CA VAL A 74 4.78 10.66 -7.70
C VAL A 74 4.55 11.91 -6.90
N PRO A 75 5.09 13.08 -7.32
CA PRO A 75 4.92 14.34 -6.59
C PRO A 75 3.44 14.69 -6.38
N GLY A 76 3.09 14.90 -5.13
CA GLY A 76 1.71 15.20 -4.79
C GLY A 76 0.90 13.92 -4.56
N GLY A 77 1.57 12.80 -4.64
CA GLY A 77 0.93 11.54 -4.45
C GLY A 77 0.82 11.16 -2.99
N LEU A 78 -0.02 10.18 -2.68
CA LEU A 78 -0.29 9.76 -1.29
C LEU A 78 0.97 9.44 -0.48
N ALA A 79 1.82 8.59 -1.01
CA ALA A 79 3.00 8.16 -0.27
C ALA A 79 4.06 9.22 -0.26
N GLU A 80 4.06 10.03 -1.30
CA GLU A 80 5.02 11.10 -1.47
C GLU A 80 4.69 12.22 -0.48
N SER A 81 3.42 12.61 -0.47
CA SER A 81 2.93 13.68 0.37
C SER A 81 3.08 13.33 1.85
N THR A 82 2.87 12.07 2.17
CA THR A 82 2.96 11.65 3.54
C THR A 82 4.41 11.40 3.95
N GLY A 83 5.21 10.92 2.99
CA GLY A 83 6.61 10.61 3.26
C GLY A 83 6.74 9.46 4.23
N LEU A 84 5.68 8.66 4.31
CA LEU A 84 5.62 7.55 5.24
C LEU A 84 6.20 6.30 4.65
N LEU A 85 6.29 6.24 3.34
CA LEU A 85 6.81 5.07 2.69
C LEU A 85 7.95 5.49 1.79
N ALA A 86 8.90 4.63 1.60
CA ALA A 86 10.04 4.93 0.79
C ALA A 86 10.10 4.02 -0.43
N VAL A 87 10.91 4.42 -1.42
CA VAL A 87 11.11 3.65 -2.66
C VAL A 87 11.55 2.20 -2.39
N ASN A 88 12.28 2.00 -1.34
CA ASN A 88 12.75 0.67 -1.06
C ASN A 88 11.67 -0.24 -0.53
N ASP A 89 10.67 0.34 0.10
CA ASP A 89 9.61 -0.43 0.74
C ASP A 89 8.81 -1.21 -0.27
N GLU A 90 8.38 -2.38 0.12
CA GLU A 90 7.65 -3.24 -0.79
C GLU A 90 6.21 -3.37 -0.34
N VAL A 91 5.33 -3.53 -1.29
CA VAL A 91 3.93 -3.67 -1.01
C VAL A 91 3.62 -5.13 -0.71
N ILE A 92 2.86 -5.37 0.33
CA ILE A 92 2.49 -6.69 0.71
C ILE A 92 1.04 -7.00 0.28
N GLU A 93 0.16 -6.03 0.46
CA GLU A 93 -1.26 -6.22 0.16
C GLU A 93 -1.87 -4.99 -0.40
N VAL A 94 -2.93 -5.20 -1.11
CA VAL A 94 -3.78 -4.16 -1.62
C VAL A 94 -5.24 -4.49 -1.24
N ASN A 95 -5.73 -3.82 -0.19
CA ASN A 95 -7.10 -4.06 0.41
C ASN A 95 -7.24 -5.41 1.07
N GLY A 96 -6.14 -6.10 1.25
CA GLY A 96 -6.18 -7.41 1.85
C GLY A 96 -5.81 -8.46 0.86
N ILE A 97 -5.75 -8.05 -0.39
CA ILE A 97 -5.33 -8.92 -1.44
C ILE A 97 -3.82 -8.93 -1.44
N GLU A 98 -3.24 -10.03 -1.05
CA GLU A 98 -1.80 -10.17 -1.07
C GLU A 98 -1.31 -10.07 -2.47
N VAL A 99 -0.27 -9.34 -2.64
CA VAL A 99 0.29 -9.12 -3.95
C VAL A 99 1.14 -10.31 -4.39
N ALA A 100 1.24 -11.30 -3.53
CA ALA A 100 2.00 -12.48 -3.85
C ALA A 100 1.26 -13.25 -4.94
N GLY A 101 1.92 -13.48 -6.04
CA GLY A 101 1.31 -14.20 -7.13
C GLY A 101 0.66 -13.27 -8.15
N LYS A 102 0.39 -12.04 -7.76
CA LYS A 102 -0.25 -11.09 -8.66
C LYS A 102 0.85 -10.45 -9.53
N THR A 103 0.51 -10.02 -10.72
CA THR A 103 1.48 -9.34 -11.55
C THR A 103 1.40 -7.86 -11.31
N LEU A 104 2.43 -7.10 -11.68
CA LEU A 104 2.37 -5.64 -11.57
C LEU A 104 1.18 -5.10 -12.28
N ASP A 105 0.93 -5.62 -13.45
CA ASP A 105 -0.20 -5.19 -14.26
C ASP A 105 -1.49 -5.37 -13.49
N GLN A 106 -1.59 -6.48 -12.80
CA GLN A 106 -2.75 -6.76 -11.99
C GLN A 106 -2.78 -5.97 -10.69
N VAL A 107 -1.65 -5.88 -10.00
CA VAL A 107 -1.62 -5.17 -8.71
C VAL A 107 -1.88 -3.69 -8.90
N THR A 108 -1.22 -3.10 -9.85
CA THR A 108 -1.32 -1.67 -10.07
C THR A 108 -2.74 -1.34 -10.54
N ASP A 109 -3.28 -2.18 -11.44
CA ASP A 109 -4.64 -2.01 -11.92
C ASP A 109 -5.62 -2.21 -10.79
N MET A 110 -5.34 -3.20 -9.91
CA MET A 110 -6.21 -3.49 -8.75
C MET A 110 -6.24 -2.23 -7.89
N MET A 111 -5.08 -1.62 -7.75
CA MET A 111 -4.92 -0.41 -7.00
C MET A 111 -5.70 0.75 -7.59
N VAL A 112 -5.57 0.96 -8.88
CA VAL A 112 -6.31 2.05 -9.53
C VAL A 112 -7.83 1.74 -9.49
N ALA A 113 -8.16 0.46 -9.58
CA ALA A 113 -9.53 -0.03 -9.52
C ALA A 113 -10.19 0.38 -8.21
N ASN A 114 -9.44 0.31 -7.15
CA ASN A 114 -9.93 0.64 -5.82
C ASN A 114 -9.45 2.00 -5.39
N SER A 115 -9.26 2.90 -6.35
CA SER A 115 -8.84 4.27 -6.07
C SER A 115 -9.85 5.01 -5.16
N SER A 116 -11.06 4.45 -5.06
CA SER A 116 -12.10 4.97 -4.21
C SER A 116 -11.69 4.88 -2.74
N ASN A 117 -11.30 3.69 -2.35
CA ASN A 117 -10.82 3.40 -1.04
C ASN A 117 -9.83 2.26 -1.14
N LEU A 118 -8.60 2.62 -1.07
CA LEU A 118 -7.56 1.67 -1.24
C LEU A 118 -6.70 1.64 0.00
N ILE A 119 -6.48 0.48 0.49
CA ILE A 119 -5.68 0.26 1.65
C ILE A 119 -4.43 -0.49 1.21
N ILE A 120 -3.30 0.14 1.35
CA ILE A 120 -2.07 -0.47 0.89
C ILE A 120 -1.23 -0.94 2.06
N THR A 121 -0.92 -2.21 2.08
CA THR A 121 -0.07 -2.76 3.09
C THR A 121 1.32 -2.85 2.53
N VAL A 122 2.27 -2.30 3.20
CA VAL A 122 3.63 -2.40 2.79
C VAL A 122 4.46 -2.86 3.96
N LYS A 123 5.64 -3.27 3.70
CA LYS A 123 6.58 -3.55 4.75
C LYS A 123 7.79 -2.72 4.46
N PRO A 124 8.40 -2.08 5.46
CA PRO A 124 9.58 -1.32 5.22
C PRO A 124 10.73 -2.23 4.82
N ALA A 125 11.42 -1.86 3.78
CA ALA A 125 12.56 -2.64 3.35
C ALA A 125 13.78 -2.05 3.97
N ASN A 126 13.56 -0.99 4.69
CA ASN A 126 14.60 -0.36 5.41
C ASN A 126 14.70 -1.00 6.74
N GLN A 127 15.34 -2.13 6.75
CA GLN A 127 15.53 -2.90 7.92
C GLN A 127 17.01 -3.05 8.17
N ARG A 128 17.55 -2.10 8.90
CA ARG A 128 18.94 -2.03 9.23
C ARG A 128 19.06 -0.85 10.18
N GLY A 1 -17.82 -16.25 11.16
CA GLY A 1 -17.69 -15.28 12.25
C GLY A 1 -16.87 -14.10 11.81
N SER A 2 -17.52 -13.10 11.25
CA SER A 2 -16.82 -11.94 10.76
C SER A 2 -16.64 -10.92 11.87
N LYS A 3 -17.64 -10.85 12.75
CA LYS A 3 -17.72 -9.88 13.82
C LYS A 3 -17.70 -8.49 13.22
N THR A 4 -18.84 -8.05 12.78
CA THR A 4 -18.93 -6.79 12.11
C THR A 4 -18.79 -5.62 13.08
N LYS A 5 -17.62 -5.01 13.06
CA LYS A 5 -17.38 -3.84 13.87
C LYS A 5 -17.44 -2.60 13.03
N ALA A 6 -17.31 -2.78 11.73
CA ALA A 6 -17.39 -1.68 10.80
C ALA A 6 -18.85 -1.37 10.52
N PRO A 7 -19.33 -0.25 11.02
CA PRO A 7 -20.72 0.14 10.85
C PRO A 7 -20.97 0.67 9.45
N SER A 8 -22.11 0.30 8.90
CA SER A 8 -22.50 0.74 7.60
C SER A 8 -23.04 2.16 7.67
N ILE A 9 -23.44 2.55 8.87
CA ILE A 9 -23.97 3.87 9.11
C ILE A 9 -22.84 4.88 9.29
N SER A 10 -22.58 5.60 8.24
CA SER A 10 -21.57 6.62 8.21
C SER A 10 -22.02 7.62 7.15
N ILE A 11 -22.17 8.87 7.54
CA ILE A 11 -22.67 9.88 6.65
C ILE A 11 -21.61 10.41 5.69
N PRO A 12 -22.00 10.72 4.44
CA PRO A 12 -21.08 11.25 3.43
C PRO A 12 -20.45 12.56 3.88
N HIS A 13 -19.17 12.52 4.17
CA HIS A 13 -18.47 13.66 4.67
C HIS A 13 -17.15 13.85 3.95
N ASP A 14 -17.02 13.25 2.77
CA ASP A 14 -15.79 13.40 2.00
C ASP A 14 -15.75 14.75 1.30
N PHE A 15 -15.56 15.78 2.08
CA PHE A 15 -15.30 17.10 1.57
C PHE A 15 -13.81 17.28 1.65
N ARG A 16 -13.24 16.53 2.56
CA ARG A 16 -11.82 16.39 2.75
C ARG A 16 -11.49 14.95 2.47
N CYS A 17 -10.32 14.69 1.97
CA CYS A 17 -9.94 13.33 1.67
C CYS A 17 -8.88 13.01 2.71
N VAL A 18 -9.03 11.91 3.41
CA VAL A 18 -8.16 11.67 4.54
C VAL A 18 -7.17 10.51 4.34
N SER A 19 -5.92 10.82 4.59
CA SER A 19 -4.85 9.87 4.58
C SER A 19 -4.56 9.47 6.03
N ALA A 20 -4.65 8.20 6.33
CA ALA A 20 -4.53 7.73 7.70
C ALA A 20 -3.91 6.35 7.73
N ILE A 21 -3.32 6.00 8.87
CA ILE A 21 -2.72 4.70 9.06
C ILE A 21 -3.76 3.82 9.73
N ILE A 22 -4.35 2.98 8.97
CA ILE A 22 -5.47 2.17 9.41
C ILE A 22 -5.04 0.78 9.79
N ASP A 23 -5.80 0.18 10.71
CA ASP A 23 -5.52 -1.14 11.28
C ASP A 23 -4.21 -1.09 12.04
N VAL A 24 -3.88 0.12 12.49
CA VAL A 24 -2.66 0.47 13.20
C VAL A 24 -2.56 -0.28 14.54
N ASP A 25 -3.70 -0.61 15.13
CA ASP A 25 -3.72 -1.34 16.40
C ASP A 25 -3.38 -2.80 16.17
N ILE A 26 -3.54 -3.22 14.93
CA ILE A 26 -3.33 -4.60 14.56
C ILE A 26 -1.94 -4.81 13.97
N VAL A 27 -1.64 -4.05 12.93
CA VAL A 27 -0.44 -4.22 12.18
C VAL A 27 0.83 -3.81 13.00
N PRO A 28 1.92 -4.57 12.85
CA PRO A 28 3.20 -4.24 13.45
C PRO A 28 3.87 -3.10 12.68
N GLU A 29 4.75 -2.37 13.35
CA GLU A 29 5.42 -1.19 12.77
C GLU A 29 6.37 -1.57 11.63
N THR A 30 6.64 -2.85 11.48
CA THR A 30 7.43 -3.35 10.37
C THR A 30 6.61 -3.37 9.07
N HIS A 31 5.37 -2.97 9.19
CA HIS A 31 4.48 -2.76 8.07
C HIS A 31 3.89 -1.36 8.18
N ARG A 32 3.55 -0.79 7.07
CA ARG A 32 2.97 0.52 7.03
C ARG A 32 1.67 0.39 6.27
N ARG A 33 0.61 0.92 6.81
CA ARG A 33 -0.66 0.86 6.12
C ARG A 33 -1.20 2.25 5.93
N VAL A 34 -1.35 2.66 4.70
CA VAL A 34 -1.90 3.95 4.38
C VAL A 34 -3.17 3.78 3.59
N ARG A 35 -4.17 4.53 3.94
CA ARG A 35 -5.43 4.42 3.28
C ARG A 35 -5.51 5.56 2.28
N LEU A 36 -5.64 5.20 1.04
CA LEU A 36 -5.65 6.12 -0.07
C LEU A 36 -7.10 6.37 -0.43
N CYS A 37 -7.41 7.60 -0.74
CA CYS A 37 -8.75 7.97 -1.08
C CYS A 37 -8.79 8.77 -2.38
N LYS A 38 -9.95 8.87 -2.98
CA LYS A 38 -10.12 9.67 -4.17
C LYS A 38 -11.09 10.77 -3.94
N HIS A 39 -10.73 11.90 -4.46
CA HIS A 39 -11.53 13.09 -4.38
C HIS A 39 -11.31 13.85 -5.66
N GLY A 40 -12.21 13.68 -6.57
CA GLY A 40 -12.03 14.18 -7.91
C GLY A 40 -11.80 13.00 -8.81
N SER A 41 -11.16 11.98 -8.23
CA SER A 41 -10.92 10.68 -8.87
C SER A 41 -10.02 10.73 -10.14
N ASP A 42 -9.73 9.52 -10.66
CA ASP A 42 -8.90 9.29 -11.89
C ASP A 42 -7.45 9.72 -11.80
N LYS A 43 -7.08 10.25 -10.68
CA LYS A 43 -5.71 10.60 -10.44
C LYS A 43 -4.92 9.34 -10.08
N PRO A 44 -3.80 9.09 -10.76
CA PRO A 44 -2.93 7.93 -10.49
C PRO A 44 -2.47 7.89 -9.03
N LEU A 45 -2.13 6.70 -8.53
CA LEU A 45 -1.73 6.58 -7.15
C LEU A 45 -0.36 7.23 -6.95
N GLY A 46 -0.11 7.68 -5.73
CA GLY A 46 1.11 8.42 -5.45
C GLY A 46 2.38 7.59 -5.33
N PHE A 47 2.43 6.46 -6.02
CA PHE A 47 3.59 5.60 -6.00
C PHE A 47 3.54 4.64 -7.19
N TYR A 48 4.69 4.29 -7.70
CA TYR A 48 4.80 3.30 -8.76
C TYR A 48 5.40 2.05 -8.15
N ILE A 49 5.27 0.91 -8.79
CA ILE A 49 5.86 -0.32 -8.27
C ILE A 49 6.87 -0.91 -9.25
N ARG A 50 7.73 -1.73 -8.74
CA ARG A 50 8.75 -2.41 -9.52
C ARG A 50 8.88 -3.83 -9.10
N ASP A 51 9.44 -4.60 -9.96
CA ASP A 51 9.61 -6.02 -9.74
C ASP A 51 10.99 -6.28 -9.17
N GLY A 52 11.15 -7.44 -8.63
CA GLY A 52 12.39 -7.85 -8.07
C GLY A 52 12.17 -9.05 -7.23
N THR A 53 13.09 -9.36 -6.37
CA THR A 53 12.91 -10.47 -5.49
C THR A 53 13.04 -10.07 -4.04
N SER A 54 12.20 -10.63 -3.25
CA SER A 54 12.15 -10.37 -1.85
C SER A 54 12.81 -11.54 -1.14
N VAL A 55 13.47 -11.29 -0.05
CA VAL A 55 14.10 -12.35 0.69
C VAL A 55 13.32 -12.63 1.96
N ARG A 56 12.92 -13.85 2.13
CA ARG A 56 12.18 -14.25 3.28
C ARG A 56 13.00 -15.18 4.12
N VAL A 57 13.11 -14.89 5.39
CA VAL A 57 13.82 -15.74 6.29
C VAL A 57 12.84 -16.69 6.97
N THR A 58 12.97 -17.94 6.66
CA THR A 58 12.13 -18.96 7.22
C THR A 58 12.99 -19.94 8.00
N ALA A 59 12.37 -20.98 8.52
CA ALA A 59 13.10 -22.04 9.20
C ALA A 59 13.86 -22.89 8.18
N SER A 60 13.47 -22.74 6.92
CA SER A 60 14.10 -23.43 5.82
C SER A 60 15.38 -22.67 5.40
N GLY A 61 15.48 -21.44 5.87
CA GLY A 61 16.62 -20.61 5.58
C GLY A 61 16.16 -19.37 4.89
N LEU A 62 16.96 -18.82 4.02
CA LEU A 62 16.54 -17.67 3.28
C LEU A 62 16.01 -18.07 1.92
N GLU A 63 14.82 -17.69 1.63
CA GLU A 63 14.19 -18.03 0.40
C GLU A 63 13.74 -16.80 -0.33
N LYS A 64 13.79 -16.87 -1.63
CA LYS A 64 13.47 -15.73 -2.44
C LYS A 64 12.05 -15.81 -2.95
N GLN A 65 11.39 -14.69 -2.90
CA GLN A 65 10.00 -14.58 -3.33
C GLN A 65 9.94 -13.55 -4.43
N PRO A 66 8.96 -13.62 -5.33
CA PRO A 66 8.75 -12.57 -6.33
C PRO A 66 8.28 -11.31 -5.59
N GLY A 67 9.10 -10.30 -5.59
CA GLY A 67 8.84 -9.17 -4.75
C GLY A 67 8.39 -7.97 -5.51
N ILE A 68 7.40 -7.32 -4.98
CA ILE A 68 6.89 -6.13 -5.59
C ILE A 68 7.32 -4.96 -4.71
N PHE A 69 8.09 -4.08 -5.25
CA PHE A 69 8.62 -2.96 -4.48
C PHE A 69 8.06 -1.69 -5.01
N ILE A 70 8.22 -0.64 -4.28
CA ILE A 70 7.90 0.68 -4.76
C ILE A 70 9.00 1.08 -5.75
N SER A 71 8.63 1.57 -6.89
CA SER A 71 9.61 1.93 -7.87
C SER A 71 10.01 3.38 -7.74
N ARG A 72 9.04 4.23 -7.60
CA ARG A 72 9.25 5.64 -7.63
C ARG A 72 8.01 6.30 -7.05
N LEU A 73 8.13 7.48 -6.51
CA LEU A 73 6.97 8.16 -5.97
C LEU A 73 6.55 9.31 -6.83
N VAL A 74 5.26 9.51 -6.92
CA VAL A 74 4.69 10.59 -7.69
C VAL A 74 4.65 11.84 -6.82
N PRO A 75 5.27 12.94 -7.25
CA PRO A 75 5.24 14.20 -6.51
C PRO A 75 3.79 14.63 -6.26
N GLY A 76 3.47 14.86 -5.00
CA GLY A 76 2.12 15.22 -4.64
C GLY A 76 1.22 14.00 -4.49
N GLY A 77 1.84 12.83 -4.47
CA GLY A 77 1.11 11.61 -4.32
C GLY A 77 1.03 11.20 -2.87
N LEU A 78 0.10 10.30 -2.54
CA LEU A 78 -0.14 9.86 -1.15
C LEU A 78 1.12 9.51 -0.39
N ALA A 79 1.95 8.65 -0.97
CA ALA A 79 3.13 8.18 -0.28
C ALA A 79 4.21 9.24 -0.21
N GLU A 80 4.22 10.09 -1.20
CA GLU A 80 5.22 11.13 -1.32
C GLU A 80 4.88 12.25 -0.32
N SER A 81 3.63 12.67 -0.30
CA SER A 81 3.16 13.72 0.57
C SER A 81 3.21 13.31 2.06
N THR A 82 2.99 12.04 2.34
CA THR A 82 3.04 11.57 3.71
C THR A 82 4.47 11.24 4.15
N GLY A 83 5.26 10.76 3.20
CA GLY A 83 6.63 10.38 3.49
C GLY A 83 6.70 9.15 4.36
N LEU A 84 5.63 8.37 4.33
CA LEU A 84 5.53 7.20 5.16
C LEU A 84 5.90 5.95 4.40
N LEU A 85 6.17 6.12 3.13
CA LEU A 85 6.58 5.04 2.29
C LEU A 85 7.78 5.55 1.52
N ALA A 86 8.81 4.76 1.46
CA ALA A 86 10.00 5.14 0.76
C ALA A 86 10.11 4.38 -0.55
N VAL A 87 10.95 4.88 -1.44
CA VAL A 87 11.16 4.29 -2.77
C VAL A 87 11.68 2.83 -2.68
N ASN A 88 12.42 2.54 -1.67
CA ASN A 88 12.95 1.18 -1.51
C ASN A 88 11.94 0.22 -0.92
N ASP A 89 10.93 0.75 -0.23
CA ASP A 89 10.00 -0.09 0.52
C ASP A 89 9.24 -1.04 -0.36
N GLU A 90 9.00 -2.19 0.18
CA GLU A 90 8.39 -3.27 -0.53
C GLU A 90 6.92 -3.33 -0.18
N VAL A 91 6.08 -3.59 -1.15
CA VAL A 91 4.66 -3.65 -0.90
C VAL A 91 4.26 -5.07 -0.49
N ILE A 92 3.39 -5.18 0.48
CA ILE A 92 2.96 -6.47 0.96
C ILE A 92 1.54 -6.80 0.48
N GLU A 93 0.64 -5.87 0.72
CA GLU A 93 -0.77 -6.05 0.39
C GLU A 93 -1.38 -4.82 -0.17
N VAL A 94 -2.28 -5.04 -1.08
CA VAL A 94 -3.06 -3.98 -1.64
C VAL A 94 -4.53 -4.23 -1.28
N ASN A 95 -5.01 -3.40 -0.38
CA ASN A 95 -6.33 -3.46 0.26
C ASN A 95 -6.39 -4.62 1.24
N GLY A 96 -6.39 -5.79 0.69
CA GLY A 96 -6.44 -7.01 1.44
C GLY A 96 -6.14 -8.13 0.51
N ILE A 97 -5.41 -7.78 -0.53
CA ILE A 97 -5.04 -8.69 -1.56
C ILE A 97 -3.54 -8.83 -1.51
N GLU A 98 -3.05 -10.04 -1.36
CA GLU A 98 -1.62 -10.27 -1.35
C GLU A 98 -1.06 -10.01 -2.74
N VAL A 99 0.02 -9.31 -2.80
CA VAL A 99 0.62 -8.97 -4.08
C VAL A 99 1.51 -10.09 -4.58
N ALA A 100 1.82 -11.01 -3.68
CA ALA A 100 2.71 -12.10 -3.99
C ALA A 100 2.11 -13.00 -5.03
N GLY A 101 2.82 -13.17 -6.11
CA GLY A 101 2.39 -14.03 -7.16
C GLY A 101 1.71 -13.29 -8.29
N LYS A 102 1.30 -12.06 -8.06
CA LYS A 102 0.63 -11.28 -9.07
C LYS A 102 1.62 -10.39 -9.81
N THR A 103 1.29 -9.97 -11.01
CA THR A 103 2.20 -9.13 -11.78
C THR A 103 2.07 -7.70 -11.35
N LEU A 104 3.01 -6.87 -11.76
CA LEU A 104 2.94 -5.44 -11.50
C LEU A 104 1.74 -4.85 -12.15
N ASP A 105 1.43 -5.34 -13.32
CA ASP A 105 0.26 -4.91 -14.05
C ASP A 105 -0.98 -5.23 -13.26
N GLN A 106 -1.02 -6.41 -12.68
CA GLN A 106 -2.15 -6.81 -11.86
C GLN A 106 -2.19 -6.13 -10.52
N VAL A 107 -1.04 -5.86 -9.94
CA VAL A 107 -1.03 -5.16 -8.68
C VAL A 107 -1.48 -3.72 -8.87
N THR A 108 -0.93 -3.07 -9.91
CA THR A 108 -1.40 -1.71 -10.23
C THR A 108 -2.88 -1.70 -10.60
N ASP A 109 -3.29 -2.67 -11.42
CA ASP A 109 -4.69 -2.84 -11.83
C ASP A 109 -5.60 -2.94 -10.60
N MET A 110 -5.18 -3.73 -9.62
CA MET A 110 -5.96 -3.92 -8.40
C MET A 110 -6.06 -2.60 -7.65
N MET A 111 -4.93 -1.93 -7.53
CA MET A 111 -4.85 -0.69 -6.80
C MET A 111 -5.67 0.41 -7.43
N VAL A 112 -5.64 0.50 -8.73
CA VAL A 112 -6.44 1.48 -9.43
C VAL A 112 -7.94 1.12 -9.31
N ALA A 113 -8.23 -0.18 -9.24
CA ALA A 113 -9.59 -0.68 -9.12
C ALA A 113 -10.22 -0.22 -7.81
N ASN A 114 -9.46 -0.26 -6.76
CA ASN A 114 -9.94 0.14 -5.42
C ASN A 114 -9.43 1.52 -5.08
N SER A 115 -9.06 2.28 -6.10
CA SER A 115 -8.37 3.56 -5.88
C SER A 115 -9.10 4.57 -4.99
N SER A 116 -10.42 4.55 -4.98
CA SER A 116 -11.18 5.49 -4.16
C SER A 116 -11.08 5.17 -2.67
N ASN A 117 -10.93 3.90 -2.35
CA ASN A 117 -10.71 3.45 -0.98
C ASN A 117 -9.76 2.28 -1.02
N LEU A 118 -8.51 2.57 -0.82
CA LEU A 118 -7.50 1.56 -0.93
C LEU A 118 -6.58 1.57 0.27
N ILE A 119 -6.31 0.43 0.78
CA ILE A 119 -5.42 0.27 1.90
C ILE A 119 -4.10 -0.27 1.38
N ILE A 120 -3.05 0.47 1.52
CA ILE A 120 -1.79 0.00 1.01
C ILE A 120 -0.92 -0.41 2.18
N THR A 121 -0.54 -1.67 2.18
CA THR A 121 0.30 -2.20 3.20
C THR A 121 1.66 -2.51 2.62
N VAL A 122 2.65 -1.83 3.11
CA VAL A 122 4.01 -2.05 2.67
C VAL A 122 4.86 -2.38 3.85
N LYS A 123 6.07 -2.76 3.62
CA LYS A 123 6.99 -2.95 4.70
C LYS A 123 8.25 -2.15 4.44
N PRO A 124 8.69 -1.33 5.41
CA PRO A 124 9.89 -0.52 5.28
C PRO A 124 11.10 -1.37 5.05
N ALA A 125 11.88 -0.96 4.12
CA ALA A 125 13.08 -1.65 3.80
C ALA A 125 14.24 -1.13 4.63
N ASN A 126 14.01 0.01 5.33
CA ASN A 126 15.07 0.68 6.13
C ASN A 126 16.27 0.90 5.25
N GLN A 127 15.98 1.39 4.05
CA GLN A 127 16.91 1.54 2.94
C GLN A 127 18.29 2.10 3.25
N ARG A 128 19.26 1.18 3.33
CA ARG A 128 20.69 1.46 3.39
C ARG A 128 21.41 0.17 3.71
N GLY A 1 -11.93 -6.98 15.29
CA GLY A 1 -12.99 -6.07 15.75
C GLY A 1 -14.00 -5.80 14.67
N SER A 2 -15.23 -6.16 14.93
CA SER A 2 -16.29 -6.01 13.97
C SER A 2 -16.78 -4.56 13.90
N LYS A 3 -17.03 -4.10 12.70
CA LYS A 3 -17.59 -2.78 12.47
C LYS A 3 -19.05 -2.93 12.07
N THR A 4 -19.32 -3.97 11.28
CA THR A 4 -20.67 -4.32 10.81
C THR A 4 -21.21 -3.33 9.74
N LYS A 5 -20.83 -2.06 9.86
CA LYS A 5 -21.20 -1.05 8.87
C LYS A 5 -20.56 -1.37 7.53
N ALA A 6 -21.26 -1.06 6.47
CA ALA A 6 -20.74 -1.27 5.15
C ALA A 6 -20.25 0.08 4.61
N PRO A 7 -18.92 0.26 4.49
CA PRO A 7 -18.30 1.50 4.05
C PRO A 7 -18.75 1.96 2.67
N SER A 8 -19.61 2.93 2.65
CA SER A 8 -20.12 3.55 1.47
C SER A 8 -20.51 4.97 1.82
N ILE A 9 -19.60 5.88 1.63
CA ILE A 9 -19.80 7.25 1.99
C ILE A 9 -19.71 8.15 0.77
N SER A 10 -20.81 8.80 0.45
CA SER A 10 -20.85 9.74 -0.63
C SER A 10 -20.13 11.03 -0.20
N ILE A 11 -18.95 11.23 -0.72
CA ILE A 11 -18.12 12.35 -0.33
C ILE A 11 -18.11 13.48 -1.35
N PRO A 12 -18.06 14.75 -0.86
CA PRO A 12 -17.85 15.91 -1.73
C PRO A 12 -16.62 15.66 -2.62
N HIS A 13 -16.71 16.04 -3.87
CA HIS A 13 -15.65 15.73 -4.81
C HIS A 13 -14.44 16.66 -4.78
N ASP A 14 -13.77 16.70 -3.63
CA ASP A 14 -12.49 17.38 -3.46
C ASP A 14 -11.96 17.24 -2.05
N PHE A 15 -11.20 16.19 -1.85
CA PHE A 15 -10.46 15.99 -0.63
C PHE A 15 -9.03 15.65 -0.96
N ARG A 16 -8.15 16.59 -0.80
CA ARG A 16 -6.74 16.31 -0.91
C ARG A 16 -6.31 15.91 0.47
N CYS A 17 -6.15 14.65 0.64
CA CYS A 17 -5.98 14.08 1.94
C CYS A 17 -4.61 13.46 2.18
N VAL A 18 -4.32 13.27 3.43
CA VAL A 18 -3.13 12.61 3.90
C VAL A 18 -3.51 11.18 4.28
N SER A 19 -2.65 10.25 4.00
CA SER A 19 -2.92 8.88 4.27
C SER A 19 -2.89 8.64 5.77
N ALA A 20 -3.79 7.86 6.23
CA ALA A 20 -3.86 7.51 7.62
C ALA A 20 -3.31 6.12 7.80
N ILE A 21 -2.79 5.84 8.96
CA ILE A 21 -2.24 4.55 9.26
C ILE A 21 -3.32 3.73 9.92
N ILE A 22 -3.78 2.73 9.26
CA ILE A 22 -4.87 1.91 9.78
C ILE A 22 -4.34 0.57 10.25
N ASP A 23 -5.21 -0.20 10.93
CA ASP A 23 -4.86 -1.52 11.48
C ASP A 23 -3.75 -1.42 12.51
N VAL A 24 -3.61 -0.24 13.12
CA VAL A 24 -2.54 0.04 14.09
C VAL A 24 -2.50 -0.95 15.26
N ASP A 25 -3.65 -1.49 15.62
CA ASP A 25 -3.74 -2.44 16.72
C ASP A 25 -3.20 -3.81 16.30
N ILE A 26 -3.24 -4.07 15.02
CA ILE A 26 -2.84 -5.36 14.46
C ILE A 26 -1.41 -5.31 13.91
N VAL A 27 -1.15 -4.28 13.13
CA VAL A 27 0.11 -4.09 12.42
C VAL A 27 1.34 -4.03 13.33
N PRO A 28 2.29 -4.93 13.07
CA PRO A 28 3.58 -4.93 13.72
C PRO A 28 4.48 -3.88 13.10
N GLU A 29 5.46 -3.43 13.84
CA GLU A 29 6.39 -2.35 13.44
C GLU A 29 7.04 -2.60 12.07
N THR A 30 7.15 -3.84 11.71
CA THR A 30 7.75 -4.25 10.46
C THR A 30 6.81 -3.98 9.24
N HIS A 31 5.53 -3.75 9.48
CA HIS A 31 4.61 -3.41 8.39
C HIS A 31 4.11 -1.99 8.53
N ARG A 32 3.60 -1.46 7.45
CA ARG A 32 3.04 -0.13 7.41
C ARG A 32 1.85 -0.09 6.47
N ARG A 33 0.70 0.24 7.01
CA ARG A 33 -0.52 0.34 6.25
C ARG A 33 -1.02 1.75 6.16
N VAL A 34 -1.21 2.21 4.95
CA VAL A 34 -1.76 3.51 4.69
C VAL A 34 -3.07 3.37 3.94
N ARG A 35 -4.02 4.20 4.26
CA ARG A 35 -5.32 4.09 3.65
C ARG A 35 -5.46 5.17 2.57
N LEU A 36 -5.95 4.78 1.43
CA LEU A 36 -6.16 5.65 0.29
C LEU A 36 -7.54 6.24 0.34
N CYS A 37 -7.60 7.51 0.10
CA CYS A 37 -8.82 8.26 0.12
C CYS A 37 -9.11 8.82 -1.27
N LYS A 38 -10.37 9.03 -1.56
CA LYS A 38 -10.80 9.40 -2.90
C LYS A 38 -10.74 10.89 -3.14
N HIS A 39 -9.98 11.28 -4.13
CA HIS A 39 -10.00 12.63 -4.62
C HIS A 39 -10.62 12.52 -5.99
N GLY A 40 -11.36 13.52 -6.40
CA GLY A 40 -11.99 13.47 -7.69
C GLY A 40 -11.01 13.72 -8.83
N SER A 41 -10.07 12.81 -8.98
CA SER A 41 -9.09 12.83 -10.03
C SER A 41 -8.72 11.40 -10.38
N ASP A 42 -9.08 10.96 -11.57
CA ASP A 42 -8.77 9.61 -11.98
C ASP A 42 -7.35 9.56 -12.50
N LYS A 43 -6.45 9.47 -11.58
CA LYS A 43 -5.03 9.43 -11.81
C LYS A 43 -4.46 8.34 -10.91
N PRO A 44 -3.18 7.92 -11.13
CA PRO A 44 -2.51 6.95 -10.26
C PRO A 44 -2.59 7.36 -8.79
N LEU A 45 -2.50 6.38 -7.91
CA LEU A 45 -2.67 6.58 -6.48
C LEU A 45 -1.65 7.56 -5.91
N GLY A 46 -0.40 7.32 -6.20
CA GLY A 46 0.61 8.24 -5.74
C GLY A 46 1.98 7.62 -5.62
N PHE A 47 2.13 6.39 -6.03
CA PHE A 47 3.42 5.74 -6.01
C PHE A 47 3.57 4.80 -7.18
N TYR A 48 4.78 4.66 -7.64
CA TYR A 48 5.12 3.75 -8.71
C TYR A 48 5.68 2.50 -8.07
N ILE A 49 5.50 1.37 -8.69
CA ILE A 49 6.05 0.14 -8.17
C ILE A 49 6.96 -0.51 -9.18
N ARG A 50 7.89 -1.26 -8.69
CA ARG A 50 8.83 -2.00 -9.49
C ARG A 50 8.86 -3.42 -9.01
N ASP A 51 9.64 -4.21 -9.68
CA ASP A 51 9.77 -5.57 -9.33
C ASP A 51 11.18 -5.82 -8.85
N GLY A 52 11.36 -6.91 -8.15
CA GLY A 52 12.64 -7.30 -7.65
C GLY A 52 12.49 -8.56 -6.86
N THR A 53 13.33 -8.78 -5.90
CA THR A 53 13.24 -9.95 -5.08
C THR A 53 13.14 -9.61 -3.61
N SER A 54 12.16 -10.17 -2.98
CA SER A 54 11.91 -9.97 -1.59
C SER A 54 12.37 -11.20 -0.85
N VAL A 55 12.89 -11.03 0.34
CA VAL A 55 13.36 -12.14 1.11
C VAL A 55 12.35 -12.45 2.22
N ARG A 56 11.99 -13.68 2.31
CA ARG A 56 11.06 -14.16 3.27
C ARG A 56 11.72 -15.18 4.19
N VAL A 57 11.55 -15.01 5.49
CA VAL A 57 12.09 -15.92 6.46
C VAL A 57 11.01 -16.94 6.82
N THR A 58 11.22 -18.18 6.46
CA THR A 58 10.28 -19.21 6.72
C THR A 58 10.87 -20.28 7.62
N ALA A 59 10.11 -21.34 7.85
CA ALA A 59 10.57 -22.44 8.69
C ALA A 59 11.63 -23.25 7.97
N SER A 60 11.67 -23.14 6.67
CA SER A 60 12.64 -23.84 5.87
C SER A 60 13.92 -23.00 5.69
N GLY A 61 13.87 -21.75 6.12
CA GLY A 61 15.01 -20.88 6.06
C GLY A 61 14.71 -19.64 5.28
N LEU A 62 15.61 -19.25 4.39
CA LEU A 62 15.41 -18.06 3.61
C LEU A 62 14.93 -18.36 2.23
N GLU A 63 13.95 -17.64 1.83
CA GLU A 63 13.39 -17.77 0.54
C GLU A 63 13.32 -16.42 -0.12
N LYS A 64 13.63 -16.35 -1.37
CA LYS A 64 13.48 -15.14 -2.10
C LYS A 64 12.41 -15.32 -3.14
N GLN A 65 11.56 -14.36 -3.24
CA GLN A 65 10.42 -14.42 -4.11
C GLN A 65 10.31 -13.10 -4.87
N PRO A 66 9.54 -13.06 -5.98
CA PRO A 66 9.31 -11.83 -6.72
C PRO A 66 8.62 -10.80 -5.84
N GLY A 67 9.35 -9.78 -5.47
CA GLY A 67 8.84 -8.79 -4.59
C GLY A 67 8.49 -7.56 -5.33
N ILE A 68 7.47 -6.89 -4.88
CA ILE A 68 7.03 -5.69 -5.53
C ILE A 68 7.45 -4.53 -4.63
N PHE A 69 8.29 -3.68 -5.13
CA PHE A 69 8.82 -2.58 -4.34
C PHE A 69 8.31 -1.28 -4.86
N ILE A 70 8.34 -0.27 -4.04
CA ILE A 70 8.02 1.05 -4.48
C ILE A 70 9.20 1.55 -5.33
N SER A 71 8.90 2.10 -6.46
CA SER A 71 9.95 2.57 -7.33
C SER A 71 10.19 4.06 -7.13
N ARG A 72 9.12 4.83 -7.07
CA ARG A 72 9.21 6.27 -6.97
C ARG A 72 7.85 6.83 -6.57
N LEU A 73 7.82 7.99 -5.99
CA LEU A 73 6.56 8.62 -5.61
C LEU A 73 6.05 9.51 -6.74
N VAL A 74 4.75 9.53 -6.92
CA VAL A 74 4.12 10.35 -7.94
C VAL A 74 3.82 11.72 -7.34
N PRO A 75 4.40 12.79 -7.89
CA PRO A 75 4.20 14.16 -7.36
C PRO A 75 2.72 14.51 -7.19
N GLY A 76 2.34 14.90 -5.98
CA GLY A 76 0.96 15.26 -5.70
C GLY A 76 0.10 14.04 -5.40
N GLY A 77 0.69 12.86 -5.50
CA GLY A 77 -0.02 11.64 -5.24
C GLY A 77 -0.14 11.36 -3.77
N LEU A 78 -0.96 10.38 -3.42
CA LEU A 78 -1.30 10.06 -2.03
C LEU A 78 -0.08 9.92 -1.13
N ALA A 79 0.85 9.07 -1.55
CA ALA A 79 2.00 8.74 -0.74
C ALA A 79 3.03 9.85 -0.73
N GLU A 80 3.11 10.55 -1.83
CA GLU A 80 4.05 11.65 -2.02
C GLU A 80 3.58 12.85 -1.18
N SER A 81 2.29 13.07 -1.19
CA SER A 81 1.68 14.17 -0.49
C SER A 81 1.69 13.94 1.03
N THR A 82 1.52 12.71 1.47
CA THR A 82 1.44 12.45 2.90
C THR A 82 2.84 12.14 3.50
N GLY A 83 3.75 11.62 2.66
CA GLY A 83 5.08 11.30 3.10
C GLY A 83 5.13 10.27 4.21
N LEU A 84 4.38 9.19 4.04
CA LEU A 84 4.34 8.16 5.07
C LEU A 84 4.91 6.86 4.58
N LEU A 85 5.39 6.84 3.37
CA LEU A 85 5.95 5.62 2.81
C LEU A 85 7.30 5.96 2.25
N ALA A 86 8.22 5.05 2.34
CA ALA A 86 9.53 5.27 1.82
C ALA A 86 9.61 4.70 0.42
N VAL A 87 10.54 5.22 -0.36
CA VAL A 87 10.74 4.79 -1.74
C VAL A 87 11.17 3.33 -1.78
N ASN A 88 11.87 2.95 -0.77
CA ASN A 88 12.42 1.62 -0.67
C ASN A 88 11.44 0.56 -0.26
N ASP A 89 10.35 0.96 0.38
CA ASP A 89 9.40 0.01 0.98
C ASP A 89 8.78 -0.89 -0.06
N GLU A 90 8.53 -2.11 0.34
CA GLU A 90 7.99 -3.11 -0.51
C GLU A 90 6.54 -3.41 -0.14
N VAL A 91 5.68 -3.48 -1.13
CA VAL A 91 4.26 -3.70 -0.90
C VAL A 91 3.98 -5.17 -0.57
N ILE A 92 3.23 -5.38 0.47
CA ILE A 92 2.89 -6.72 0.90
C ILE A 92 1.48 -7.07 0.44
N GLU A 93 0.55 -6.15 0.70
CA GLU A 93 -0.85 -6.35 0.37
C GLU A 93 -1.46 -5.10 -0.15
N VAL A 94 -2.35 -5.27 -1.06
CA VAL A 94 -3.12 -4.19 -1.58
C VAL A 94 -4.61 -4.45 -1.29
N ASN A 95 -5.15 -3.66 -0.39
CA ASN A 95 -6.53 -3.73 0.18
C ASN A 95 -6.61 -4.87 1.19
N GLY A 96 -6.21 -6.00 0.75
CA GLY A 96 -6.18 -7.20 1.53
C GLY A 96 -5.88 -8.34 0.61
N ILE A 97 -5.27 -7.97 -0.50
CA ILE A 97 -4.96 -8.87 -1.56
C ILE A 97 -3.46 -8.97 -1.60
N GLU A 98 -2.96 -10.18 -1.53
CA GLU A 98 -1.53 -10.38 -1.60
C GLU A 98 -1.03 -10.04 -2.97
N VAL A 99 0.16 -9.53 -3.03
CA VAL A 99 0.79 -9.19 -4.27
C VAL A 99 1.58 -10.37 -4.82
N ALA A 100 1.70 -11.41 -4.00
CA ALA A 100 2.44 -12.60 -4.39
C ALA A 100 1.72 -13.35 -5.48
N GLY A 101 2.39 -13.55 -6.58
CA GLY A 101 1.80 -14.25 -7.69
C GLY A 101 1.27 -13.30 -8.73
N LYS A 102 1.23 -12.02 -8.39
CA LYS A 102 0.75 -11.04 -9.29
C LYS A 102 1.88 -10.28 -9.94
N THR A 103 1.62 -9.83 -11.13
CA THR A 103 2.53 -9.00 -11.85
C THR A 103 2.27 -7.58 -11.49
N LEU A 104 3.14 -6.70 -11.89
CA LEU A 104 2.95 -5.29 -11.68
C LEU A 104 1.73 -4.81 -12.40
N ASP A 105 1.43 -5.43 -13.53
CA ASP A 105 0.23 -5.12 -14.28
C ASP A 105 -0.99 -5.42 -13.44
N GLN A 106 -1.00 -6.61 -12.85
CA GLN A 106 -2.10 -7.04 -12.02
C GLN A 106 -2.20 -6.23 -10.74
N VAL A 107 -1.07 -5.95 -10.12
CA VAL A 107 -1.07 -5.19 -8.87
C VAL A 107 -1.51 -3.74 -9.10
N THR A 108 -0.95 -3.10 -10.13
CA THR A 108 -1.37 -1.73 -10.45
C THR A 108 -2.86 -1.67 -10.75
N ASP A 109 -3.33 -2.62 -11.57
CA ASP A 109 -4.74 -2.73 -11.93
C ASP A 109 -5.63 -2.86 -10.70
N MET A 110 -5.19 -3.66 -9.74
CA MET A 110 -5.95 -3.90 -8.53
C MET A 110 -6.05 -2.58 -7.75
N MET A 111 -4.95 -1.89 -7.64
CA MET A 111 -4.90 -0.66 -6.89
C MET A 111 -5.71 0.45 -7.53
N VAL A 112 -5.73 0.50 -8.84
CA VAL A 112 -6.52 1.49 -9.54
C VAL A 112 -8.03 1.11 -9.45
N ALA A 113 -8.30 -0.18 -9.27
CA ALA A 113 -9.66 -0.68 -9.11
C ALA A 113 -10.26 -0.14 -7.82
N ASN A 114 -9.45 -0.15 -6.79
CA ASN A 114 -9.84 0.33 -5.46
C ASN A 114 -9.25 1.70 -5.19
N SER A 115 -9.17 2.52 -6.22
CA SER A 115 -8.60 3.86 -6.13
C SER A 115 -9.41 4.81 -5.20
N SER A 116 -10.63 4.43 -4.89
CA SER A 116 -11.42 5.22 -3.97
C SER A 116 -10.98 4.95 -2.53
N ASN A 117 -10.97 3.69 -2.15
CA ASN A 117 -10.60 3.29 -0.80
C ASN A 117 -9.72 2.07 -0.88
N LEU A 118 -8.46 2.26 -0.64
CA LEU A 118 -7.51 1.17 -0.71
C LEU A 118 -6.67 1.13 0.54
N ILE A 119 -6.49 -0.04 1.06
CA ILE A 119 -5.62 -0.25 2.20
C ILE A 119 -4.26 -0.71 1.64
N ILE A 120 -3.22 0.06 1.80
CA ILE A 120 -1.94 -0.35 1.23
C ILE A 120 -1.01 -0.81 2.32
N THR A 121 -0.57 -2.03 2.22
CA THR A 121 0.33 -2.60 3.19
C THR A 121 1.71 -2.70 2.60
N VAL A 122 2.64 -2.02 3.17
CA VAL A 122 4.00 -2.11 2.76
C VAL A 122 4.81 -2.54 3.93
N LYS A 123 5.99 -2.97 3.70
CA LYS A 123 6.90 -3.17 4.78
C LYS A 123 8.23 -2.60 4.40
N PRO A 124 8.86 -1.83 5.30
CA PRO A 124 10.14 -1.22 5.02
C PRO A 124 11.16 -2.25 4.63
N ALA A 125 11.88 -1.95 3.61
CA ALA A 125 12.89 -2.84 3.09
C ALA A 125 14.22 -2.57 3.72
N ASN A 126 14.24 -1.57 4.64
CA ASN A 126 15.47 -1.15 5.34
C ASN A 126 16.46 -0.54 4.31
N GLN A 127 15.89 -0.20 3.15
CA GLN A 127 16.62 0.33 2.01
C GLN A 127 17.70 -0.65 1.53
N ARG A 128 17.30 -1.53 0.64
CA ARG A 128 18.18 -2.54 0.10
C ARG A 128 17.79 -2.80 -1.35
N GLY A 1 -38.94 -7.08 10.93
CA GLY A 1 -38.04 -6.70 9.85
C GLY A 1 -38.59 -7.14 8.55
N SER A 2 -38.26 -6.44 7.50
CA SER A 2 -38.74 -6.76 6.17
C SER A 2 -37.72 -7.61 5.44
N LYS A 3 -38.15 -8.36 4.46
CA LYS A 3 -37.23 -9.16 3.68
C LYS A 3 -36.65 -8.35 2.54
N THR A 4 -35.64 -7.59 2.87
CA THR A 4 -34.93 -6.76 1.93
C THR A 4 -33.44 -6.90 2.19
N LYS A 5 -32.63 -6.35 1.33
CA LYS A 5 -31.20 -6.40 1.49
C LYS A 5 -30.59 -5.04 1.25
N ALA A 6 -29.79 -4.59 2.17
CA ALA A 6 -29.07 -3.37 2.03
C ALA A 6 -27.59 -3.72 1.88
N PRO A 7 -27.04 -3.54 0.66
CA PRO A 7 -25.63 -3.88 0.36
C PRO A 7 -24.63 -2.99 1.11
N SER A 8 -25.07 -1.77 1.48
CA SER A 8 -24.27 -0.81 2.25
C SER A 8 -23.02 -0.38 1.43
N ILE A 9 -23.12 -0.47 0.11
CA ILE A 9 -22.01 -0.18 -0.80
C ILE A 9 -21.82 1.32 -1.10
N SER A 10 -22.28 2.15 -0.20
CA SER A 10 -22.07 3.56 -0.30
C SER A 10 -21.54 4.03 1.05
N ILE A 11 -20.31 4.50 1.07
CA ILE A 11 -19.72 4.91 2.32
C ILE A 11 -19.42 6.42 2.36
N PRO A 12 -19.62 7.06 3.54
CA PRO A 12 -19.32 8.48 3.71
C PRO A 12 -17.83 8.76 3.50
N HIS A 13 -17.53 9.49 2.46
CA HIS A 13 -16.15 9.78 2.12
C HIS A 13 -15.95 11.27 1.87
N ASP A 14 -17.04 11.96 1.53
CA ASP A 14 -17.04 13.42 1.28
C ASP A 14 -16.06 13.74 0.11
N PHE A 15 -15.63 14.97 0.00
CA PHE A 15 -14.73 15.35 -1.06
C PHE A 15 -13.32 15.36 -0.51
N ARG A 16 -13.17 15.93 0.66
CA ARG A 16 -11.87 16.06 1.29
C ARG A 16 -11.63 14.91 2.25
N CYS A 17 -10.42 14.46 2.29
CA CYS A 17 -10.03 13.31 3.09
C CYS A 17 -8.61 13.45 3.61
N VAL A 18 -8.26 12.68 4.61
CA VAL A 18 -6.92 12.67 5.13
C VAL A 18 -6.31 11.27 4.98
N SER A 19 -5.06 11.21 4.61
CA SER A 19 -4.37 9.95 4.52
C SER A 19 -3.98 9.48 5.93
N ALA A 20 -4.19 8.21 6.22
CA ALA A 20 -4.03 7.72 7.57
C ALA A 20 -3.51 6.31 7.58
N ILE A 21 -2.89 5.94 8.69
CA ILE A 21 -2.40 4.60 8.90
C ILE A 21 -3.49 3.86 9.64
N ILE A 22 -4.20 3.04 8.91
CA ILE A 22 -5.33 2.31 9.46
C ILE A 22 -4.96 0.89 9.79
N ASP A 23 -5.69 0.31 10.73
CA ASP A 23 -5.46 -1.07 11.23
C ASP A 23 -4.18 -1.13 12.02
N VAL A 24 -3.66 0.04 12.39
CA VAL A 24 -2.37 0.18 13.06
C VAL A 24 -2.29 -0.56 14.41
N ASP A 25 -3.40 -0.67 15.08
CA ASP A 25 -3.44 -1.36 16.37
C ASP A 25 -3.51 -2.88 16.15
N ILE A 26 -4.12 -3.26 15.05
CA ILE A 26 -4.29 -4.66 14.70
C ILE A 26 -3.00 -5.22 14.07
N VAL A 27 -2.58 -4.59 12.97
CA VAL A 27 -1.46 -5.02 12.21
C VAL A 27 -0.14 -4.82 13.02
N PRO A 28 0.83 -5.72 12.87
CA PRO A 28 2.13 -5.60 13.53
C PRO A 28 2.90 -4.42 12.97
N GLU A 29 3.82 -3.89 13.76
CA GLU A 29 4.62 -2.73 13.36
C GLU A 29 5.51 -3.01 12.15
N THR A 30 5.63 -4.28 11.81
CA THR A 30 6.40 -4.71 10.68
C THR A 30 5.70 -4.33 9.36
N HIS A 31 4.39 -4.10 9.43
CA HIS A 31 3.62 -3.70 8.27
C HIS A 31 2.99 -2.35 8.51
N ARG A 32 2.95 -1.54 7.49
CA ARG A 32 2.38 -0.23 7.57
C ARG A 32 1.33 -0.07 6.49
N ARG A 33 0.22 0.48 6.85
CA ARG A 33 -0.92 0.59 5.96
C ARG A 33 -1.33 2.04 5.78
N VAL A 34 -1.37 2.50 4.54
CA VAL A 34 -1.80 3.85 4.22
C VAL A 34 -3.05 3.81 3.39
N ARG A 35 -3.98 4.65 3.69
CA ARG A 35 -5.21 4.68 2.96
C ARG A 35 -5.24 5.79 1.95
N LEU A 36 -5.49 5.41 0.74
CA LEU A 36 -5.63 6.31 -0.37
C LEU A 36 -7.07 6.68 -0.49
N CYS A 37 -7.29 7.91 -0.70
CA CYS A 37 -8.58 8.41 -0.95
C CYS A 37 -8.49 9.23 -2.21
N LYS A 38 -9.51 9.18 -3.01
CA LYS A 38 -9.52 9.82 -4.29
C LYS A 38 -9.78 11.31 -4.16
N HIS A 39 -8.85 12.09 -4.63
CA HIS A 39 -8.95 13.54 -4.55
C HIS A 39 -9.35 14.13 -5.87
N GLY A 40 -10.55 14.64 -5.93
CA GLY A 40 -11.04 15.31 -7.11
C GLY A 40 -11.41 14.35 -8.22
N SER A 41 -10.43 13.96 -8.99
CA SER A 41 -10.63 13.10 -10.11
C SER A 41 -9.88 11.80 -9.86
N ASP A 42 -10.21 10.76 -10.63
CA ASP A 42 -9.55 9.48 -10.47
C ASP A 42 -8.17 9.49 -11.11
N LYS A 43 -7.27 10.10 -10.41
CA LYS A 43 -5.91 10.23 -10.81
C LYS A 43 -5.11 9.01 -10.36
N PRO A 44 -4.00 8.69 -11.05
CA PRO A 44 -3.15 7.55 -10.70
C PRO A 44 -2.54 7.70 -9.30
N LEU A 45 -2.31 6.57 -8.65
CA LEU A 45 -1.73 6.57 -7.33
C LEU A 45 -0.30 7.06 -7.44
N GLY A 46 0.14 7.82 -6.45
CA GLY A 46 1.45 8.43 -6.54
C GLY A 46 2.62 7.56 -6.19
N PHE A 47 2.56 6.34 -6.58
CA PHE A 47 3.66 5.45 -6.46
C PHE A 47 3.58 4.41 -7.55
N TYR A 48 4.70 3.99 -8.02
CA TYR A 48 4.79 2.95 -9.02
C TYR A 48 5.41 1.77 -8.37
N ILE A 49 5.23 0.61 -8.91
CA ILE A 49 5.86 -0.57 -8.37
C ILE A 49 6.72 -1.27 -9.38
N ARG A 50 7.55 -2.09 -8.89
CA ARG A 50 8.49 -2.84 -9.68
C ARG A 50 8.62 -4.22 -9.14
N ASP A 51 9.23 -5.04 -9.89
CA ASP A 51 9.40 -6.40 -9.50
C ASP A 51 10.86 -6.62 -9.21
N GLY A 52 11.14 -7.44 -8.27
CA GLY A 52 12.48 -7.74 -7.92
C GLY A 52 12.51 -8.93 -7.04
N THR A 53 13.61 -9.17 -6.42
CA THR A 53 13.70 -10.27 -5.54
C THR A 53 13.88 -9.76 -4.12
N SER A 54 13.04 -10.22 -3.24
CA SER A 54 13.10 -9.83 -1.88
C SER A 54 13.70 -10.96 -1.08
N VAL A 55 14.58 -10.61 -0.18
CA VAL A 55 15.23 -11.57 0.65
C VAL A 55 14.58 -11.60 2.02
N ARG A 56 14.02 -12.72 2.36
CA ARG A 56 13.36 -12.89 3.60
C ARG A 56 14.13 -13.90 4.42
N VAL A 57 14.38 -13.59 5.65
CA VAL A 57 15.05 -14.54 6.50
C VAL A 57 13.99 -15.24 7.35
N THR A 58 13.82 -16.51 7.11
CA THR A 58 12.85 -17.29 7.81
C THR A 58 13.56 -18.36 8.63
N ALA A 59 12.79 -19.25 9.26
CA ALA A 59 13.36 -20.35 10.02
C ALA A 59 14.01 -21.34 9.07
N SER A 60 13.58 -21.30 7.82
CA SER A 60 14.14 -22.12 6.78
C SER A 60 15.43 -21.48 6.25
N GLY A 61 15.65 -20.25 6.63
CA GLY A 61 16.84 -19.55 6.24
C GLY A 61 16.54 -18.38 5.36
N LEU A 62 17.54 -17.87 4.71
CA LEU A 62 17.36 -16.76 3.80
C LEU A 62 16.66 -17.26 2.54
N GLU A 63 15.60 -16.65 2.18
CA GLU A 63 14.92 -17.02 1.01
C GLU A 63 14.66 -15.82 0.15
N LYS A 64 15.11 -15.91 -1.05
CA LYS A 64 14.93 -14.85 -1.98
C LYS A 64 13.82 -15.24 -2.95
N GLN A 65 12.85 -14.39 -3.09
CA GLN A 65 11.70 -14.68 -3.92
C GLN A 65 11.17 -13.39 -4.55
N PRO A 66 10.39 -13.50 -5.66
CA PRO A 66 9.82 -12.33 -6.34
C PRO A 66 9.00 -11.45 -5.41
N GLY A 67 9.41 -10.23 -5.28
CA GLY A 67 8.75 -9.31 -4.43
C GLY A 67 8.44 -8.05 -5.18
N ILE A 68 7.36 -7.42 -4.83
CA ILE A 68 6.95 -6.21 -5.48
C ILE A 68 7.44 -5.03 -4.64
N PHE A 69 8.30 -4.23 -5.21
CA PHE A 69 8.87 -3.09 -4.51
C PHE A 69 8.32 -1.85 -5.13
N ILE A 70 8.48 -0.76 -4.45
CA ILE A 70 8.08 0.50 -4.98
C ILE A 70 9.14 0.96 -6.01
N SER A 71 8.68 1.39 -7.13
CA SER A 71 9.56 1.80 -8.20
C SER A 71 9.97 3.27 -8.03
N ARG A 72 9.00 4.16 -8.05
CA ARG A 72 9.25 5.58 -8.00
C ARG A 72 7.99 6.28 -7.52
N LEU A 73 8.13 7.44 -6.94
CA LEU A 73 7.00 8.19 -6.45
C LEU A 73 6.80 9.42 -7.29
N VAL A 74 5.56 9.80 -7.49
CA VAL A 74 5.26 11.01 -8.22
C VAL A 74 5.31 12.19 -7.23
N PRO A 75 5.84 13.35 -7.64
CA PRO A 75 5.85 14.52 -6.77
C PRO A 75 4.43 14.93 -6.41
N GLY A 76 4.15 15.01 -5.14
CA GLY A 76 2.81 15.35 -4.70
C GLY A 76 1.92 14.12 -4.59
N GLY A 77 2.51 12.95 -4.79
CA GLY A 77 1.78 11.72 -4.68
C GLY A 77 1.55 11.33 -3.26
N LEU A 78 0.61 10.41 -3.02
CA LEU A 78 0.22 9.97 -1.69
C LEU A 78 1.43 9.60 -0.82
N ALA A 79 2.29 8.78 -1.33
CA ALA A 79 3.43 8.30 -0.57
C ALA A 79 4.50 9.37 -0.42
N GLU A 80 4.64 10.16 -1.46
CA GLU A 80 5.65 11.20 -1.52
C GLU A 80 5.26 12.34 -0.56
N SER A 81 3.98 12.66 -0.54
CA SER A 81 3.46 13.72 0.28
C SER A 81 3.44 13.30 1.76
N THR A 82 3.10 12.04 2.04
CA THR A 82 3.00 11.59 3.41
C THR A 82 4.36 11.28 4.02
N GLY A 83 5.29 10.77 3.20
CA GLY A 83 6.60 10.37 3.69
C GLY A 83 6.49 9.16 4.62
N LEU A 84 5.37 8.47 4.52
CA LEU A 84 5.08 7.32 5.37
C LEU A 84 5.69 6.05 4.82
N LEU A 85 6.00 6.05 3.56
CA LEU A 85 6.64 4.93 2.91
C LEU A 85 7.53 5.41 1.77
N ALA A 86 8.63 4.73 1.57
CA ALA A 86 9.61 5.15 0.58
C ALA A 86 9.76 4.13 -0.53
N VAL A 87 10.39 4.56 -1.63
CA VAL A 87 10.60 3.73 -2.84
C VAL A 87 11.23 2.36 -2.57
N ASN A 88 12.05 2.23 -1.57
CA ASN A 88 12.71 0.96 -1.31
C ASN A 88 11.79 -0.04 -0.67
N ASP A 89 10.77 0.45 0.02
CA ASP A 89 9.85 -0.41 0.74
C ASP A 89 9.11 -1.32 -0.19
N GLU A 90 8.84 -2.50 0.30
CA GLU A 90 8.20 -3.50 -0.47
C GLU A 90 6.72 -3.59 -0.08
N VAL A 91 5.87 -3.72 -1.06
CA VAL A 91 4.46 -3.76 -0.80
C VAL A 91 4.06 -5.20 -0.46
N ILE A 92 3.13 -5.35 0.45
CA ILE A 92 2.71 -6.67 0.87
C ILE A 92 1.32 -6.99 0.35
N GLU A 93 0.39 -6.10 0.64
CA GLU A 93 -1.00 -6.29 0.30
C GLU A 93 -1.65 -5.01 -0.04
N VAL A 94 -2.62 -5.09 -0.89
CA VAL A 94 -3.47 -4.00 -1.18
C VAL A 94 -4.88 -4.38 -0.70
N ASN A 95 -5.31 -3.74 0.38
CA ASN A 95 -6.54 -4.09 1.14
C ASN A 95 -6.35 -5.42 1.85
N GLY A 96 -6.45 -6.48 1.10
CA GLY A 96 -6.27 -7.81 1.62
C GLY A 96 -5.78 -8.72 0.52
N ILE A 97 -5.38 -8.11 -0.56
CA ILE A 97 -4.92 -8.82 -1.72
C ILE A 97 -3.41 -8.86 -1.68
N GLU A 98 -2.87 -10.03 -1.48
CA GLU A 98 -1.45 -10.19 -1.44
C GLU A 98 -0.90 -9.97 -2.84
N VAL A 99 0.11 -9.15 -2.95
CA VAL A 99 0.69 -8.81 -4.24
C VAL A 99 1.47 -9.97 -4.85
N ALA A 100 1.90 -10.89 -4.01
CA ALA A 100 2.66 -12.03 -4.43
C ALA A 100 1.80 -12.95 -5.27
N GLY A 101 2.28 -13.30 -6.43
CA GLY A 101 1.55 -14.16 -7.32
C GLY A 101 0.81 -13.38 -8.36
N LYS A 102 0.81 -12.07 -8.21
CA LYS A 102 0.13 -11.20 -9.13
C LYS A 102 1.12 -10.46 -9.98
N THR A 103 0.67 -9.96 -11.09
CA THR A 103 1.52 -9.16 -11.93
C THR A 103 1.42 -7.73 -11.50
N LEU A 104 2.30 -6.93 -11.99
CA LEU A 104 2.26 -5.52 -11.69
C LEU A 104 1.07 -4.89 -12.37
N ASP A 105 0.68 -5.47 -13.49
CA ASP A 105 -0.52 -5.05 -14.21
C ASP A 105 -1.74 -5.31 -13.35
N GLN A 106 -1.73 -6.44 -12.67
CA GLN A 106 -2.81 -6.78 -11.76
C GLN A 106 -2.76 -5.95 -10.49
N VAL A 107 -1.58 -5.79 -9.92
CA VAL A 107 -1.45 -5.03 -8.69
C VAL A 107 -1.81 -3.56 -8.92
N THR A 108 -1.32 -2.95 -10.00
CA THR A 108 -1.72 -1.59 -10.35
C THR A 108 -3.24 -1.51 -10.54
N ASP A 109 -3.77 -2.44 -11.33
CA ASP A 109 -5.20 -2.52 -11.63
C ASP A 109 -6.02 -2.60 -10.36
N MET A 110 -5.61 -3.45 -9.44
CA MET A 110 -6.34 -3.65 -8.18
C MET A 110 -6.39 -2.34 -7.40
N MET A 111 -5.27 -1.65 -7.39
CA MET A 111 -5.16 -0.41 -6.67
C MET A 111 -5.94 0.70 -7.31
N VAL A 112 -5.91 0.77 -8.61
CA VAL A 112 -6.68 1.78 -9.31
C VAL A 112 -8.19 1.45 -9.20
N ALA A 113 -8.48 0.16 -9.16
CA ALA A 113 -9.86 -0.34 -9.02
C ALA A 113 -10.50 0.21 -7.76
N ASN A 114 -9.72 0.22 -6.70
CA ASN A 114 -10.17 0.67 -5.40
C ASN A 114 -9.64 2.04 -5.03
N SER A 115 -9.22 2.83 -6.03
CA SER A 115 -8.61 4.16 -5.76
C SER A 115 -9.49 5.15 -4.96
N SER A 116 -10.79 4.89 -4.88
CA SER A 116 -11.65 5.75 -4.09
C SER A 116 -11.29 5.65 -2.61
N ASN A 117 -11.09 4.43 -2.14
CA ASN A 117 -10.72 4.16 -0.76
C ASN A 117 -9.91 2.88 -0.75
N LEU A 118 -8.62 3.02 -0.74
CA LEU A 118 -7.72 1.88 -0.85
C LEU A 118 -6.74 1.84 0.29
N ILE A 119 -6.55 0.67 0.84
CA ILE A 119 -5.58 0.46 1.87
C ILE A 119 -4.32 -0.15 1.26
N ILE A 120 -3.20 0.49 1.39
CA ILE A 120 -1.97 -0.04 0.86
C ILE A 120 -1.13 -0.53 2.03
N THR A 121 -0.82 -1.81 2.03
CA THR A 121 -0.04 -2.41 3.08
C THR A 121 1.36 -2.69 2.58
N VAL A 122 2.32 -2.07 3.19
CA VAL A 122 3.70 -2.26 2.83
C VAL A 122 4.46 -2.66 4.06
N LYS A 123 5.66 -3.07 3.88
CA LYS A 123 6.53 -3.28 4.99
C LYS A 123 7.82 -2.57 4.70
N PRO A 124 8.46 -1.98 5.71
CA PRO A 124 9.75 -1.38 5.51
C PRO A 124 10.72 -2.45 5.04
N ALA A 125 11.49 -2.14 4.05
CA ALA A 125 12.43 -3.11 3.52
C ALA A 125 13.76 -3.02 4.23
N ASN A 126 13.83 -2.08 5.17
CA ASN A 126 15.06 -1.73 5.88
C ASN A 126 16.05 -1.25 4.84
N GLN A 127 15.85 -0.02 4.44
CA GLN A 127 16.55 0.59 3.33
C GLN A 127 18.04 0.47 3.46
N ARG A 128 18.60 -0.27 2.54
CA ARG A 128 20.01 -0.55 2.52
C ARG A 128 20.69 0.20 1.38
#